data_9OO1
#
_entry.id   9OO1
#
_cell.length_a   1.00
_cell.length_b   1.00
_cell.length_c   1.00
_cell.angle_alpha   90.00
_cell.angle_beta   90.00
_cell.angle_gamma   90.00
#
_symmetry.space_group_name_H-M   'P 1'
#
loop_
_entity.id
_entity.type
_entity.pdbx_description
1 polymer 'Hemagglutinin HA1'
2 polymer 'Hemagglutinin HA2'
3 branched beta-D-mannopyranose-(1-4)-2-acetamido-2-deoxy-beta-D-glucopyranose-(1-4)-2-acetamido-2-deoxy-beta-D-glucopyranose
4 non-polymer 2-acetamido-2-deoxy-beta-D-glucopyranose
5 non-polymer (2M,4S)-2-(2-chloropyridin-4-yl)-N-cyclohexyl-5,7-dimethylimidazo[1,2-a]pyrimidin-3-amine
#
loop_
_entity_poly.entity_id
_entity_poly.type
_entity_poly.pdbx_seq_one_letter_code
_entity_poly.pdbx_strand_id
1 'polypeptide(L)'
;MNTQILVFALIAIIPTNADKICLGHHAVSNGTKVNTLCERGVEVVNATETVERTNIPRICSKGKRTVDLGQCGLLGTITG
PPQCDQFLEFSADLIIERREGSDVCYPGKFVNEEALRQILRESGGIDKEAMGFTYSGIRTNGATSSCRRSGSSFYAEMKW
LLSNTDNAAFPQMTKSYKNTRKNPALIVWGIHHSGSTAEQTKLYGSGNKLVTVGSSNYQQSFVPSPGARTQVNGQSGRID
FHWLMLNPNDTVTFSFNGAFIAPDRASFLRGKSMGIQSGVQVDADCEGDCYYSGGTIISNLPFQNIDSRAVGKCPRYVKQ
RSLLLATGMKNVPEIPKG
;
A,B,C
2 'polypeptide(L)'
;GLFGAIAGFIENGWEGLIDGWYGFRHQNAQGEGTAADYKSTQSAIDCITGKLNRLIEKTNQQFELIDNEFTEVEKQIGNV
INWTRDSITEVWSYNAELLVAMENQHTIDLADSEMDKLYERVKRQLRENAEEDGTGCFEIFHKCDDDCMASIRNNTYDHS
KYREEAMQNRIQ
;
D,E,F
#
loop_
_chem_comp.id
_chem_comp.type
_chem_comp.name
_chem_comp.formula
A1CC3 non-polymer (2M,4S)-2-(2-chloropyridin-4-yl)-N-cyclohexyl-5,7-dimethylimidazo[1,2-a]pyrimidin-3-amine 'C19 H22 Cl N5'
BMA D-saccharide, beta linking beta-D-mannopyranose 'C6 H12 O6'
NAG D-saccharide, beta linking 2-acetamido-2-deoxy-beta-D-glucopyranose 'C8 H15 N O6'
#
# COMPACT_ATOMS: atom_id res chain seq x y z
N ALA A 18 36.10 57.40 -17.08
CA ALA A 18 36.69 56.32 -16.32
C ALA A 18 35.79 55.93 -15.15
N ASP A 19 34.54 55.59 -15.46
CA ASP A 19 33.55 55.21 -14.45
C ASP A 19 33.18 53.75 -14.65
N LYS A 20 32.78 53.09 -13.57
CA LYS A 20 32.54 51.66 -13.58
C LYS A 20 31.38 51.32 -12.64
N ILE A 21 30.55 50.37 -13.06
CA ILE A 21 29.47 49.84 -12.24
C ILE A 21 29.55 48.32 -12.26
N CYS A 22 29.06 47.69 -11.20
CA CYS A 22 29.18 46.25 -11.05
C CYS A 22 27.94 45.68 -10.39
N LEU A 23 27.77 44.37 -10.50
CA LEU A 23 26.64 43.65 -9.93
C LEU A 23 27.15 42.45 -9.13
N GLY A 24 26.38 42.06 -8.11
CA GLY A 24 26.78 40.96 -7.26
C GLY A 24 25.65 40.49 -6.38
N HIS A 25 25.95 39.50 -5.55
CA HIS A 25 24.99 38.92 -4.62
C HIS A 25 25.65 38.76 -3.26
N HIS A 26 24.85 38.37 -2.27
CA HIS A 26 25.31 38.26 -0.90
C HIS A 26 25.84 36.86 -0.59
N ALA A 27 26.51 36.74 0.55
CA ALA A 27 27.08 35.47 0.98
C ALA A 27 27.22 35.49 2.50
N VAL A 28 27.47 34.31 3.07
CA VAL A 28 27.60 34.15 4.51
C VAL A 28 28.85 33.32 4.80
N SER A 29 29.31 33.40 6.04
CA SER A 29 30.57 32.77 6.42
C SER A 29 30.48 31.25 6.39
N ASN A 30 29.41 30.69 6.95
CA ASN A 30 29.22 29.24 7.01
C ASN A 30 27.79 28.89 6.68
N GLY A 31 27.61 27.85 5.87
CA GLY A 31 26.29 27.46 5.44
C GLY A 31 25.87 26.07 5.89
N THR A 32 24.88 25.48 5.21
CA THR A 32 24.36 24.17 5.54
C THR A 32 24.41 23.27 4.32
N LYS A 33 24.59 21.98 4.55
CA LYS A 33 24.76 21.01 3.46
C LYS A 33 23.45 20.27 3.20
N VAL A 34 23.07 20.21 1.93
CA VAL A 34 21.83 19.53 1.50
C VAL A 34 22.16 18.63 0.32
N ASN A 35 21.16 17.86 -0.09
CA ASN A 35 21.29 16.89 -1.18
C ASN A 35 20.42 17.30 -2.35
N THR A 36 20.97 17.19 -3.56
CA THR A 36 20.26 17.53 -4.78
C THR A 36 20.12 16.29 -5.67
N LEU A 37 19.65 16.48 -6.89
CA LEU A 37 19.42 15.37 -7.80
C LEU A 37 20.70 14.74 -8.30
N CYS A 38 21.80 15.49 -8.34
CA CYS A 38 23.03 14.97 -8.93
C CYS A 38 24.26 15.21 -8.07
N GLU A 39 24.09 15.45 -6.76
CA GLU A 39 25.22 15.64 -5.87
C GLU A 39 24.73 15.50 -4.44
N ARG A 40 25.67 15.21 -3.53
CA ARG A 40 25.39 15.12 -2.11
C ARG A 40 26.36 16.01 -1.37
N GLY A 41 25.83 16.93 -0.56
CA GLY A 41 26.64 17.83 0.22
C GLY A 41 26.84 19.21 -0.36
N VAL A 42 25.83 19.78 -1.02
CA VAL A 42 25.93 21.12 -1.57
C VAL A 42 25.66 22.13 -0.46
N GLU A 43 26.43 23.22 -0.44
CA GLU A 43 26.36 24.20 0.63
C GLU A 43 25.48 25.37 0.23
N VAL A 44 24.57 25.75 1.14
CA VAL A 44 23.62 26.83 0.94
C VAL A 44 23.60 27.73 2.17
N VAL A 45 22.80 28.82 2.08
CA VAL A 45 22.78 29.80 3.16
C VAL A 45 21.82 29.38 4.27
N ASN A 46 20.62 28.93 3.91
CA ASN A 46 19.70 28.28 4.84
C ASN A 46 19.21 26.92 4.38
N ALA A 47 18.70 26.20 5.36
CA ALA A 47 17.90 24.98 5.21
C ALA A 47 17.09 24.82 6.48
N THR A 48 16.00 24.07 6.36
CA THR A 48 15.11 23.77 7.48
C THR A 48 14.90 22.26 7.55
N GLU A 49 14.26 21.83 8.62
CA GLU A 49 14.04 20.41 8.89
C GLU A 49 12.60 20.01 8.61
N THR A 50 12.42 18.79 8.12
CA THR A 50 11.11 18.28 7.75
C THR A 50 10.74 16.98 8.46
N VAL A 51 11.48 16.57 9.49
CA VAL A 51 11.21 15.34 10.23
C VAL A 51 11.20 15.68 11.71
N GLU A 52 10.17 15.20 12.42
CA GLU A 52 10.00 15.49 13.83
C GLU A 52 10.65 14.41 14.70
N ARG A 53 11.28 14.84 15.80
CA ARG A 53 11.98 13.91 16.68
C ARG A 53 11.75 14.17 18.16
N THR A 54 10.87 15.09 18.53
CA THR A 54 10.65 15.44 19.92
C THR A 54 9.19 15.22 20.31
N ASN A 55 8.95 14.94 21.59
CA ASN A 55 7.62 14.67 22.09
C ASN A 55 7.48 15.26 23.49
N ILE A 56 6.30 15.10 24.07
CA ILE A 56 6.01 15.53 25.43
C ILE A 56 5.69 14.27 26.24
N PRO A 57 6.37 14.03 27.35
CA PRO A 57 6.20 12.78 28.12
C PRO A 57 4.97 12.78 29.03
N ARG A 58 3.83 13.20 28.50
CA ARG A 58 2.59 13.22 29.26
C ARG A 58 1.43 13.03 28.29
N ILE A 59 0.28 12.62 28.82
CA ILE A 59 -0.95 12.50 28.05
C ILE A 59 -1.67 13.84 28.15
N CYS A 60 -1.56 14.65 27.10
CA CYS A 60 -2.16 15.98 27.08
C CYS A 60 -3.61 15.87 26.64
N SER A 61 -4.53 16.33 27.48
CA SER A 61 -5.96 16.20 27.21
C SER A 61 -6.69 17.36 27.88
N LYS A 62 -7.12 18.33 27.09
CA LYS A 62 -7.94 19.43 27.57
C LYS A 62 -9.09 19.64 26.60
N GLY A 63 -10.28 19.90 27.15
CA GLY A 63 -11.47 20.02 26.36
C GLY A 63 -12.20 18.71 26.07
N LYS A 64 -11.74 17.60 26.64
CA LYS A 64 -12.40 16.32 26.47
C LYS A 64 -12.49 15.62 27.82
N ARG A 65 -13.48 14.75 27.95
CA ARG A 65 -13.70 14.00 29.18
C ARG A 65 -12.89 12.70 29.13
N THR A 66 -12.04 12.50 30.13
CA THR A 66 -11.16 11.34 30.18
C THR A 66 -11.51 10.46 31.37
N VAL A 67 -11.44 9.15 31.15
CA VAL A 67 -11.62 8.16 32.21
C VAL A 67 -10.34 7.33 32.27
N ASP A 68 -9.75 7.25 33.47
CA ASP A 68 -8.49 6.57 33.68
C ASP A 68 -8.76 5.31 34.50
N LEU A 69 -8.98 4.20 33.82
CA LEU A 69 -9.15 2.93 34.49
C LEU A 69 -7.85 2.52 35.19
N GLY A 70 -7.97 2.06 36.42
CA GLY A 70 -6.80 1.67 37.17
C GLY A 70 -6.57 0.18 37.14
N GLN A 71 -6.91 -0.51 38.24
CA GLN A 71 -6.83 -1.96 38.28
C GLN A 71 -7.93 -2.63 37.48
N CYS A 72 -8.93 -1.88 37.02
CA CYS A 72 -10.05 -2.46 36.30
C CYS A 72 -9.70 -2.70 34.84
N GLY A 73 -10.06 -3.87 34.34
CA GLY A 73 -9.95 -4.15 32.93
C GLY A 73 -11.14 -3.65 32.15
N LEU A 74 -10.95 -3.47 30.84
CA LEU A 74 -12.02 -2.93 30.01
C LEU A 74 -13.22 -3.87 29.96
N LEU A 75 -12.97 -5.18 29.88
CA LEU A 75 -14.07 -6.13 29.79
C LEU A 75 -14.76 -6.37 31.12
N GLY A 76 -14.14 -5.95 32.24
CA GLY A 76 -14.76 -6.17 33.53
C GLY A 76 -15.99 -5.31 33.77
N THR A 77 -16.06 -4.15 33.11
CA THR A 77 -17.17 -3.23 33.34
C THR A 77 -18.51 -3.82 32.93
N ILE A 78 -18.50 -4.90 32.16
CA ILE A 78 -19.76 -5.56 31.80
C ILE A 78 -20.19 -6.53 32.89
N THR A 79 -19.25 -7.17 33.58
CA THR A 79 -19.59 -8.17 34.59
C THR A 79 -19.54 -7.63 36.01
N GLY A 80 -18.57 -6.77 36.31
CA GLY A 80 -18.52 -6.09 37.59
C GLY A 80 -17.83 -6.83 38.72
N PRO A 81 -16.56 -7.16 38.57
CA PRO A 81 -15.79 -7.67 39.70
C PRO A 81 -15.58 -6.58 40.74
N PRO A 82 -15.18 -6.94 41.97
CA PRO A 82 -15.14 -5.93 43.04
C PRO A 82 -14.15 -4.80 42.81
N GLN A 83 -13.31 -4.90 41.80
CA GLN A 83 -12.35 -3.85 41.46
C GLN A 83 -12.88 -2.89 40.41
N CYS A 84 -14.09 -3.07 39.93
CA CYS A 84 -14.70 -2.23 38.90
C CYS A 84 -16.04 -1.68 39.38
N ASP A 85 -16.15 -1.39 40.68
CA ASP A 85 -17.42 -0.97 41.24
C ASP A 85 -17.81 0.45 40.87
N GLN A 86 -16.84 1.31 40.57
CA GLN A 86 -17.12 2.71 40.27
C GLN A 86 -17.17 3.01 38.78
N PHE A 87 -17.03 1.99 37.92
CA PHE A 87 -17.06 2.19 36.48
C PHE A 87 -18.19 1.40 35.82
N LEU A 88 -19.28 1.17 36.56
CA LEU A 88 -20.38 0.38 35.99
C LEU A 88 -21.12 1.14 34.90
N GLU A 89 -21.28 2.45 35.05
CA GLU A 89 -21.91 3.29 34.02
C GLU A 89 -21.07 4.56 33.91
N PHE A 90 -20.21 4.63 32.90
CA PHE A 90 -19.30 5.75 32.72
C PHE A 90 -19.53 6.40 31.37
N SER A 91 -19.13 7.68 31.27
CA SER A 91 -19.19 8.43 30.04
C SER A 91 -17.86 9.14 29.83
N ALA A 92 -17.29 9.03 28.64
CA ALA A 92 -15.98 9.60 28.39
C ALA A 92 -15.78 9.79 26.89
N ASP A 93 -14.79 10.63 26.56
CA ASP A 93 -14.32 10.78 25.19
C ASP A 93 -12.96 10.17 24.94
N LEU A 94 -12.18 9.92 25.99
CA LEU A 94 -10.88 9.28 25.90
C LEU A 94 -10.77 8.24 26.99
N ILE A 95 -10.36 7.03 26.63
CA ILE A 95 -10.27 5.91 27.55
C ILE A 95 -8.82 5.42 27.58
N ILE A 96 -8.28 5.25 28.78
CA ILE A 96 -6.89 4.86 28.98
C ILE A 96 -6.86 3.56 29.77
N GLU A 97 -6.09 2.59 29.28
CA GLU A 97 -5.93 1.30 29.94
C GLU A 97 -4.49 1.15 30.41
N ARG A 98 -4.33 0.56 31.60
CA ARG A 98 -3.03 0.36 32.20
C ARG A 98 -2.65 -1.12 32.14
N ARG A 99 -1.37 -1.39 32.43
CA ARG A 99 -0.84 -2.75 32.30
C ARG A 99 -1.29 -3.68 33.41
N GLU A 100 -1.65 -3.16 34.57
CA GLU A 100 -2.00 -4.00 35.72
C GLU A 100 -3.48 -4.31 35.80
N GLY A 101 -4.26 -3.94 34.79
CA GLY A 101 -5.69 -4.17 34.85
C GLY A 101 -6.03 -5.65 34.70
N SER A 102 -7.03 -6.08 35.48
CA SER A 102 -7.56 -7.44 35.42
C SER A 102 -9.07 -7.38 35.43
N ASP A 103 -9.71 -8.39 34.83
CA ASP A 103 -11.15 -8.39 34.67
C ASP A 103 -11.80 -9.68 35.18
N VAL A 104 -11.15 -10.39 36.10
CA VAL A 104 -11.71 -11.62 36.66
C VAL A 104 -11.41 -11.67 38.15
N CYS A 105 -12.39 -12.12 38.93
CA CYS A 105 -12.18 -12.45 40.34
C CYS A 105 -12.20 -13.95 40.61
N TYR A 106 -12.86 -14.72 39.75
CA TYR A 106 -12.86 -16.17 39.73
C TYR A 106 -12.21 -16.65 38.43
N PRO A 107 -11.39 -17.70 38.47
CA PRO A 107 -10.62 -18.07 37.28
C PRO A 107 -11.52 -18.33 36.07
N GLY A 108 -11.09 -17.84 34.92
CA GLY A 108 -11.85 -17.98 33.71
C GLY A 108 -11.36 -17.01 32.65
N LYS A 109 -12.05 -17.02 31.52
CA LYS A 109 -11.67 -16.15 30.41
C LYS A 109 -12.87 -15.95 29.50
N PHE A 110 -12.79 -14.90 28.69
CA PHE A 110 -13.80 -14.62 27.69
C PHE A 110 -13.53 -15.40 26.41
N VAL A 111 -14.53 -15.43 25.53
CA VAL A 111 -14.44 -16.06 24.22
C VAL A 111 -14.62 -14.98 23.16
N ASN A 112 -13.70 -14.93 22.20
CA ASN A 112 -13.71 -13.91 21.15
C ASN A 112 -13.56 -12.51 21.76
N GLU A 113 -12.48 -12.35 22.53
CA GLU A 113 -12.30 -11.15 23.34
C GLU A 113 -11.86 -9.94 22.53
N GLU A 114 -11.05 -10.14 21.48
CA GLU A 114 -10.49 -8.99 20.76
C GLU A 114 -11.58 -8.19 20.06
N ALA A 115 -12.57 -8.87 19.46
CA ALA A 115 -13.67 -8.16 18.82
C ALA A 115 -14.46 -7.35 19.83
N LEU A 116 -14.74 -7.92 21.00
CA LEU A 116 -15.47 -7.20 22.03
C LEU A 116 -14.68 -5.99 22.51
N ARG A 117 -13.36 -6.14 22.68
CA ARG A 117 -12.54 -5.01 23.08
C ARG A 117 -12.57 -3.90 22.04
N GLN A 118 -12.48 -4.27 20.76
CA GLN A 118 -12.53 -3.26 19.70
C GLN A 118 -13.88 -2.56 19.66
N ILE A 119 -14.97 -3.31 19.94
CA ILE A 119 -16.29 -2.70 20.01
C ILE A 119 -16.36 -1.71 21.15
N LEU A 120 -15.87 -2.10 22.33
CA LEU A 120 -16.03 -1.28 23.52
C LEU A 120 -15.11 -0.07 23.54
N ARG A 121 -13.97 -0.13 22.84
CA ARG A 121 -13.02 0.97 22.87
C ARG A 121 -13.61 2.25 22.30
N GLU A 122 -14.53 2.14 21.34
CA GLU A 122 -15.13 3.29 20.68
C GLU A 122 -16.57 3.53 21.09
N SER A 123 -17.07 2.80 22.09
CA SER A 123 -18.48 2.93 22.47
C SER A 123 -18.79 4.32 23.00
N GLY A 124 -17.90 4.89 23.80
CA GLY A 124 -18.15 6.16 24.44
C GLY A 124 -18.92 6.07 25.75
N GLY A 125 -19.11 4.87 26.28
CA GLY A 125 -19.85 4.67 27.51
C GLY A 125 -20.85 3.55 27.38
N ILE A 126 -21.44 3.20 28.53
CA ILE A 126 -22.46 2.16 28.59
C ILE A 126 -23.59 2.61 29.50
N ASP A 127 -24.76 2.02 29.29
CA ASP A 127 -25.94 2.26 30.11
C ASP A 127 -26.60 0.92 30.41
N LYS A 128 -27.05 0.74 31.64
CA LYS A 128 -27.57 -0.55 32.11
C LYS A 128 -29.09 -0.49 32.26
N GLU A 129 -29.75 -1.59 31.90
CA GLU A 129 -31.19 -1.71 32.05
C GLU A 129 -31.53 -3.11 32.56
N ALA A 130 -32.47 -3.17 33.49
CA ALA A 130 -32.83 -4.43 34.13
C ALA A 130 -33.56 -5.34 33.14
N MET A 131 -33.54 -6.64 33.44
CA MET A 131 -34.16 -7.67 32.61
C MET A 131 -35.49 -8.16 33.16
N GLY A 132 -35.55 -8.48 34.45
CA GLY A 132 -36.79 -8.86 35.08
C GLY A 132 -37.03 -10.34 35.26
N PHE A 133 -36.00 -11.17 35.20
CA PHE A 133 -36.17 -12.60 35.42
C PHE A 133 -36.51 -12.88 36.88
N THR A 134 -37.32 -13.92 37.09
CA THR A 134 -37.67 -14.37 38.43
C THR A 134 -37.62 -15.89 38.47
N TYR A 135 -37.25 -16.43 39.63
CA TYR A 135 -37.05 -17.86 39.78
C TYR A 135 -37.82 -18.37 40.99
N SER A 136 -38.23 -19.63 40.93
CA SER A 136 -38.99 -20.27 41.99
C SER A 136 -38.39 -21.63 42.31
N GLY A 137 -38.28 -21.93 43.59
CA GLY A 137 -37.77 -23.22 44.04
C GLY A 137 -36.28 -23.26 44.29
N ILE A 138 -35.48 -23.05 43.24
CA ILE A 138 -34.03 -23.14 43.34
C ILE A 138 -33.46 -21.99 44.15
N ARG A 139 -32.19 -22.09 44.51
CA ARG A 139 -31.49 -21.04 45.24
C ARG A 139 -30.84 -20.06 44.27
N THR A 140 -30.43 -18.91 44.80
CA THR A 140 -29.85 -17.86 43.96
C THR A 140 -28.61 -17.21 44.55
N ASN A 141 -28.28 -17.41 45.83
CA ASN A 141 -27.25 -16.64 46.51
C ASN A 141 -25.92 -17.37 46.57
N GLY A 142 -25.54 -18.08 45.51
CA GLY A 142 -24.23 -18.71 45.45
C GLY A 142 -23.10 -17.71 45.56
N ALA A 143 -22.13 -17.98 46.43
CA ALA A 143 -21.03 -17.06 46.66
C ALA A 143 -19.73 -17.84 46.82
N THR A 144 -18.62 -17.16 46.57
CA THR A 144 -17.29 -17.75 46.68
C THR A 144 -16.39 -16.82 47.47
N SER A 145 -15.28 -17.37 47.96
CA SER A 145 -14.32 -16.64 48.78
C SER A 145 -13.25 -15.93 47.95
N SER A 146 -13.24 -16.11 46.63
CA SER A 146 -12.24 -15.47 45.79
C SER A 146 -12.63 -14.07 45.33
N CYS A 147 -13.88 -13.66 45.57
CA CYS A 147 -14.36 -12.31 45.24
C CYS A 147 -14.94 -11.74 46.53
N ARG A 148 -14.12 -11.00 47.26
CA ARG A 148 -14.49 -10.51 48.59
C ARG A 148 -14.76 -9.02 48.55
N ARG A 149 -15.92 -8.62 49.06
CA ARG A 149 -16.25 -7.23 49.30
C ARG A 149 -16.21 -6.91 50.79
N SER A 150 -17.01 -7.62 51.58
CA SER A 150 -16.93 -7.59 53.04
C SER A 150 -17.09 -8.99 53.60
N GLY A 151 -16.70 -10.00 52.83
CA GLY A 151 -16.93 -11.39 53.17
C GLY A 151 -16.76 -12.25 51.93
N SER A 152 -17.75 -13.09 51.64
CA SER A 152 -17.78 -13.87 50.41
C SER A 152 -18.89 -13.35 49.52
N SER A 153 -18.56 -13.05 48.26
CA SER A 153 -19.52 -12.48 47.33
C SER A 153 -19.23 -12.98 45.93
N PHE A 154 -19.94 -12.42 44.95
CA PHE A 154 -19.83 -12.82 43.55
C PHE A 154 -19.81 -11.61 42.65
N TYR A 155 -19.97 -11.81 41.35
CA TYR A 155 -20.06 -10.69 40.42
C TYR A 155 -21.30 -9.86 40.72
N ALA A 156 -21.21 -8.56 40.44
CA ALA A 156 -22.27 -7.63 40.82
C ALA A 156 -23.45 -7.63 39.85
N GLU A 157 -23.32 -8.23 38.68
CA GLU A 157 -24.37 -8.15 37.67
C GLU A 157 -24.82 -9.52 37.16
N MET A 158 -24.43 -10.61 37.82
CA MET A 158 -24.85 -11.94 37.41
C MET A 158 -25.18 -12.76 38.65
N LYS A 159 -25.94 -13.84 38.45
CA LYS A 159 -26.43 -14.67 39.53
C LYS A 159 -26.01 -16.11 39.32
N TRP A 160 -25.64 -16.78 40.42
CA TRP A 160 -25.19 -18.17 40.41
C TRP A 160 -26.32 -19.03 40.97
N LEU A 161 -26.96 -19.82 40.11
CA LEU A 161 -28.11 -20.62 40.51
C LEU A 161 -27.66 -21.99 41.00
N LEU A 162 -27.83 -22.22 42.29
CA LEU A 162 -27.49 -23.50 42.91
C LEU A 162 -28.74 -24.39 42.93
N SER A 163 -28.77 -25.50 43.66
CA SER A 163 -29.98 -26.28 43.85
C SER A 163 -30.48 -26.07 45.27
N ASN A 164 -31.65 -26.61 45.56
CA ASN A 164 -32.28 -26.40 46.87
C ASN A 164 -31.42 -26.94 47.99
N THR A 165 -30.86 -28.14 47.80
CA THR A 165 -30.03 -28.76 48.82
C THR A 165 -29.07 -29.72 48.13
N ASP A 166 -28.09 -30.21 48.89
CA ASP A 166 -27.07 -31.11 48.36
C ASP A 166 -27.71 -32.36 47.76
N ASN A 167 -27.28 -32.72 46.56
CA ASN A 167 -27.76 -33.90 45.85
C ASN A 167 -29.27 -33.85 45.67
N ALA A 168 -29.72 -32.84 44.93
CA ALA A 168 -31.15 -32.70 44.63
C ALA A 168 -31.37 -32.62 43.13
N ALA A 169 -32.59 -32.32 42.71
CA ALA A 169 -32.93 -32.25 41.30
C ALA A 169 -33.08 -30.80 40.86
N PHE A 170 -32.61 -30.52 39.66
CA PHE A 170 -32.71 -29.19 39.06
C PHE A 170 -33.73 -29.24 37.94
N PRO A 171 -34.93 -28.67 38.11
CA PRO A 171 -35.93 -28.73 37.04
C PRO A 171 -35.45 -28.04 35.78
N GLN A 172 -35.83 -28.58 34.64
CA GLN A 172 -35.50 -27.99 33.35
C GLN A 172 -36.45 -26.82 33.07
N MET A 173 -35.89 -25.62 32.90
CA MET A 173 -36.73 -24.43 32.77
C MET A 173 -36.27 -23.57 31.59
N THR A 174 -37.08 -22.55 31.30
CA THR A 174 -36.90 -21.69 30.15
C THR A 174 -37.17 -20.24 30.55
N LYS A 175 -36.45 -19.33 29.92
CA LYS A 175 -36.61 -17.90 30.14
C LYS A 175 -36.48 -17.16 28.82
N SER A 176 -37.11 -15.99 28.73
CA SER A 176 -37.12 -15.22 27.49
C SER A 176 -37.05 -13.73 27.80
N TYR A 177 -36.52 -12.98 26.83
CA TYR A 177 -36.41 -11.53 26.97
C TYR A 177 -36.54 -10.89 25.59
N LYS A 178 -37.23 -9.75 25.53
CA LYS A 178 -37.49 -9.05 24.27
C LYS A 178 -36.94 -7.64 24.33
N ASN A 179 -36.19 -7.26 23.31
CA ASN A 179 -35.69 -5.90 23.19
C ASN A 179 -36.83 -4.95 22.84
N THR A 180 -36.73 -3.73 23.33
CA THR A 180 -37.78 -2.73 23.11
C THR A 180 -37.25 -1.42 22.52
N ARG A 181 -36.06 -0.99 22.93
CA ARG A 181 -35.54 0.29 22.49
C ARG A 181 -35.17 0.24 21.00
N LYS A 182 -34.62 1.34 20.50
CA LYS A 182 -34.34 1.50 19.07
C LYS A 182 -32.87 1.28 18.73
N ASN A 183 -32.14 0.56 19.56
CA ASN A 183 -30.73 0.29 19.31
C ASN A 183 -30.40 -1.14 19.73
N PRO A 184 -29.37 -1.74 19.13
CA PRO A 184 -28.99 -3.10 19.51
C PRO A 184 -28.54 -3.18 20.96
N ALA A 185 -28.80 -4.33 21.57
CA ALA A 185 -28.42 -4.59 22.95
C ALA A 185 -27.31 -5.64 23.00
N LEU A 186 -26.67 -5.74 24.16
CA LEU A 186 -25.57 -6.67 24.38
C LEU A 186 -25.92 -7.60 25.52
N ILE A 187 -25.84 -8.91 25.26
CA ILE A 187 -26.21 -9.93 26.24
C ILE A 187 -25.00 -10.80 26.53
N VAL A 188 -24.81 -11.13 27.81
CA VAL A 188 -23.66 -11.91 28.26
C VAL A 188 -24.14 -12.96 29.25
N TRP A 189 -23.65 -14.19 29.09
CA TRP A 189 -23.93 -15.28 30.03
C TRP A 189 -22.67 -16.11 30.23
N GLY A 190 -22.75 -17.10 31.11
CA GLY A 190 -21.58 -17.86 31.49
C GLY A 190 -21.91 -19.31 31.77
N ILE A 191 -20.89 -20.16 31.61
CA ILE A 191 -20.97 -21.59 31.85
C ILE A 191 -19.88 -21.98 32.84
N HIS A 192 -20.20 -22.92 33.74
CA HIS A 192 -19.31 -23.31 34.82
C HIS A 192 -18.81 -24.73 34.61
N HIS A 193 -17.49 -24.91 34.60
CA HIS A 193 -16.87 -26.22 34.52
C HIS A 193 -16.32 -26.59 35.89
N SER A 194 -16.91 -27.61 36.52
CA SER A 194 -16.56 -27.97 37.88
C SER A 194 -15.21 -28.67 37.92
N GLY A 195 -14.65 -28.76 39.13
CA GLY A 195 -13.37 -29.38 39.35
C GLY A 195 -13.38 -30.88 39.52
N SER A 196 -14.54 -31.50 39.61
CA SER A 196 -14.67 -32.93 39.78
C SER A 196 -16.12 -33.32 39.55
N THR A 197 -16.34 -34.62 39.33
CA THR A 197 -17.70 -35.12 39.16
C THR A 197 -18.47 -35.06 40.47
N ALA A 198 -17.80 -35.32 41.60
CA ALA A 198 -18.45 -35.27 42.90
C ALA A 198 -19.01 -33.88 43.17
N GLU A 199 -18.24 -32.84 42.85
CA GLU A 199 -18.72 -31.48 43.04
C GLU A 199 -19.92 -31.18 42.17
N GLN A 200 -19.90 -31.66 40.92
CA GLN A 200 -21.03 -31.46 40.03
C GLN A 200 -22.29 -32.11 40.59
N THR A 201 -22.17 -33.35 41.09
CA THR A 201 -23.35 -34.03 41.62
C THR A 201 -23.79 -33.43 42.95
N LYS A 202 -22.85 -32.81 43.67
CA LYS A 202 -23.21 -32.14 44.91
C LYS A 202 -23.95 -30.83 44.67
N LEU A 203 -23.55 -30.07 43.66
CA LEU A 203 -24.13 -28.76 43.41
C LEU A 203 -25.33 -28.76 42.50
N TYR A 204 -25.44 -29.71 41.56
CA TYR A 204 -26.59 -29.72 40.66
C TYR A 204 -27.26 -31.09 40.54
N GLY A 205 -26.83 -32.08 41.31
CA GLY A 205 -27.44 -33.40 41.27
C GLY A 205 -26.89 -34.27 40.16
N SER A 206 -27.18 -35.56 40.26
CA SER A 206 -26.68 -36.54 39.32
C SER A 206 -27.42 -36.43 37.98
N GLY A 207 -26.85 -37.06 36.97
CA GLY A 207 -27.42 -37.09 35.65
C GLY A 207 -26.62 -36.29 34.64
N ASN A 208 -27.28 -35.95 33.54
CA ASN A 208 -26.69 -35.16 32.48
C ASN A 208 -27.15 -33.71 32.55
N LYS A 209 -26.32 -32.81 32.04
CA LYS A 209 -26.59 -31.38 32.04
C LYS A 209 -26.42 -30.83 30.63
N LEU A 210 -27.24 -29.85 30.27
CA LEU A 210 -27.25 -29.30 28.93
C LEU A 210 -27.97 -27.96 28.94
N VAL A 211 -27.41 -26.98 28.24
CA VAL A 211 -28.06 -25.68 28.09
C VAL A 211 -28.11 -25.33 26.61
N THR A 212 -29.08 -24.50 26.24
CA THR A 212 -29.25 -24.09 24.86
C THR A 212 -29.72 -22.65 24.79
N VAL A 213 -29.20 -21.92 23.81
CA VAL A 213 -29.47 -20.50 23.64
C VAL A 213 -30.00 -20.29 22.22
N GLY A 214 -31.11 -19.59 22.09
CA GLY A 214 -31.74 -19.40 20.80
C GLY A 214 -32.23 -17.98 20.60
N SER A 215 -32.25 -17.56 19.34
CA SER A 215 -32.78 -16.29 18.90
C SER A 215 -33.10 -16.41 17.42
N SER A 216 -33.35 -15.28 16.75
CA SER A 216 -33.66 -15.34 15.33
C SER A 216 -32.46 -15.74 14.50
N ASN A 217 -31.30 -15.11 14.74
CA ASN A 217 -30.10 -15.34 13.95
C ASN A 217 -29.01 -16.05 14.75
N TYR A 218 -29.41 -16.96 15.65
CA TYR A 218 -28.44 -17.52 16.59
C TYR A 218 -29.01 -18.75 17.28
N GLN A 219 -28.26 -19.85 17.30
CA GLN A 219 -28.67 -21.04 18.05
C GLN A 219 -27.44 -21.84 18.40
N GLN A 220 -27.26 -22.12 19.69
CA GLN A 220 -26.12 -22.91 20.13
C GLN A 220 -26.51 -23.76 21.33
N SER A 221 -25.69 -24.77 21.59
CA SER A 221 -25.86 -25.66 22.74
C SER A 221 -24.52 -25.80 23.46
N PHE A 222 -24.60 -25.97 24.78
CA PHE A 222 -23.42 -26.08 25.62
C PHE A 222 -23.62 -27.18 26.66
N VAL A 223 -22.51 -27.83 27.03
CA VAL A 223 -22.52 -28.92 27.99
C VAL A 223 -21.23 -28.85 28.81
N PRO A 224 -21.31 -28.97 30.13
CA PRO A 224 -20.10 -28.85 30.95
C PRO A 224 -19.18 -30.06 30.79
N SER A 225 -18.01 -29.97 31.43
CA SER A 225 -17.01 -31.02 31.36
C SER A 225 -16.12 -30.94 32.60
N PRO A 226 -16.45 -31.70 33.65
CA PRO A 226 -15.64 -31.64 34.87
C PRO A 226 -14.27 -32.27 34.68
N GLY A 227 -13.34 -31.84 35.51
CA GLY A 227 -11.99 -32.37 35.47
C GLY A 227 -11.10 -31.63 36.44
N ALA A 228 -9.90 -32.15 36.60
CA ALA A 228 -8.91 -31.58 37.53
C ALA A 228 -7.89 -30.77 36.75
N ARG A 229 -7.60 -29.56 37.23
CA ARG A 229 -6.67 -28.64 36.60
C ARG A 229 -5.74 -28.06 37.66
N THR A 230 -4.80 -27.23 37.20
CA THR A 230 -3.89 -26.56 38.12
C THR A 230 -4.63 -25.49 38.91
N GLN A 231 -4.12 -25.21 40.11
CA GLN A 231 -4.79 -24.30 41.03
C GLN A 231 -4.39 -22.86 40.72
N VAL A 232 -5.39 -22.03 40.41
CA VAL A 232 -5.21 -20.60 40.23
C VAL A 232 -6.12 -19.90 41.23
N ASN A 233 -5.55 -19.02 42.04
CA ASN A 233 -6.25 -18.34 43.12
C ASN A 233 -6.86 -19.31 44.13
N GLY A 234 -6.33 -20.52 44.22
CA GLY A 234 -6.83 -21.52 45.14
C GLY A 234 -8.04 -22.29 44.66
N GLN A 235 -8.37 -22.22 43.37
CA GLN A 235 -9.53 -22.90 42.81
C GLN A 235 -9.12 -23.80 41.67
N SER A 236 -9.99 -24.77 41.36
CA SER A 236 -9.75 -25.71 40.26
C SER A 236 -10.78 -25.65 39.16
N GLY A 237 -11.97 -25.10 39.41
CA GLY A 237 -12.98 -24.96 38.37
C GLY A 237 -12.72 -23.77 37.49
N ARG A 238 -13.56 -23.63 36.46
CA ARG A 238 -13.40 -22.55 35.50
C ARG A 238 -14.77 -22.01 35.10
N ILE A 239 -14.79 -20.80 34.57
CA ILE A 239 -16.00 -20.15 34.09
C ILE A 239 -15.70 -19.56 32.71
N ASP A 240 -16.59 -19.82 31.75
CA ASP A 240 -16.48 -19.27 30.41
C ASP A 240 -17.61 -18.30 30.14
N PHE A 241 -17.29 -17.17 29.52
CA PHE A 241 -18.25 -16.11 29.24
C PHE A 241 -18.52 -16.04 27.75
N HIS A 242 -19.79 -15.97 27.38
CA HIS A 242 -20.22 -15.81 25.99
C HIS A 242 -21.12 -14.59 25.87
N TRP A 243 -21.17 -14.01 24.67
CA TRP A 243 -21.90 -12.78 24.44
C TRP A 243 -22.55 -12.79 23.07
N LEU A 244 -23.56 -11.94 22.91
CA LEU A 244 -24.25 -11.78 21.63
C LEU A 244 -24.87 -10.38 21.55
N MET A 245 -25.22 -10.00 20.32
CA MET A 245 -25.79 -8.69 20.02
C MET A 245 -27.21 -8.86 19.50
N LEU A 246 -28.11 -7.98 19.92
CA LEU A 246 -29.55 -8.14 19.69
C LEU A 246 -30.10 -6.95 18.92
N ASN A 247 -30.90 -7.24 17.89
CA ASN A 247 -31.54 -6.23 17.05
C ASN A 247 -32.79 -5.67 17.74
N PRO A 248 -33.23 -4.45 17.35
CA PRO A 248 -34.30 -3.81 18.13
C PRO A 248 -35.71 -4.23 17.73
N ASN A 249 -35.92 -5.52 17.54
CA ASN A 249 -37.22 -6.13 17.75
C ASN A 249 -37.17 -7.55 18.28
N ASP A 250 -36.01 -8.11 18.55
CA ASP A 250 -35.88 -9.55 18.58
C ASP A 250 -36.07 -10.09 19.99
N THR A 251 -35.98 -11.41 20.12
CA THR A 251 -36.25 -12.08 21.38
C THR A 251 -35.20 -13.15 21.58
N VAL A 252 -34.77 -13.32 22.83
CA VAL A 252 -33.73 -14.29 23.19
C VAL A 252 -34.32 -15.27 24.19
N THR A 253 -34.06 -16.56 23.97
CA THR A 253 -34.60 -17.61 24.80
C THR A 253 -33.45 -18.48 25.32
N PHE A 254 -33.44 -18.71 26.63
CA PHE A 254 -32.51 -19.63 27.26
C PHE A 254 -33.28 -20.82 27.79
N SER A 255 -32.84 -22.03 27.46
CA SER A 255 -33.41 -23.25 28.00
C SER A 255 -32.31 -24.01 28.71
N PHE A 256 -32.49 -24.30 30.00
CA PHE A 256 -31.38 -24.88 30.74
C PHE A 256 -31.87 -25.83 31.82
N ASN A 257 -30.94 -26.69 32.24
CA ASN A 257 -31.15 -27.69 33.28
C ASN A 257 -30.09 -27.65 34.37
N GLY A 258 -28.90 -27.12 34.11
CA GLY A 258 -27.88 -27.02 35.13
C GLY A 258 -26.64 -26.34 34.58
N ALA A 259 -25.76 -25.97 35.50
CA ALA A 259 -24.48 -25.32 35.17
C ALA A 259 -24.70 -24.04 34.37
N PHE A 260 -25.41 -23.09 34.98
CA PHE A 260 -25.78 -21.84 34.33
C PHE A 260 -25.47 -20.67 35.26
N ILE A 261 -24.88 -19.62 34.70
CA ILE A 261 -24.68 -18.36 35.38
C ILE A 261 -25.56 -17.33 34.67
N ALA A 262 -26.58 -16.84 35.37
CA ALA A 262 -27.59 -16.08 34.63
C ALA A 262 -27.28 -14.59 34.66
N PRO A 263 -27.58 -13.89 33.58
CA PRO A 263 -27.40 -12.43 33.55
C PRO A 263 -28.51 -11.72 34.32
N ASP A 264 -28.26 -10.46 34.61
CA ASP A 264 -29.21 -9.63 35.35
C ASP A 264 -29.50 -8.28 34.71
N ARG A 265 -28.61 -7.73 33.90
CA ARG A 265 -28.82 -6.44 33.27
C ARG A 265 -28.23 -6.46 31.86
N ALA A 266 -28.76 -5.59 31.00
CA ALA A 266 -28.32 -5.47 29.62
C ALA A 266 -27.72 -4.09 29.40
N SER A 267 -26.79 -4.02 28.45
CA SER A 267 -25.99 -2.82 28.22
C SER A 267 -26.30 -2.21 26.86
N PHE A 268 -26.30 -0.87 26.82
CA PHE A 268 -26.51 -0.11 25.60
C PHE A 268 -25.39 0.92 25.46
N LEU A 269 -24.93 1.13 24.23
CA LEU A 269 -23.86 2.07 23.97
C LEU A 269 -24.42 3.49 23.86
N ARG A 270 -23.51 4.47 23.81
CA ARG A 270 -23.90 5.87 23.68
C ARG A 270 -22.73 6.66 23.13
N GLY A 271 -22.93 7.32 21.98
CA GLY A 271 -21.92 8.19 21.43
C GLY A 271 -20.73 7.46 20.82
N LYS A 272 -19.61 8.16 20.79
CA LYS A 272 -18.37 7.60 20.25
C LYS A 272 -17.18 8.26 20.95
N SER A 273 -16.05 7.56 20.93
CA SER A 273 -14.85 8.01 21.63
C SER A 273 -13.63 7.29 21.04
N MET A 274 -12.49 7.45 21.69
CA MET A 274 -11.25 6.80 21.29
C MET A 274 -10.56 6.22 22.52
N GLY A 275 -9.80 5.15 22.30
CA GLY A 275 -9.10 4.49 23.39
C GLY A 275 -7.65 4.22 23.05
N ILE A 276 -6.79 4.32 24.06
CA ILE A 276 -5.35 4.14 23.90
C ILE A 276 -4.82 3.31 25.07
N GLN A 277 -3.59 2.83 24.91
CA GLN A 277 -2.85 2.15 25.96
C GLN A 277 -1.56 2.93 26.22
N SER A 278 -1.32 3.29 27.48
CA SER A 278 -0.20 4.16 27.81
C SER A 278 0.34 3.77 29.17
N GLY A 279 1.43 4.44 29.57
CA GLY A 279 2.07 4.18 30.84
C GLY A 279 2.61 5.43 31.52
N VAL A 280 2.12 6.60 31.13
CA VAL A 280 2.54 7.86 31.70
C VAL A 280 1.33 8.54 32.35
N GLN A 281 1.59 9.69 32.96
CA GLN A 281 0.56 10.39 33.73
C GLN A 281 -0.30 11.25 32.79
N VAL A 282 -1.19 12.05 33.36
CA VAL A 282 -2.19 12.80 32.61
C VAL A 282 -2.04 14.28 32.95
N ASP A 283 -2.03 15.12 31.91
CA ASP A 283 -1.95 16.57 32.07
C ASP A 283 -3.21 17.21 31.51
N ALA A 284 -3.80 18.12 32.28
CA ALA A 284 -5.06 18.76 31.89
C ALA A 284 -4.88 20.14 31.26
N ASP A 285 -3.64 20.61 31.09
CA ASP A 285 -3.36 21.89 30.46
C ASP A 285 -2.50 21.62 29.23
N CYS A 286 -3.15 21.33 28.11
CA CYS A 286 -2.48 20.90 26.88
C CYS A 286 -3.49 20.92 25.76
N GLU A 287 -3.02 20.58 24.56
CA GLU A 287 -3.85 20.29 23.40
C GLU A 287 -3.09 19.34 22.50
N GLY A 288 -3.75 18.29 22.05
CA GLY A 288 -3.08 17.33 21.18
C GLY A 288 -4.08 16.39 20.55
N ASP A 289 -3.62 15.75 19.48
CA ASP A 289 -4.45 14.79 18.75
C ASP A 289 -3.69 13.55 18.31
N CYS A 290 -2.41 13.42 18.64
CA CYS A 290 -1.60 12.27 18.23
C CYS A 290 -1.00 11.65 19.48
N TYR A 291 -1.43 10.45 19.82
CA TYR A 291 -1.00 9.76 21.03
C TYR A 291 -0.25 8.49 20.69
N TYR A 292 0.69 8.13 21.56
CA TYR A 292 1.33 6.83 21.53
C TYR A 292 1.64 6.43 22.97
N SER A 293 2.34 5.32 23.14
CA SER A 293 2.52 4.75 24.47
C SER A 293 3.58 5.47 25.30
N GLY A 294 3.99 6.66 24.90
CA GLY A 294 5.01 7.39 25.65
C GLY A 294 4.71 8.86 25.83
N GLY A 295 3.61 9.34 25.28
CA GLY A 295 3.26 10.74 25.42
C GLY A 295 2.48 11.21 24.20
N THR A 296 2.67 12.49 23.88
CA THR A 296 1.94 13.15 22.80
C THR A 296 2.93 13.72 21.80
N ILE A 297 2.47 13.85 20.56
CA ILE A 297 3.25 14.42 19.47
C ILE A 297 2.54 15.66 18.97
N ILE A 298 3.20 16.81 19.07
CA ILE A 298 2.65 18.09 18.63
C ILE A 298 3.60 18.67 17.60
N SER A 299 3.14 18.75 16.35
CA SER A 299 3.97 19.28 15.27
C SER A 299 3.09 19.52 14.05
N ASN A 300 3.64 20.28 13.11
CA ASN A 300 3.02 20.52 11.82
C ASN A 300 3.80 19.90 10.67
N LEU A 301 4.96 19.32 10.94
CA LEU A 301 5.78 18.73 9.90
C LEU A 301 5.09 17.48 9.34
N PRO A 302 5.34 17.15 8.07
CA PRO A 302 4.63 16.03 7.43
C PRO A 302 5.16 14.65 7.79
N PHE A 303 6.31 14.54 8.46
CA PHE A 303 6.91 13.24 8.74
C PHE A 303 7.37 13.17 10.18
N GLN A 304 7.49 11.95 10.69
CA GLN A 304 7.93 11.70 12.05
C GLN A 304 8.79 10.45 12.09
N ASN A 305 9.61 10.34 13.13
CA ASN A 305 10.48 9.18 13.32
C ASN A 305 10.49 8.77 14.79
N ILE A 306 9.31 8.68 15.40
CA ILE A 306 9.18 8.36 16.82
C ILE A 306 8.60 6.95 17.02
N ASP A 307 7.39 6.72 16.52
CA ASP A 307 6.74 5.42 16.67
C ASP A 307 5.90 5.13 15.44
N SER A 308 5.74 3.85 15.13
CA SER A 308 5.00 3.42 13.96
C SER A 308 3.58 2.99 14.27
N ARG A 309 3.16 3.02 15.54
CA ARG A 309 1.83 2.58 15.96
C ARG A 309 1.11 3.68 16.71
N ALA A 310 1.24 4.92 16.23
CA ALA A 310 0.52 6.04 16.83
C ALA A 310 -0.91 6.08 16.33
N VAL A 311 -1.79 6.68 17.12
CA VAL A 311 -3.21 6.74 16.81
C VAL A 311 -3.69 8.18 16.90
N GLY A 312 -4.67 8.52 16.06
CA GLY A 312 -5.20 9.87 15.98
C GLY A 312 -4.95 10.48 14.61
N LYS A 313 -4.63 11.77 14.61
CA LYS A 313 -4.24 12.49 13.40
C LYS A 313 -2.75 12.77 13.49
N CYS A 314 -1.95 11.94 12.87
CA CYS A 314 -0.50 11.93 13.05
C CYS A 314 0.21 12.06 11.71
N PRO A 315 1.44 12.56 11.72
CA PRO A 315 2.28 12.50 10.51
C PRO A 315 2.69 11.07 10.21
N ARG A 316 3.16 10.88 8.98
CA ARG A 316 3.53 9.55 8.52
C ARG A 316 4.91 9.16 9.06
N TYR A 317 5.13 7.85 9.17
CA TYR A 317 6.35 7.31 9.73
C TYR A 317 7.35 6.99 8.62
N VAL A 318 8.59 7.45 8.78
CA VAL A 318 9.67 7.15 7.86
C VAL A 318 10.87 6.67 8.67
N LYS A 319 11.75 5.92 8.01
CA LYS A 319 12.89 5.31 8.68
C LYS A 319 14.14 6.18 8.66
N GLN A 320 14.10 7.33 8.00
CA GLN A 320 15.24 8.25 7.98
C GLN A 320 15.21 9.16 9.19
N ARG A 321 16.39 9.63 9.58
CA ARG A 321 16.51 10.43 10.80
C ARG A 321 16.42 11.93 10.54
N SER A 322 16.85 12.40 9.37
CA SER A 322 16.83 13.82 9.08
C SER A 322 16.76 14.04 7.57
N LEU A 323 16.05 15.10 7.18
CA LEU A 323 15.92 15.48 5.77
C LEU A 323 15.78 16.99 5.70
N LEU A 324 16.75 17.67 5.10
CA LEU A 324 16.80 19.12 5.09
C LEU A 324 16.28 19.69 3.77
N LEU A 325 15.63 20.83 3.86
CA LEU A 325 15.04 21.53 2.72
C LEU A 325 15.70 22.89 2.56
N ALA A 326 16.15 23.20 1.35
CA ALA A 326 16.89 24.44 1.11
C ALA A 326 15.95 25.65 1.18
N THR A 327 16.52 26.79 1.60
CA THR A 327 15.75 28.02 1.76
C THR A 327 16.57 29.21 1.24
N GLY A 328 17.65 28.95 0.51
CA GLY A 328 18.47 30.03 0.01
C GLY A 328 19.28 29.59 -1.18
N MET A 329 20.06 30.53 -1.71
CA MET A 329 20.90 30.27 -2.86
C MET A 329 22.18 29.55 -2.45
N LYS A 330 22.95 29.14 -3.45
CA LYS A 330 24.23 28.49 -3.19
C LYS A 330 25.21 29.48 -2.58
N ASN A 331 25.98 29.01 -1.60
CA ASN A 331 26.88 29.85 -0.84
C ASN A 331 28.27 29.83 -1.47
N VAL A 332 28.78 31.01 -1.83
CA VAL A 332 30.12 31.15 -2.39
C VAL A 332 30.88 32.17 -1.53
N PRO A 333 31.60 31.73 -0.50
CA PRO A 333 32.26 32.68 0.38
C PRO A 333 33.48 33.32 -0.28
N GLU A 334 33.91 34.45 0.29
CA GLU A 334 35.07 35.15 -0.21
C GLU A 334 36.34 34.34 0.06
N ILE A 335 37.37 34.63 -0.74
CA ILE A 335 38.67 33.95 -0.71
C ILE A 335 38.55 32.45 -0.50
N ALA B 18 13.68 54.72 -41.31
CA ALA B 18 12.73 54.79 -40.21
C ALA B 18 11.74 53.63 -40.27
N ASP B 19 12.27 52.41 -40.26
CA ASP B 19 11.46 51.20 -40.32
C ASP B 19 11.63 50.41 -39.02
N LYS B 20 10.60 49.66 -38.65
CA LYS B 20 10.55 48.99 -37.37
C LYS B 20 9.83 47.65 -37.50
N ILE B 21 10.32 46.65 -36.79
CA ILE B 21 9.68 45.33 -36.71
C ILE B 21 9.63 44.91 -35.24
N CYS B 22 8.53 44.23 -34.87
CA CYS B 22 8.34 43.82 -33.49
C CYS B 22 7.92 42.36 -33.46
N LEU B 23 8.02 41.76 -32.28
CA LEU B 23 7.61 40.37 -32.05
C LEU B 23 6.66 40.30 -30.85
N GLY B 24 5.78 39.31 -30.86
CA GLY B 24 4.82 39.17 -29.78
C GLY B 24 4.12 37.83 -29.82
N HIS B 25 3.19 37.66 -28.89
CA HIS B 25 2.41 36.44 -28.75
C HIS B 25 0.93 36.81 -28.58
N HIS B 26 0.09 35.77 -28.53
CA HIS B 26 -1.35 35.97 -28.46
C HIS B 26 -1.85 35.99 -27.01
N ALA B 27 -3.10 36.39 -26.85
CA ALA B 27 -3.73 36.47 -25.54
C ALA B 27 -5.24 36.35 -25.70
N VAL B 28 -5.92 36.09 -24.59
CA VAL B 28 -7.36 35.91 -24.58
C VAL B 28 -7.95 36.77 -23.46
N SER B 29 -9.26 37.01 -23.57
CA SER B 29 -9.93 37.93 -22.65
C SER B 29 -9.98 37.36 -21.24
N ASN B 30 -10.36 36.09 -21.08
CA ASN B 30 -10.46 35.47 -19.77
C ASN B 30 -9.89 34.05 -19.83
N GLY B 31 -9.16 33.68 -18.78
CA GLY B 31 -8.49 32.39 -18.75
C GLY B 31 -8.94 31.48 -17.63
N THR B 32 -8.12 30.49 -17.29
CA THR B 32 -8.44 29.53 -16.25
C THR B 32 -7.31 29.48 -15.23
N LYS B 33 -7.66 29.19 -13.98
CA LYS B 33 -6.71 29.22 -12.88
C LYS B 33 -6.24 27.81 -12.54
N VAL B 34 -4.93 27.64 -12.42
CA VAL B 34 -4.31 26.36 -12.11
C VAL B 34 -3.29 26.56 -11.00
N ASN B 35 -2.73 25.46 -10.53
CA ASN B 35 -1.76 25.45 -9.44
C ASN B 35 -0.41 24.93 -9.94
N THR B 36 0.66 25.60 -9.51
CA THR B 36 2.02 25.23 -9.89
C THR B 36 2.81 24.87 -8.63
N LEU B 37 4.12 24.68 -8.80
CA LEU B 37 4.98 24.28 -7.69
C LEU B 37 5.18 25.38 -6.67
N CYS B 38 5.08 26.65 -7.08
CA CYS B 38 5.38 27.75 -6.16
C CYS B 38 4.30 28.81 -6.11
N GLU B 39 3.09 28.51 -6.57
CA GLU B 39 2.00 29.48 -6.51
C GLU B 39 0.68 28.74 -6.67
N ARG B 40 -0.39 29.39 -6.23
CA ARG B 40 -1.74 28.87 -6.38
C ARG B 40 -2.60 29.94 -7.03
N GLY B 41 -3.24 29.60 -8.15
CA GLY B 41 -4.10 30.52 -8.86
C GLY B 41 -3.47 31.23 -10.03
N VAL B 42 -2.61 30.57 -10.79
CA VAL B 42 -2.00 31.18 -11.98
C VAL B 42 -2.97 31.07 -13.15
N GLU B 43 -3.07 32.13 -13.94
CA GLU B 43 -4.03 32.21 -15.04
C GLU B 43 -3.38 31.81 -16.35
N VAL B 44 -4.03 30.91 -17.09
CA VAL B 44 -3.54 30.41 -18.36
C VAL B 44 -4.67 30.51 -19.39
N VAL B 45 -4.33 30.22 -20.65
CA VAL B 45 -5.30 30.37 -21.73
C VAL B 45 -6.26 29.18 -21.75
N ASN B 46 -5.75 27.97 -21.57
CA ASN B 46 -6.58 26.76 -21.54
C ASN B 46 -6.17 25.80 -20.43
N ALA B 47 -7.10 24.92 -20.08
CA ALA B 47 -6.89 23.82 -19.16
C ALA B 47 -7.95 22.77 -19.39
N THR B 48 -7.68 21.55 -18.92
CA THR B 48 -8.60 20.43 -19.00
C THR B 48 -8.75 19.78 -17.62
N GLU B 49 -9.68 18.84 -17.52
CA GLU B 49 -10.00 18.17 -16.27
C GLU B 49 -9.47 16.74 -16.27
N THR B 50 -9.06 16.25 -15.10
CA THR B 50 -8.49 14.93 -14.96
C THR B 50 -9.22 14.05 -13.93
N VAL B 51 -10.36 14.48 -13.41
CA VAL B 51 -11.11 13.71 -12.42
C VAL B 51 -12.54 13.56 -12.92
N GLU B 52 -13.05 12.34 -12.88
CA GLU B 52 -14.38 12.02 -13.38
C GLU B 52 -15.44 12.16 -12.29
N ARG B 53 -16.61 12.69 -12.65
CA ARG B 53 -17.67 12.92 -11.69
C ARG B 53 -19.06 12.53 -12.18
N THR B 54 -19.18 11.96 -13.37
CA THR B 54 -20.49 11.63 -13.95
C THR B 54 -20.59 10.13 -14.20
N ASN B 55 -21.83 9.62 -14.19
CA ASN B 55 -22.10 8.21 -14.38
C ASN B 55 -23.41 8.05 -15.15
N ILE B 56 -23.76 6.79 -15.40
CA ILE B 56 -25.02 6.43 -16.06
C ILE B 56 -25.83 5.60 -15.07
N PRO B 57 -27.06 5.98 -14.74
CA PRO B 57 -27.86 5.27 -13.74
C PRO B 57 -28.50 3.99 -14.24
N ARG B 58 -27.72 3.15 -14.92
CA ARG B 58 -28.20 1.89 -15.45
C ARG B 58 -27.04 0.91 -15.51
N ILE B 59 -27.36 -0.36 -15.68
CA ILE B 59 -26.37 -1.42 -15.84
C ILE B 59 -26.18 -1.68 -17.32
N CYS B 60 -25.03 -1.27 -17.86
CA CYS B 60 -24.75 -1.43 -19.27
C CYS B 60 -24.17 -2.82 -19.53
N SER B 61 -24.87 -3.62 -20.34
CA SER B 61 -24.44 -5.00 -20.60
C SER B 61 -24.87 -5.37 -22.02
N LYS B 62 -23.94 -5.24 -22.96
CA LYS B 62 -24.14 -5.71 -24.33
C LYS B 62 -22.95 -6.56 -24.72
N GLY B 63 -23.23 -7.71 -25.34
CA GLY B 63 -22.19 -8.65 -25.68
C GLY B 63 -21.88 -9.68 -24.62
N LYS B 64 -22.62 -9.70 -23.52
CA LYS B 64 -22.42 -10.68 -22.46
C LYS B 64 -23.77 -11.19 -22.00
N ARG B 65 -23.78 -12.43 -21.50
CA ARG B 65 -24.99 -13.05 -21.00
C ARG B 65 -25.17 -12.69 -19.52
N THR B 66 -26.33 -12.13 -19.19
CA THR B 66 -26.62 -11.69 -17.83
C THR B 66 -27.79 -12.48 -17.26
N VAL B 67 -27.69 -12.80 -15.97
CA VAL B 67 -28.76 -13.45 -15.23
C VAL B 67 -29.12 -12.53 -14.07
N ASP B 68 -30.40 -12.18 -13.97
CA ASP B 68 -30.90 -11.25 -12.96
C ASP B 68 -31.74 -12.04 -11.96
N LEU B 69 -31.10 -12.48 -10.89
CA LEU B 69 -31.83 -13.16 -9.82
C LEU B 69 -32.79 -12.19 -9.15
N GLY B 70 -34.01 -12.66 -8.90
CA GLY B 70 -35.01 -11.82 -8.28
C GLY B 70 -35.13 -12.08 -6.80
N GLN B 71 -36.17 -12.80 -6.40
CA GLN B 71 -36.33 -13.19 -5.01
C GLN B 71 -35.38 -14.31 -4.60
N CYS B 72 -34.69 -14.91 -5.56
CA CYS B 72 -33.80 -16.04 -5.26
C CYS B 72 -32.44 -15.55 -4.76
N GLY B 73 -31.98 -16.14 -3.66
CA GLY B 73 -30.63 -15.89 -3.20
C GLY B 73 -29.61 -16.74 -3.94
N LEU B 74 -28.36 -16.30 -3.89
CA LEU B 74 -27.30 -17.00 -4.62
C LEU B 74 -27.11 -18.41 -4.10
N LEU B 75 -27.15 -18.59 -2.77
CA LEU B 75 -26.92 -19.89 -2.17
C LEU B 75 -28.12 -20.82 -2.31
N GLY B 76 -29.29 -20.31 -2.70
CA GLY B 76 -30.45 -21.16 -2.85
C GLY B 76 -30.37 -22.09 -4.04
N THR B 77 -29.62 -21.69 -5.08
CA THR B 77 -29.53 -22.47 -6.29
C THR B 77 -28.93 -23.86 -6.06
N ILE B 78 -28.25 -24.06 -4.93
CA ILE B 78 -27.71 -25.37 -4.62
C ILE B 78 -28.77 -26.26 -3.99
N THR B 79 -29.66 -25.68 -3.17
CA THR B 79 -30.66 -26.46 -2.46
C THR B 79 -32.02 -26.46 -3.14
N GLY B 80 -32.45 -25.33 -3.69
CA GLY B 80 -33.64 -25.27 -4.49
C GLY B 80 -34.94 -25.05 -3.74
N PRO B 81 -35.07 -23.93 -3.01
CA PRO B 81 -36.37 -23.57 -2.44
C PRO B 81 -37.34 -23.21 -3.55
N PRO B 82 -38.65 -23.16 -3.27
CA PRO B 82 -39.63 -22.99 -4.35
C PRO B 82 -39.52 -21.68 -5.11
N GLN B 83 -38.71 -20.74 -4.62
CA GLN B 83 -38.51 -19.46 -5.30
C GLN B 83 -37.31 -19.47 -6.23
N CYS B 84 -36.59 -20.59 -6.34
CA CYS B 84 -35.43 -20.72 -7.21
C CYS B 84 -35.61 -21.87 -8.19
N ASP B 85 -36.84 -22.08 -8.64
CA ASP B 85 -37.14 -23.23 -9.49
C ASP B 85 -36.62 -23.09 -10.91
N GLN B 86 -36.39 -21.86 -11.39
CA GLN B 86 -35.94 -21.64 -12.75
C GLN B 86 -34.45 -21.33 -12.85
N PHE B 87 -33.71 -21.38 -11.74
CA PHE B 87 -32.28 -21.11 -11.73
C PHE B 87 -31.48 -22.30 -11.24
N LEU B 88 -31.98 -23.52 -11.45
CA LEU B 88 -31.29 -24.69 -10.95
C LEU B 88 -30.02 -24.99 -11.75
N GLU B 89 -30.03 -24.73 -13.06
CA GLU B 89 -28.85 -24.89 -13.91
C GLU B 89 -28.80 -23.69 -14.85
N PHE B 90 -28.04 -22.67 -14.48
CA PHE B 90 -27.94 -21.45 -15.25
C PHE B 90 -26.54 -21.26 -15.80
N SER B 91 -26.43 -20.45 -16.84
CA SER B 91 -25.16 -20.09 -17.43
C SER B 91 -25.15 -18.59 -17.71
N ALA B 92 -24.11 -17.90 -17.28
CA ALA B 92 -24.06 -16.46 -17.43
C ALA B 92 -22.63 -15.97 -17.34
N ASP B 93 -22.42 -14.74 -17.82
CA ASP B 93 -21.16 -14.03 -17.65
C ASP B 93 -21.23 -12.91 -16.63
N LEU B 94 -22.43 -12.45 -16.29
CA LEU B 94 -22.62 -11.41 -15.28
C LEU B 94 -23.79 -11.82 -14.40
N ILE B 95 -23.59 -11.75 -13.08
CA ILE B 95 -24.58 -12.17 -12.10
C ILE B 95 -24.92 -10.98 -11.22
N ILE B 96 -26.21 -10.71 -11.05
CA ILE B 96 -26.70 -9.57 -10.29
C ILE B 96 -27.57 -10.07 -9.15
N GLU B 97 -27.30 -9.59 -7.94
CA GLU B 97 -28.07 -9.96 -6.75
C GLU B 97 -28.82 -8.73 -6.22
N ARG B 98 -30.05 -8.96 -5.77
CA ARG B 98 -30.90 -7.90 -5.26
C ARG B 98 -31.01 -8.01 -3.74
N ARG B 99 -31.57 -6.96 -3.13
CA ARG B 99 -31.64 -6.87 -1.67
C ARG B 99 -32.73 -7.75 -1.08
N GLU B 100 -33.75 -8.13 -1.85
CA GLU B 100 -34.87 -8.88 -1.33
C GLU B 100 -34.70 -10.38 -1.49
N GLY B 101 -33.53 -10.85 -1.91
CA GLY B 101 -33.34 -12.27 -2.14
C GLY B 101 -33.20 -13.04 -0.83
N SER B 102 -33.84 -14.21 -0.80
CA SER B 102 -33.76 -15.12 0.33
C SER B 102 -33.49 -16.53 -0.18
N ASP B 103 -32.84 -17.34 0.65
CA ASP B 103 -32.39 -18.66 0.24
C ASP B 103 -32.85 -19.76 1.19
N VAL B 104 -33.91 -19.54 1.95
CA VAL B 104 -34.43 -20.55 2.87
C VAL B 104 -35.96 -20.53 2.82
N CYS B 105 -36.56 -21.71 2.84
CA CYS B 105 -37.99 -21.85 3.04
C CYS B 105 -38.35 -22.37 4.42
N TYR B 106 -37.43 -23.07 5.08
CA TYR B 106 -37.52 -23.54 6.45
C TYR B 106 -36.41 -22.87 7.27
N PRO B 107 -36.68 -22.46 8.49
CA PRO B 107 -35.69 -21.66 9.24
C PRO B 107 -34.36 -22.39 9.37
N GLY B 108 -33.29 -21.64 9.21
CA GLY B 108 -31.96 -22.21 9.25
C GLY B 108 -30.97 -21.29 8.58
N LYS B 109 -29.71 -21.74 8.55
CA LYS B 109 -28.64 -20.94 7.97
C LYS B 109 -27.50 -21.85 7.55
N PHE B 110 -26.63 -21.31 6.69
CA PHE B 110 -25.45 -22.02 6.24
C PHE B 110 -24.30 -21.82 7.23
N VAL B 111 -23.22 -22.57 7.00
CA VAL B 111 -22.00 -22.46 7.79
C VAL B 111 -20.87 -22.14 6.83
N ASN B 112 -20.08 -21.12 7.18
CA ASN B 112 -19.00 -20.61 6.32
C ASN B 112 -19.57 -20.12 4.99
N GLU B 113 -20.51 -19.19 5.09
CA GLU B 113 -21.28 -18.76 3.92
C GLU B 113 -20.49 -17.83 3.02
N GLU B 114 -19.64 -16.97 3.58
CA GLU B 114 -18.95 -15.98 2.76
C GLU B 114 -18.00 -16.63 1.76
N ALA B 115 -17.27 -17.67 2.19
CA ALA B 115 -16.38 -18.37 1.29
C ALA B 115 -17.14 -19.02 0.14
N LEU B 116 -18.28 -19.65 0.46
CA LEU B 116 -19.09 -20.27 -0.58
C LEU B 116 -19.62 -19.23 -1.55
N ARG B 117 -20.06 -18.08 -1.04
CA ARG B 117 -20.53 -17.01 -1.92
C ARG B 117 -19.43 -16.53 -2.84
N GLN B 118 -18.22 -16.35 -2.31
CA GLN B 118 -17.11 -15.91 -3.14
C GLN B 118 -16.76 -16.95 -4.19
N ILE B 119 -16.86 -18.23 -3.84
CA ILE B 119 -16.61 -19.30 -4.80
C ILE B 119 -17.65 -19.25 -5.93
N LEU B 120 -18.92 -19.09 -5.55
CA LEU B 120 -20.00 -19.17 -6.54
C LEU B 120 -20.10 -17.93 -7.41
N ARG B 121 -19.62 -16.78 -6.92
CA ARG B 121 -19.78 -15.54 -7.69
C ARG B 121 -19.03 -15.59 -9.01
N GLU B 122 -17.94 -16.36 -9.10
CA GLU B 122 -17.12 -16.43 -10.29
C GLU B 122 -17.22 -17.76 -11.01
N SER B 123 -18.15 -18.63 -10.59
CA SER B 123 -18.24 -19.96 -11.20
C SER B 123 -18.65 -19.89 -12.66
N GLY B 124 -19.57 -18.99 -13.01
CA GLY B 124 -20.09 -18.93 -14.35
C GLY B 124 -21.21 -19.89 -14.65
N GLY B 125 -21.78 -20.54 -13.64
CA GLY B 125 -22.86 -21.49 -13.80
C GLY B 125 -22.59 -22.77 -13.05
N ILE B 126 -23.61 -23.62 -13.03
CA ILE B 126 -23.54 -24.93 -12.37
C ILE B 126 -24.18 -25.98 -13.25
N ASP B 127 -23.77 -27.23 -13.01
CA ASP B 127 -24.32 -28.39 -13.69
C ASP B 127 -24.58 -29.48 -12.66
N LYS B 128 -25.74 -30.13 -12.76
CA LYS B 128 -26.19 -31.10 -11.76
C LYS B 128 -26.03 -32.52 -12.28
N GLU B 129 -25.64 -33.42 -11.40
CA GLU B 129 -25.51 -34.83 -11.72
C GLU B 129 -26.04 -35.68 -10.58
N ALA B 130 -26.78 -36.73 -10.92
CA ALA B 130 -27.41 -37.57 -9.91
C ALA B 130 -26.37 -38.38 -9.14
N MET B 131 -26.76 -38.83 -7.94
CA MET B 131 -25.90 -39.60 -7.05
C MET B 131 -26.22 -41.09 -7.08
N GLY B 132 -27.48 -41.46 -6.94
CA GLY B 132 -27.89 -42.85 -7.04
C GLY B 132 -28.14 -43.57 -5.73
N PHE B 133 -28.29 -42.86 -4.62
CA PHE B 133 -28.58 -43.50 -3.34
C PHE B 133 -29.97 -44.13 -3.36
N THR B 134 -30.10 -45.27 -2.68
CA THR B 134 -31.38 -45.94 -2.52
C THR B 134 -31.51 -46.41 -1.07
N TYR B 135 -32.75 -46.40 -0.58
CA TYR B 135 -33.03 -46.72 0.82
C TYR B 135 -34.11 -47.78 0.91
N SER B 136 -34.05 -48.57 1.98
CA SER B 136 -35.00 -49.65 2.22
C SER B 136 -35.50 -49.58 3.65
N GLY B 137 -36.81 -49.79 3.82
CA GLY B 137 -37.42 -49.82 5.14
C GLY B 137 -37.97 -48.48 5.59
N ILE B 138 -37.09 -47.48 5.75
CA ILE B 138 -37.48 -46.18 6.27
C ILE B 138 -38.30 -45.43 5.23
N ARG B 139 -38.94 -44.34 5.66
CA ARG B 139 -39.72 -43.50 4.76
C ARG B 139 -38.80 -42.47 4.09
N THR B 140 -39.37 -41.75 3.11
CA THR B 140 -38.61 -40.75 2.38
C THR B 140 -39.34 -39.44 2.14
N ASN B 141 -40.66 -39.37 2.26
CA ASN B 141 -41.45 -38.26 1.77
C ASN B 141 -41.80 -37.25 2.86
N GLY B 142 -40.89 -36.98 3.79
CA GLY B 142 -41.13 -35.95 4.79
C GLY B 142 -41.35 -34.58 4.16
N ALA B 143 -42.41 -33.89 4.59
CA ALA B 143 -42.77 -32.61 4.02
C ALA B 143 -43.25 -31.67 5.12
N THR B 144 -43.17 -30.37 4.83
CA THR B 144 -43.58 -29.33 5.76
C THR B 144 -44.47 -28.33 5.05
N SER B 145 -45.18 -27.53 5.84
CA SER B 145 -46.11 -26.53 5.32
C SER B 145 -45.46 -25.17 5.09
N SER B 146 -44.18 -25.02 5.43
CA SER B 146 -43.49 -23.75 5.24
C SER B 146 -42.89 -23.59 3.85
N CYS B 147 -42.87 -24.65 3.04
CA CYS B 147 -42.38 -24.61 1.67
C CYS B 147 -43.48 -25.18 0.78
N ARG B 148 -44.32 -24.30 0.25
CA ARG B 148 -45.51 -24.70 -0.48
C ARG B 148 -45.32 -24.48 -1.97
N ARG B 149 -45.55 -25.53 -2.76
CA ARG B 149 -45.63 -25.43 -4.21
C ARG B 149 -47.07 -25.54 -4.68
N SER B 150 -47.75 -26.64 -4.35
CA SER B 150 -49.18 -26.79 -4.55
C SER B 150 -49.80 -27.47 -3.34
N GLY B 151 -49.19 -27.30 -2.17
CA GLY B 151 -49.56 -28.02 -0.97
C GLY B 151 -48.44 -27.94 0.05
N SER B 152 -48.02 -29.08 0.59
CA SER B 152 -46.87 -29.16 1.46
C SER B 152 -45.74 -29.88 0.74
N SER B 153 -44.56 -29.28 0.72
CA SER B 153 -43.42 -29.84 0.01
C SER B 153 -42.14 -29.51 0.76
N PHE B 154 -41.01 -29.83 0.13
CA PHE B 154 -39.70 -29.63 0.73
C PHE B 154 -38.73 -29.07 -0.30
N TYR B 155 -37.43 -29.06 0.02
CA TYR B 155 -36.43 -28.65 -0.94
C TYR B 155 -36.41 -29.60 -2.13
N ALA B 156 -36.06 -29.06 -3.29
CA ALA B 156 -36.15 -29.82 -4.54
C ALA B 156 -34.97 -30.76 -4.76
N GLU B 157 -33.89 -30.61 -4.00
CA GLU B 157 -32.69 -31.41 -4.22
C GLU B 157 -32.21 -32.16 -2.98
N MET B 158 -33.03 -32.24 -1.94
CA MET B 158 -32.68 -32.99 -0.73
C MET B 158 -33.87 -33.83 -0.30
N LYS B 159 -33.61 -34.79 0.57
CA LYS B 159 -34.62 -35.73 1.05
C LYS B 159 -34.62 -35.76 2.56
N TRP B 160 -35.82 -35.63 3.15
CA TRP B 160 -36.02 -35.73 4.59
C TRP B 160 -36.35 -37.19 4.90
N LEU B 161 -35.45 -37.88 5.60
CA LEU B 161 -35.55 -39.32 5.74
C LEU B 161 -36.69 -39.75 6.66
N LEU B 162 -36.60 -39.38 7.95
CA LEU B 162 -37.65 -39.69 8.92
C LEU B 162 -37.80 -41.20 9.09
N SER B 163 -38.69 -41.64 9.97
CA SER B 163 -38.77 -43.05 10.36
C SER B 163 -40.03 -43.71 9.80
N ASN B 164 -40.10 -45.03 10.01
CA ASN B 164 -41.21 -45.81 9.46
C ASN B 164 -42.54 -45.37 10.05
N THR B 165 -42.61 -45.19 11.37
CA THR B 165 -43.84 -44.81 12.04
C THR B 165 -43.48 -44.14 13.36
N ASP B 166 -44.50 -43.62 14.03
CA ASP B 166 -44.28 -42.91 15.28
C ASP B 166 -43.65 -43.83 16.32
N ASN B 167 -42.60 -43.35 16.97
CA ASN B 167 -41.91 -44.07 18.03
C ASN B 167 -41.44 -45.45 17.54
N ALA B 168 -40.55 -45.42 16.55
CA ALA B 168 -40.00 -46.65 15.99
C ALA B 168 -38.48 -46.60 16.04
N ALA B 169 -37.83 -47.58 15.42
CA ALA B 169 -36.37 -47.67 15.43
C ALA B 169 -35.80 -47.27 14.08
N PHE B 170 -34.66 -46.59 14.12
CA PHE B 170 -33.95 -46.17 12.91
C PHE B 170 -32.66 -46.97 12.80
N PRO B 171 -32.56 -47.92 11.88
CA PRO B 171 -31.34 -48.71 11.75
C PRO B 171 -30.14 -47.84 11.38
N GLN B 172 -28.97 -48.24 11.87
CA GLN B 172 -27.75 -47.53 11.53
C GLN B 172 -27.31 -47.90 10.12
N MET B 173 -27.12 -46.88 9.28
CA MET B 173 -26.85 -47.13 7.86
C MET B 173 -25.60 -46.38 7.42
N THR B 174 -25.06 -46.83 6.28
CA THR B 174 -23.87 -46.25 5.67
C THR B 174 -24.09 -46.13 4.17
N LYS B 175 -23.58 -45.04 3.60
CA LYS B 175 -23.67 -44.77 2.17
C LYS B 175 -22.35 -44.21 1.68
N SER B 176 -22.07 -44.42 0.40
CA SER B 176 -20.81 -44.00 -0.19
C SER B 176 -21.02 -43.48 -1.61
N TYR B 177 -20.15 -42.58 -2.04
CA TYR B 177 -20.20 -42.04 -3.39
C TYR B 177 -18.79 -41.74 -3.87
N LYS B 178 -18.52 -42.01 -5.14
CA LYS B 178 -17.20 -41.83 -5.72
C LYS B 178 -17.26 -40.89 -6.91
N ASN B 179 -16.38 -39.89 -6.92
CA ASN B 179 -16.29 -38.99 -8.06
C ASN B 179 -15.63 -39.69 -9.25
N THR B 180 -16.03 -39.29 -10.44
CA THR B 180 -15.53 -39.91 -11.67
C THR B 180 -14.97 -38.90 -12.65
N ARG B 181 -15.57 -37.72 -12.76
CA ARG B 181 -15.13 -36.74 -13.75
C ARG B 181 -13.76 -36.18 -13.39
N LYS B 182 -13.27 -35.26 -14.21
CA LYS B 182 -11.93 -34.72 -14.08
C LYS B 182 -11.91 -33.34 -13.41
N ASN B 183 -12.89 -33.05 -12.56
CA ASN B 183 -12.96 -31.78 -11.88
C ASN B 183 -13.52 -31.99 -10.48
N PRO B 184 -13.18 -31.11 -9.54
CA PRO B 184 -13.73 -31.25 -8.18
C PRO B 184 -15.24 -31.08 -8.16
N ALA B 185 -15.88 -31.76 -7.22
CA ALA B 185 -17.33 -31.70 -7.04
C ALA B 185 -17.66 -31.01 -5.73
N LEU B 186 -18.92 -30.63 -5.58
CA LEU B 186 -19.41 -29.93 -4.40
C LEU B 186 -20.52 -30.76 -3.77
N ILE B 187 -20.39 -31.04 -2.46
CA ILE B 187 -21.35 -31.87 -1.74
C ILE B 187 -21.92 -31.07 -0.59
N VAL B 188 -23.23 -31.18 -0.40
CA VAL B 188 -23.95 -30.43 0.63
C VAL B 188 -24.90 -31.36 1.37
N TRP B 189 -24.93 -31.26 2.70
CA TRP B 189 -25.87 -32.03 3.51
C TRP B 189 -26.37 -31.15 4.66
N GLY B 190 -27.27 -31.70 5.46
CA GLY B 190 -27.91 -30.91 6.51
C GLY B 190 -28.23 -31.72 7.74
N ILE B 191 -28.33 -31.01 8.87
CA ILE B 191 -28.65 -31.61 10.16
C ILE B 191 -29.86 -30.87 10.74
N HIS B 192 -30.74 -31.62 11.39
CA HIS B 192 -32.00 -31.09 11.89
C HIS B 192 -31.99 -31.04 13.42
N HIS B 193 -32.24 -29.85 13.98
CA HIS B 193 -32.37 -29.67 15.42
C HIS B 193 -33.85 -29.49 15.74
N SER B 194 -34.42 -30.45 16.46
CA SER B 194 -35.84 -30.45 16.74
C SER B 194 -36.19 -29.38 17.78
N GLY B 195 -37.48 -29.09 17.87
CA GLY B 195 -37.99 -28.07 18.77
C GLY B 195 -38.26 -28.50 20.19
N SER B 196 -38.13 -29.79 20.49
CA SER B 196 -38.35 -30.30 21.83
C SER B 196 -37.77 -31.70 21.92
N THR B 197 -37.78 -32.27 23.12
CA THR B 197 -37.26 -33.61 23.32
C THR B 197 -38.30 -34.69 23.03
N ALA B 198 -39.56 -34.32 22.81
CA ALA B 198 -40.59 -35.30 22.47
C ALA B 198 -40.71 -35.49 20.96
N GLU B 199 -40.53 -34.41 20.18
CA GLU B 199 -40.61 -34.54 18.73
C GLU B 199 -39.46 -35.39 18.19
N GLN B 200 -38.29 -35.32 18.82
CA GLN B 200 -37.18 -36.15 18.39
C GLN B 200 -37.51 -37.63 18.52
N THR B 201 -38.13 -38.01 19.64
CA THR B 201 -38.51 -39.42 19.83
C THR B 201 -39.70 -39.79 18.97
N LYS B 202 -40.54 -38.81 18.63
CA LYS B 202 -41.67 -39.10 17.76
C LYS B 202 -41.25 -39.31 16.32
N LEU B 203 -40.19 -38.65 15.88
CA LEU B 203 -39.77 -38.71 14.48
C LEU B 203 -38.64 -39.69 14.22
N TYR B 204 -37.79 -39.98 15.22
CA TYR B 204 -36.69 -40.91 15.02
C TYR B 204 -36.54 -41.93 16.14
N GLY B 205 -37.44 -41.96 17.11
CA GLY B 205 -37.38 -42.94 18.17
C GLY B 205 -36.46 -42.51 19.31
N SER B 206 -36.57 -43.23 20.42
CA SER B 206 -35.82 -42.92 21.62
C SER B 206 -34.36 -43.36 21.47
N GLY B 207 -33.54 -42.86 22.38
CA GLY B 207 -32.12 -43.18 22.41
C GLY B 207 -31.25 -42.01 22.00
N ASN B 208 -30.03 -42.34 21.61
CA ASN B 208 -29.06 -41.34 21.18
C ASN B 208 -28.95 -41.33 19.66
N LYS B 209 -28.56 -40.18 19.13
CA LYS B 209 -28.40 -40.00 17.68
C LYS B 209 -27.03 -39.42 17.40
N LEU B 210 -26.44 -39.83 16.28
CA LEU B 210 -25.09 -39.42 15.92
C LEU B 210 -24.87 -39.67 14.44
N VAL B 211 -24.22 -38.72 13.77
CA VAL B 211 -23.86 -38.89 12.36
C VAL B 211 -22.37 -38.60 12.21
N THR B 212 -21.76 -39.19 11.19
CA THR B 212 -20.34 -39.01 10.91
C THR B 212 -20.10 -38.97 9.41
N VAL B 213 -19.19 -38.09 9.00
CA VAL B 213 -18.87 -37.87 7.59
C VAL B 213 -17.37 -38.06 7.42
N GLY B 214 -17.00 -38.87 6.43
CA GLY B 214 -15.59 -39.19 6.22
C GLY B 214 -15.23 -39.14 4.75
N SER B 215 -13.97 -38.82 4.50
CA SER B 215 -13.39 -38.81 3.16
C SER B 215 -11.88 -38.94 3.32
N SER B 216 -11.13 -38.66 2.25
CA SER B 216 -9.69 -38.76 2.32
C SER B 216 -9.11 -37.65 3.20
N ASN B 217 -9.52 -36.41 2.99
CA ASN B 217 -8.99 -35.25 3.70
C ASN B 217 -10.04 -34.59 4.57
N TYR B 218 -10.91 -35.38 5.21
CA TYR B 218 -12.03 -34.82 5.95
C TYR B 218 -12.60 -35.90 6.86
N GLN B 219 -12.83 -35.54 8.13
CA GLN B 219 -13.54 -36.42 9.05
C GLN B 219 -14.19 -35.56 10.12
N GLN B 220 -15.51 -35.72 10.28
CA GLN B 220 -16.23 -34.93 11.27
C GLN B 220 -17.40 -35.74 11.81
N SER B 221 -17.89 -35.32 12.97
CA SER B 221 -19.02 -35.95 13.64
C SER B 221 -20.00 -34.87 14.09
N PHE B 222 -21.28 -35.23 14.09
CA PHE B 222 -22.34 -34.30 14.47
C PHE B 222 -23.37 -35.01 15.32
N VAL B 223 -24.01 -34.25 16.21
CA VAL B 223 -25.02 -34.76 17.12
C VAL B 223 -26.08 -33.67 17.33
N PRO B 224 -27.38 -34.00 17.26
CA PRO B 224 -28.40 -32.96 17.39
C PRO B 224 -28.52 -32.42 18.81
N SER B 225 -29.37 -31.40 18.99
CA SER B 225 -29.56 -30.77 20.29
C SER B 225 -30.95 -30.13 20.36
N PRO B 226 -31.96 -30.85 20.84
CA PRO B 226 -33.32 -30.29 20.88
C PRO B 226 -33.44 -29.18 21.91
N GLY B 227 -34.40 -28.29 21.68
CA GLY B 227 -34.65 -27.19 22.59
C GLY B 227 -35.70 -26.26 22.02
N ALA B 228 -36.16 -25.36 22.87
CA ALA B 228 -37.19 -24.40 22.51
C ALA B 228 -36.57 -23.07 22.14
N ARG B 229 -37.02 -22.49 21.03
CA ARG B 229 -36.50 -21.23 20.51
C ARG B 229 -37.67 -20.34 20.11
N THR B 230 -37.35 -19.12 19.66
CA THR B 230 -38.37 -18.21 19.18
C THR B 230 -38.93 -18.69 17.85
N GLN B 231 -40.18 -18.30 17.58
CA GLN B 231 -40.89 -18.79 16.41
C GLN B 231 -40.59 -17.92 15.20
N VAL B 232 -40.04 -18.54 14.16
CA VAL B 232 -39.82 -17.89 12.87
C VAL B 232 -40.57 -18.68 11.82
N ASN B 233 -41.44 -18.00 11.07
CA ASN B 233 -42.32 -18.62 10.09
C ASN B 233 -43.25 -19.66 10.72
N GLY B 234 -43.50 -19.55 12.02
CA GLY B 234 -44.36 -20.49 12.71
C GLY B 234 -43.70 -21.77 13.15
N GLN B 235 -42.37 -21.85 13.11
CA GLN B 235 -41.65 -23.07 13.46
C GLN B 235 -40.64 -22.79 14.57
N SER B 236 -40.26 -23.85 15.28
CA SER B 236 -39.30 -23.76 16.36
C SER B 236 -38.02 -24.53 16.12
N GLY B 237 -38.01 -25.52 15.22
CA GLY B 237 -36.81 -26.25 14.90
C GLY B 237 -35.91 -25.49 13.96
N ARG B 238 -34.73 -26.06 13.71
CA ARG B 238 -33.74 -25.42 12.84
C ARG B 238 -33.06 -26.48 11.98
N ILE B 239 -32.47 -26.01 10.88
CA ILE B 239 -31.70 -26.86 9.97
C ILE B 239 -30.37 -26.18 9.69
N ASP B 240 -29.28 -26.94 9.81
CA ASP B 240 -27.93 -26.44 9.55
C ASP B 240 -27.37 -27.13 8.33
N PHE B 241 -26.78 -26.36 7.42
CA PHE B 241 -26.25 -26.87 6.16
C PHE B 241 -24.72 -26.86 6.19
N HIS B 242 -24.12 -27.96 5.75
CA HIS B 242 -22.67 -28.08 5.65
C HIS B 242 -22.30 -28.51 4.24
N TRP B 243 -21.08 -28.17 3.83
CA TRP B 243 -20.62 -28.42 2.47
C TRP B 243 -19.16 -28.83 2.48
N LEU B 244 -18.74 -29.48 1.39
CA LEU B 244 -17.35 -29.88 1.20
C LEU B 244 -17.06 -29.99 -0.28
N MET B 245 -15.76 -29.98 -0.60
CA MET B 245 -15.27 -30.05 -1.97
C MET B 245 -14.49 -31.34 -2.16
N LEU B 246 -14.71 -32.01 -3.29
CA LEU B 246 -14.19 -33.35 -3.53
C LEU B 246 -13.22 -33.34 -4.71
N ASN B 247 -12.04 -33.92 -4.51
CA ASN B 247 -11.04 -34.08 -5.54
C ASN B 247 -11.47 -35.18 -6.51
N PRO B 248 -11.02 -35.12 -7.77
CA PRO B 248 -11.64 -35.96 -8.80
C PRO B 248 -11.10 -37.37 -8.88
N ASN B 249 -10.83 -38.00 -7.74
CA ASN B 249 -10.64 -39.45 -7.75
C ASN B 249 -11.10 -40.10 -6.44
N ASP B 250 -11.66 -39.34 -5.50
CA ASP B 250 -11.82 -39.76 -4.12
C ASP B 250 -13.19 -40.39 -3.87
N THR B 251 -13.52 -40.57 -2.59
CA THR B 251 -14.76 -41.19 -2.17
C THR B 251 -15.24 -40.51 -0.88
N VAL B 252 -16.55 -40.40 -0.72
CA VAL B 252 -17.17 -39.80 0.45
C VAL B 252 -18.09 -40.83 1.09
N THR B 253 -18.04 -40.94 2.41
CA THR B 253 -18.84 -41.90 3.15
C THR B 253 -19.62 -41.19 4.25
N PHE B 254 -20.92 -41.49 4.33
CA PHE B 254 -21.80 -41.01 5.38
C PHE B 254 -22.24 -42.20 6.22
N SER B 255 -22.10 -42.08 7.55
CA SER B 255 -22.64 -43.08 8.47
C SER B 255 -23.61 -42.38 9.41
N PHE B 256 -24.84 -42.87 9.46
CA PHE B 256 -25.85 -42.13 10.23
C PHE B 256 -26.83 -43.06 10.89
N ASN B 257 -27.48 -42.52 11.93
CA ASN B 257 -28.50 -43.22 12.70
C ASN B 257 -29.79 -42.42 12.85
N GLY B 258 -29.77 -41.11 12.68
CA GLY B 258 -30.98 -40.31 12.76
C GLY B 258 -30.66 -38.85 12.55
N ALA B 259 -31.72 -38.07 12.30
CA ALA B 259 -31.63 -36.62 12.09
C ALA B 259 -30.68 -36.29 10.94
N PHE B 260 -31.05 -36.75 9.75
CA PHE B 260 -30.23 -36.57 8.56
C PHE B 260 -31.08 -36.05 7.42
N ILE B 261 -30.54 -35.08 6.68
CA ILE B 261 -31.14 -34.56 5.47
C ILE B 261 -30.24 -34.96 4.32
N ALA B 262 -30.68 -35.90 3.50
CA ALA B 262 -29.73 -36.48 2.57
C ALA B 262 -29.71 -35.71 1.25
N PRO B 263 -28.53 -35.59 0.64
CA PRO B 263 -28.44 -34.96 -0.68
C PRO B 263 -28.94 -35.90 -1.78
N ASP B 264 -29.16 -35.31 -2.96
CA ASP B 264 -29.70 -36.07 -4.07
C ASP B 264 -28.90 -35.86 -5.35
N ARG B 265 -28.25 -34.69 -5.48
CA ARG B 265 -27.50 -34.37 -6.68
C ARG B 265 -26.25 -33.59 -6.30
N ALA B 266 -25.24 -33.65 -7.17
CA ALA B 266 -23.98 -32.97 -6.98
C ALA B 266 -23.77 -31.93 -8.08
N SER B 267 -23.00 -30.89 -7.77
CA SER B 267 -22.84 -29.74 -8.64
C SER B 267 -21.41 -29.62 -9.13
N PHE B 268 -21.27 -29.19 -10.39
CA PHE B 268 -19.98 -28.93 -11.02
C PHE B 268 -19.99 -27.53 -11.63
N LEU B 269 -18.85 -26.87 -11.60
CA LEU B 269 -18.74 -25.52 -12.15
C LEU B 269 -18.43 -25.57 -13.64
N ARG B 270 -18.53 -24.42 -14.28
CA ARG B 270 -18.23 -24.31 -15.72
C ARG B 270 -17.85 -22.89 -16.05
N GLY B 271 -16.64 -22.68 -16.54
CA GLY B 271 -16.22 -21.37 -17.01
C GLY B 271 -15.89 -20.40 -15.90
N LYS B 272 -16.03 -19.12 -16.21
CA LYS B 272 -15.76 -18.04 -15.26
C LYS B 272 -16.65 -16.85 -15.60
N SER B 273 -16.87 -15.99 -14.60
CA SER B 273 -17.75 -14.84 -14.74
C SER B 273 -17.45 -13.85 -13.62
N MET B 274 -18.30 -12.84 -13.50
CA MET B 274 -18.16 -11.82 -12.46
C MET B 274 -19.55 -11.48 -11.90
N GLY B 275 -19.59 -11.17 -10.62
CA GLY B 275 -20.85 -10.87 -9.96
C GLY B 275 -20.79 -9.56 -9.21
N ILE B 276 -21.94 -8.88 -9.16
CA ILE B 276 -22.07 -7.57 -8.53
C ILE B 276 -23.37 -7.53 -7.74
N GLN B 277 -23.48 -6.53 -6.87
CA GLN B 277 -24.70 -6.21 -6.15
C GLN B 277 -25.14 -4.80 -6.53
N SER B 278 -26.40 -4.65 -6.94
CA SER B 278 -26.88 -3.38 -7.46
C SER B 278 -28.36 -3.23 -7.14
N GLY B 279 -28.90 -2.06 -7.49
CA GLY B 279 -30.29 -1.77 -7.23
C GLY B 279 -30.98 -0.97 -8.33
N VAL B 280 -30.40 -0.98 -9.54
CA VAL B 280 -30.95 -0.26 -10.68
C VAL B 280 -31.32 -1.27 -11.76
N GLN B 281 -31.92 -0.77 -12.83
CA GLN B 281 -32.43 -1.62 -13.91
C GLN B 281 -31.28 -2.01 -14.84
N VAL B 282 -31.62 -2.67 -15.95
CA VAL B 282 -30.63 -3.25 -16.87
C VAL B 282 -30.88 -2.68 -18.26
N ASP B 283 -29.82 -2.24 -18.92
CA ASP B 283 -29.88 -1.71 -20.28
C ASP B 283 -29.05 -2.61 -21.19
N ALA B 284 -29.63 -3.01 -22.32
CA ALA B 284 -28.98 -3.93 -23.24
C ALA B 284 -28.31 -3.24 -24.42
N ASP B 285 -28.41 -1.92 -24.54
CA ASP B 285 -27.75 -1.15 -25.59
C ASP B 285 -26.81 -0.17 -24.90
N CYS B 286 -25.61 -0.63 -24.59
CA CYS B 286 -24.65 0.11 -23.79
C CYS B 286 -23.38 -0.73 -23.71
N GLU B 287 -22.29 -0.10 -23.27
CA GLU B 287 -21.03 -0.81 -23.12
C GLU B 287 -20.28 -0.23 -21.92
N GLY B 288 -19.70 -1.12 -21.12
CA GLY B 288 -18.94 -0.66 -19.96
C GLY B 288 -18.21 -1.82 -19.33
N ASP B 289 -17.27 -1.47 -18.45
CA ASP B 289 -16.51 -2.46 -17.71
C ASP B 289 -16.31 -2.10 -16.25
N CYS B 290 -16.87 -0.99 -15.77
CA CYS B 290 -16.73 -0.57 -14.38
C CYS B 290 -18.12 -0.39 -13.80
N TYR B 291 -18.43 -1.17 -12.76
CA TYR B 291 -19.75 -1.16 -12.15
C TYR B 291 -19.64 -0.84 -10.67
N TYR B 292 -20.70 -0.21 -10.15
CA TYR B 292 -20.88 -0.06 -8.72
C TYR B 292 -22.38 -0.13 -8.42
N SER B 293 -22.76 0.14 -7.19
CA SER B 293 -24.12 -0.08 -6.75
C SER B 293 -25.10 0.98 -7.25
N GLY B 294 -24.70 1.82 -8.21
CA GLY B 294 -25.58 2.87 -8.68
C GLY B 294 -25.57 3.05 -10.19
N GLY B 295 -24.78 2.27 -10.90
CA GLY B 295 -24.74 2.38 -12.34
C GLY B 295 -23.39 1.97 -12.88
N THR B 296 -23.00 2.61 -13.99
CA THR B 296 -21.79 2.29 -14.72
C THR B 296 -20.95 3.54 -14.89
N ILE B 297 -19.63 3.40 -14.82
CA ILE B 297 -18.69 4.49 -15.00
C ILE B 297 -17.98 4.30 -16.33
N ILE B 298 -18.16 5.25 -17.24
CA ILE B 298 -17.54 5.21 -18.56
C ILE B 298 -16.67 6.45 -18.70
N SER B 299 -15.36 6.25 -18.77
CA SER B 299 -14.42 7.37 -18.89
C SER B 299 -13.05 6.84 -19.26
N ASN B 300 -12.19 7.76 -19.69
CA ASN B 300 -10.79 7.47 -19.95
C ASN B 300 -9.85 8.20 -19.01
N LEU B 301 -10.36 9.06 -18.14
CA LEU B 301 -9.53 9.78 -17.21
C LEU B 301 -8.92 8.83 -16.19
N PRO B 302 -7.74 9.17 -15.65
CA PRO B 302 -7.07 8.23 -14.73
C PRO B 302 -7.59 8.23 -13.31
N PHE B 303 -8.48 9.16 -12.93
CA PHE B 303 -8.94 9.26 -11.55
C PHE B 303 -10.45 9.43 -11.52
N GLN B 304 -11.05 9.07 -10.38
CA GLN B 304 -12.49 9.16 -10.19
C GLN B 304 -12.78 9.55 -8.74
N ASN B 305 -13.97 10.12 -8.54
CA ASN B 305 -14.41 10.55 -7.22
C ASN B 305 -15.88 10.20 -7.00
N ILE B 306 -16.26 8.98 -7.35
CA ILE B 306 -17.66 8.54 -7.25
C ILE B 306 -17.85 7.52 -6.13
N ASP B 307 -17.17 6.38 -6.22
CA ASP B 307 -17.28 5.34 -5.21
C ASP B 307 -15.93 4.66 -5.02
N SER B 308 -15.69 4.16 -3.81
CA SER B 308 -14.42 3.52 -3.48
C SER B 308 -14.47 2.01 -3.53
N ARG B 309 -15.62 1.42 -3.85
CA ARG B 309 -15.79 -0.03 -3.89
C ARG B 309 -16.30 -0.49 -5.25
N ALA B 310 -15.79 0.12 -6.32
CA ALA B 310 -16.15 -0.30 -7.67
C ALA B 310 -15.37 -1.55 -8.06
N VAL B 311 -15.94 -2.32 -8.99
CA VAL B 311 -15.35 -3.57 -9.43
C VAL B 311 -15.25 -3.57 -10.95
N GLY B 312 -14.22 -4.25 -11.46
CA GLY B 312 -13.94 -4.29 -12.87
C GLY B 312 -12.62 -3.62 -13.20
N LYS B 313 -12.58 -2.96 -14.36
CA LYS B 313 -11.43 -2.17 -14.78
C LYS B 313 -11.80 -0.70 -14.61
N CYS B 314 -11.39 -0.11 -13.49
CA CYS B 314 -11.85 1.19 -13.07
C CYS B 314 -10.67 2.11 -12.81
N PRO B 315 -10.88 3.43 -12.90
CA PRO B 315 -9.85 4.38 -12.45
C PRO B 315 -9.75 4.36 -10.93
N ARG B 316 -8.65 4.92 -10.43
CA ARG B 316 -8.40 4.92 -9.00
C ARG B 316 -9.22 6.01 -8.30
N TYR B 317 -9.44 5.80 -7.01
CA TYR B 317 -10.26 6.70 -6.21
C TYR B 317 -9.40 7.70 -5.47
N VAL B 318 -9.76 8.98 -5.56
CA VAL B 318 -9.09 10.05 -4.84
C VAL B 318 -10.15 10.87 -4.11
N LYS B 319 -9.72 11.56 -3.07
CA LYS B 319 -10.64 12.33 -2.24
C LYS B 319 -10.77 13.79 -2.66
N GLN B 320 -10.09 14.21 -3.73
CA GLN B 320 -10.22 15.55 -4.24
C GLN B 320 -11.35 15.64 -5.26
N ARG B 321 -11.88 16.83 -5.44
CA ARG B 321 -13.04 17.02 -6.30
C ARG B 321 -12.67 17.45 -7.71
N SER B 322 -11.55 18.16 -7.89
CA SER B 322 -11.15 18.63 -9.20
C SER B 322 -9.66 18.88 -9.24
N LEU B 323 -9.05 18.60 -10.40
CA LEU B 323 -7.62 18.82 -10.61
C LEU B 323 -7.43 19.19 -12.08
N LEU B 324 -7.06 20.44 -12.34
CA LEU B 324 -6.96 20.95 -13.70
C LEU B 324 -5.53 20.85 -14.23
N LEU B 325 -5.42 20.59 -15.53
CA LEU B 325 -4.14 20.46 -16.21
C LEU B 325 -4.01 21.54 -17.28
N ALA B 326 -2.88 22.24 -17.30
CA ALA B 326 -2.68 23.36 -18.21
C ALA B 326 -2.49 22.88 -19.64
N THR B 327 -2.90 23.72 -20.60
CA THR B 327 -2.84 23.36 -22.01
C THR B 327 -2.45 24.59 -22.84
N GLY B 328 -1.86 25.59 -22.20
CA GLY B 328 -1.46 26.80 -22.90
C GLY B 328 -0.48 27.61 -22.10
N MET B 329 -0.08 28.73 -22.67
CA MET B 329 0.88 29.62 -22.02
C MET B 329 0.18 30.54 -21.02
N LYS B 330 0.98 31.28 -20.27
CA LYS B 330 0.44 32.22 -19.30
C LYS B 330 -0.30 33.35 -20.00
N ASN B 331 -1.44 33.75 -19.44
CA ASN B 331 -2.30 34.74 -20.07
C ASN B 331 -1.95 36.13 -19.55
N VAL B 332 -1.62 37.03 -20.47
CA VAL B 332 -1.32 38.42 -20.14
C VAL B 332 -2.24 39.31 -20.97
N PRO B 333 -3.41 39.69 -20.46
CA PRO B 333 -4.35 40.48 -21.26
C PRO B 333 -3.88 41.91 -21.44
N GLU B 334 -4.44 42.57 -22.44
CA GLU B 334 -4.13 43.96 -22.71
C GLU B 334 -4.68 44.85 -21.60
N ILE B 335 -4.06 46.02 -21.46
CA ILE B 335 -4.40 47.03 -20.44
C ILE B 335 -4.68 46.40 -19.08
N ALA C 18 41.66 36.85 -42.35
CA ALA C 18 40.78 35.82 -42.88
C ALA C 18 40.93 34.53 -42.10
N ASP C 19 40.71 34.60 -40.79
CA ASP C 19 40.82 33.46 -39.89
C ASP C 19 39.45 33.15 -39.28
N LYS C 20 39.24 31.88 -38.93
CA LYS C 20 37.94 31.41 -38.46
C LYS C 20 38.14 30.32 -37.42
N ILE C 21 37.33 30.35 -36.36
CA ILE C 21 37.33 29.31 -35.33
C ILE C 21 35.89 28.91 -35.03
N CYS C 22 35.64 27.60 -35.03
CA CYS C 22 34.28 27.09 -34.88
C CYS C 22 34.22 26.15 -33.69
N LEU C 23 33.00 25.90 -33.22
CA LEU C 23 32.73 25.06 -32.05
C LEU C 23 31.71 24.00 -32.41
N GLY C 24 31.79 22.86 -31.72
CA GLY C 24 30.88 21.76 -31.99
C GLY C 24 30.98 20.71 -30.91
N HIS C 25 30.25 19.62 -31.12
CA HIS C 25 30.18 18.50 -30.20
C HIS C 25 30.31 17.19 -30.97
N HIS C 26 30.41 16.09 -30.24
CA HIS C 26 30.63 14.79 -30.86
C HIS C 26 29.30 14.09 -31.18
N ALA C 27 29.41 13.00 -31.93
CA ALA C 27 28.24 12.23 -32.35
C ALA C 27 28.69 10.82 -32.67
N VAL C 28 27.72 9.92 -32.78
CA VAL C 28 27.96 8.50 -33.05
C VAL C 28 27.03 8.05 -34.17
N SER C 29 27.40 6.92 -34.79
CA SER C 29 26.67 6.45 -35.96
C SER C 29 25.30 5.87 -35.59
N ASN C 30 25.24 5.08 -34.52
CA ASN C 30 24.00 4.43 -34.11
C ASN C 30 23.77 4.64 -32.62
N GLY C 31 22.57 5.09 -32.26
CA GLY C 31 22.26 5.37 -30.86
C GLY C 31 21.18 4.48 -30.29
N THR C 32 20.62 4.88 -29.14
CA THR C 32 19.60 4.11 -28.45
C THR C 32 18.38 4.98 -28.20
N LYS C 33 17.21 4.36 -28.15
CA LYS C 33 15.95 5.08 -28.03
C LYS C 33 15.43 5.01 -26.60
N VAL C 34 15.06 6.17 -26.06
CA VAL C 34 14.55 6.28 -24.70
C VAL C 34 13.27 7.12 -24.72
N ASN C 35 12.62 7.21 -23.57
CA ASN C 35 11.37 7.93 -23.42
C ASN C 35 11.56 9.12 -22.48
N THR C 36 10.97 10.26 -22.85
CA THR C 36 11.05 11.48 -22.05
C THR C 36 9.64 11.89 -21.62
N LEU C 37 9.54 13.08 -21.03
CA LEU C 37 8.25 13.57 -20.53
C LEU C 37 7.28 13.93 -21.64
N CYS C 38 7.78 14.32 -22.82
CA CYS C 38 6.88 14.81 -23.87
C CYS C 38 7.12 14.13 -25.21
N GLU C 39 7.78 12.98 -25.24
CA GLU C 39 8.00 12.26 -26.50
C GLU C 39 8.35 10.81 -26.18
N ARG C 40 8.19 9.96 -27.18
CA ARG C 40 8.54 8.55 -27.09
C ARG C 40 9.46 8.20 -28.26
N GLY C 41 10.65 7.69 -27.95
CA GLY C 41 11.59 7.29 -28.96
C GLY C 41 12.66 8.30 -29.30
N VAL C 42 13.21 9.01 -28.33
CA VAL C 42 14.28 9.97 -28.57
C VAL C 42 15.61 9.23 -28.60
N GLU C 43 16.48 9.61 -29.53
CA GLU C 43 17.73 8.91 -29.77
C GLU C 43 18.88 9.60 -29.05
N VAL C 44 19.69 8.80 -28.34
CA VAL C 44 20.83 9.28 -27.57
C VAL C 44 22.03 8.39 -27.84
N VAL C 45 23.16 8.73 -27.22
CA VAL C 45 24.42 8.02 -27.49
C VAL C 45 24.55 6.77 -26.63
N ASN C 46 24.27 6.89 -25.33
CA ASN C 46 24.11 5.75 -24.43
C ASN C 46 22.81 5.73 -23.66
N ALA C 47 22.51 4.53 -23.19
CA ALA C 47 21.48 4.24 -22.20
C ALA C 47 21.85 2.92 -21.53
N THR C 48 21.34 2.73 -20.32
CA THR C 48 21.55 1.52 -19.55
C THR C 48 20.20 0.95 -19.12
N GLU C 49 20.25 -0.24 -18.55
CA GLU C 49 19.04 -0.97 -18.15
C GLU C 49 18.88 -0.92 -16.63
N THR C 50 17.62 -0.88 -16.19
CA THR C 50 17.30 -0.80 -14.77
C THR C 50 16.35 -1.89 -14.30
N VAL C 51 16.13 -2.93 -15.09
CA VAL C 51 15.25 -4.03 -14.72
C VAL C 51 16.00 -5.35 -14.94
N GLU C 52 15.97 -6.22 -13.94
CA GLU C 52 16.70 -7.48 -13.98
C GLU C 52 15.83 -8.58 -14.56
N ARG C 53 16.45 -9.45 -15.37
CA ARG C 53 15.71 -10.52 -16.03
C ARG C 53 16.45 -11.85 -16.04
N THR C 54 17.59 -11.98 -15.38
CA THR C 54 18.38 -13.20 -15.39
C THR C 54 18.56 -13.74 -13.97
N ASN C 55 18.72 -15.06 -13.88
CA ASN C 55 18.86 -15.72 -12.59
C ASN C 55 19.86 -16.87 -12.73
N ILE C 56 20.10 -17.56 -11.62
CA ILE C 56 20.96 -18.74 -11.56
C ILE C 56 20.09 -19.91 -11.14
N PRO C 57 20.04 -20.99 -11.93
CA PRO C 57 19.14 -22.12 -11.62
C PRO C 57 19.67 -23.07 -10.55
N ARG C 58 20.14 -22.50 -9.44
CA ARG C 58 20.65 -23.27 -8.32
C ARG C 58 20.43 -22.49 -7.04
N ILE C 59 20.57 -23.17 -5.91
CA ILE C 59 20.46 -22.55 -4.60
C ILE C 59 21.86 -22.23 -4.11
N CYS C 60 22.21 -20.94 -4.10
CA CYS C 60 23.53 -20.50 -3.68
C CYS C 60 23.56 -20.36 -2.16
N SER C 61 24.44 -21.14 -1.51
CA SER C 61 24.49 -21.15 -0.05
C SER C 61 25.93 -21.40 0.37
N LYS C 62 26.67 -20.33 0.68
CA LYS C 62 28.01 -20.44 1.23
C LYS C 62 28.10 -19.54 2.46
N GLY C 63 28.74 -20.05 3.51
CA GLY C 63 28.82 -19.33 4.76
C GLY C 63 27.64 -19.54 5.69
N LYS C 64 26.69 -20.39 5.33
CA LYS C 64 25.55 -20.69 6.18
C LYS C 64 25.32 -22.19 6.21
N ARG C 65 24.72 -22.67 7.30
CA ARG C 65 24.42 -24.08 7.47
C ARG C 65 23.05 -24.39 6.89
N THR C 66 22.99 -25.34 5.97
CA THR C 66 21.76 -25.71 5.29
C THR C 66 21.37 -27.13 5.64
N VAL C 67 20.07 -27.36 5.81
CA VAL C 67 19.51 -28.69 6.01
C VAL C 67 18.52 -28.94 4.89
N ASP C 68 18.69 -30.04 4.17
CA ASP C 68 17.87 -30.38 3.01
C ASP C 68 16.99 -31.57 3.38
N LEU C 69 15.77 -31.28 3.84
CA LEU C 69 14.82 -32.34 4.14
C LEU C 69 14.41 -33.02 2.85
N GLY C 70 14.36 -34.35 2.88
CA GLY C 70 13.99 -35.11 1.71
C GLY C 70 12.54 -35.54 1.74
N GLN C 71 12.29 -36.82 2.06
CA GLN C 71 10.94 -37.31 2.22
C GLN C 71 10.28 -36.85 3.51
N CYS C 72 11.04 -36.23 4.41
CA CYS C 72 10.51 -35.82 5.70
C CYS C 72 9.81 -34.47 5.60
N GLY C 73 8.60 -34.40 6.16
CA GLY C 73 7.91 -33.14 6.27
C GLY C 73 8.38 -32.32 7.45
N LEU C 74 8.10 -31.02 7.40
CA LEU C 74 8.56 -30.13 8.47
C LEU C 74 7.91 -30.49 9.79
N LEU C 75 6.62 -30.80 9.79
CA LEU C 75 5.90 -31.10 11.02
C LEU C 75 6.21 -32.49 11.56
N GLY C 76 6.84 -33.36 10.77
CA GLY C 76 7.15 -34.70 11.25
C GLY C 76 8.25 -34.72 12.29
N THR C 77 9.14 -33.73 12.27
CA THR C 77 10.28 -33.71 13.18
C THR C 77 9.85 -33.63 14.64
N ILE C 78 8.60 -33.25 14.91
CA ILE C 78 8.12 -33.22 16.28
C ILE C 78 7.65 -34.60 16.72
N THR C 79 7.04 -35.37 15.80
CA THR C 79 6.48 -36.67 16.15
C THR C 79 7.42 -37.83 15.83
N GLY C 80 8.12 -37.77 14.72
CA GLY C 80 9.14 -38.75 14.41
C GLY C 80 8.66 -40.01 13.71
N PRO C 81 8.06 -39.88 12.53
CA PRO C 81 7.77 -41.07 11.72
C PRO C 81 9.05 -41.68 11.22
N PRO C 82 9.02 -42.93 10.72
CA PRO C 82 10.27 -43.62 10.38
C PRO C 82 11.08 -42.96 9.27
N GLN C 83 10.50 -41.97 8.59
CA GLN C 83 11.22 -41.27 7.53
C GLN C 83 11.90 -39.99 8.01
N CYS C 84 11.81 -39.68 9.31
CA CYS C 84 12.42 -38.49 9.90
C CYS C 84 13.34 -38.87 11.05
N ASP C 85 14.01 -40.01 10.94
CA ASP C 85 14.81 -40.52 12.05
C ASP C 85 16.11 -39.76 12.24
N GLN C 86 16.63 -39.11 11.21
CA GLN C 86 17.90 -38.40 11.30
C GLN C 86 17.75 -36.90 11.46
N PHE C 87 16.52 -36.40 11.60
CA PHE C 87 16.26 -34.97 11.76
C PHE C 87 15.55 -34.67 13.08
N LEU C 88 15.77 -35.50 14.10
CA LEU C 88 15.08 -35.29 15.37
C LEU C 88 15.59 -34.08 16.12
N GLU C 89 16.90 -33.81 16.04
CA GLU C 89 17.51 -32.61 16.65
C GLU C 89 18.49 -32.04 15.64
N PHE C 90 18.04 -31.06 14.87
CA PHE C 90 18.87 -30.46 13.82
C PHE C 90 19.12 -28.99 14.12
N SER C 91 20.20 -28.47 13.55
CA SER C 91 20.55 -27.06 13.65
C SER C 91 20.90 -26.55 12.26
N ALA C 92 20.31 -25.41 11.89
CA ALA C 92 20.53 -24.89 10.53
C ALA C 92 20.22 -23.41 10.50
N ASP C 93 20.72 -22.76 9.45
CA ASP C 93 20.36 -21.38 9.14
C ASP C 93 19.45 -21.26 7.91
N LEU C 94 19.39 -22.29 7.08
CA LEU C 94 18.52 -22.31 5.90
C LEU C 94 17.85 -23.67 5.83
N ILE C 95 16.53 -23.67 5.69
CA ILE C 95 15.73 -24.89 5.66
C ILE C 95 15.02 -24.97 4.32
N ILE C 96 15.14 -26.12 3.65
CA ILE C 96 14.56 -26.33 2.33
C ILE C 96 13.59 -27.49 2.40
N GLU C 97 12.37 -27.28 1.88
CA GLU C 97 11.33 -28.29 1.85
C GLU C 97 11.05 -28.70 0.41
N ARG C 98 10.82 -29.99 0.20
CA ARG C 98 10.55 -30.54 -1.12
C ARG C 98 9.08 -30.91 -1.24
N ARG C 99 8.67 -31.22 -2.48
CA ARG C 99 7.27 -31.50 -2.76
C ARG C 99 6.82 -32.88 -2.31
N GLU C 100 7.74 -33.83 -2.18
CA GLU C 100 7.40 -35.20 -1.85
C GLU C 100 7.41 -35.48 -0.36
N GLY C 101 7.59 -34.46 0.48
CA GLY C 101 7.66 -34.68 1.91
C GLY C 101 6.31 -35.03 2.50
N SER C 102 6.30 -36.01 3.40
CA SER C 102 5.10 -36.43 4.12
C SER C 102 5.46 -36.55 5.60
N ASP C 103 4.47 -36.27 6.46
CA ASP C 103 4.69 -36.21 7.90
C ASP C 103 3.78 -37.13 8.68
N VAL C 104 3.25 -38.18 8.06
CA VAL C 104 2.38 -39.14 8.74
C VAL C 104 2.72 -40.55 8.26
N CYS C 105 2.73 -41.49 9.20
CA CYS C 105 2.80 -42.91 8.86
C CYS C 105 1.49 -43.64 9.10
N TYR C 106 0.63 -43.12 9.97
CA TYR C 106 -0.73 -43.58 10.21
C TYR C 106 -1.69 -42.45 9.83
N PRO C 107 -2.81 -42.77 9.18
CA PRO C 107 -3.68 -41.71 8.65
C PRO C 107 -4.11 -40.72 9.72
N GLY C 108 -4.09 -39.45 9.35
CA GLY C 108 -4.43 -38.39 10.28
C GLY C 108 -3.94 -37.05 9.77
N LYS C 109 -4.17 -36.03 10.59
CA LYS C 109 -3.75 -34.69 10.23
C LYS C 109 -3.63 -33.83 11.49
N PHE C 110 -2.91 -32.73 11.35
CA PHE C 110 -2.73 -31.76 12.42
C PHE C 110 -3.90 -30.78 12.46
N VAL C 111 -3.93 -29.97 13.51
CA VAL C 111 -4.91 -28.91 13.69
C VAL C 111 -4.16 -27.60 13.83
N ASN C 112 -4.56 -26.58 13.06
CA ASN C 112 -3.89 -25.29 13.01
C ASN C 112 -2.46 -25.46 12.51
N GLU C 113 -2.33 -26.08 11.34
CA GLU C 113 -1.02 -26.49 10.83
C GLU C 113 -0.21 -25.31 10.30
N GLU C 114 -0.87 -24.33 9.69
CA GLU C 114 -0.14 -23.22 9.07
C GLU C 114 0.60 -22.39 10.10
N ALA C 115 -0.03 -22.11 11.25
CA ALA C 115 0.63 -21.35 12.29
C ALA C 115 1.85 -22.09 12.82
N LEU C 116 1.71 -23.41 13.04
CA LEU C 116 2.85 -24.19 13.51
C LEU C 116 3.98 -24.20 12.50
N ARG C 117 3.65 -24.31 11.21
CA ARG C 117 4.68 -24.28 10.17
C ARG C 117 5.39 -22.94 10.16
N GLN C 118 4.65 -21.84 10.29
CA GLN C 118 5.27 -20.53 10.31
C GLN C 118 6.16 -20.36 11.54
N ILE C 119 5.75 -20.94 12.68
CA ILE C 119 6.58 -20.89 13.87
C ILE C 119 7.88 -21.66 13.64
N LEU C 120 7.78 -22.85 13.07
CA LEU C 120 8.94 -23.73 12.95
C LEU C 120 9.90 -23.28 11.86
N ARG C 121 9.41 -22.57 10.83
CA ARG C 121 10.27 -22.18 9.72
C ARG C 121 11.40 -21.25 10.16
N GLU C 122 11.22 -20.51 11.24
CA GLU C 122 12.22 -19.56 11.73
C GLU C 122 12.81 -19.96 13.07
N SER C 123 12.54 -21.18 13.54
CA SER C 123 13.04 -21.61 14.84
C SER C 123 14.57 -21.68 14.85
N GLY C 124 15.16 -22.18 13.78
CA GLY C 124 16.59 -22.41 13.74
C GLY C 124 17.03 -23.74 14.30
N GLY C 125 16.09 -24.62 14.66
CA GLY C 125 16.43 -25.91 15.22
C GLY C 125 15.58 -26.25 16.42
N ILE C 126 15.69 -27.48 16.92
CA ILE C 126 14.94 -27.93 18.08
C ILE C 126 15.85 -28.73 19.00
N ASP C 127 15.47 -28.77 20.27
CA ASP C 127 16.16 -29.55 21.29
C ASP C 127 15.12 -30.29 22.12
N LYS C 128 15.38 -31.56 22.40
CA LYS C 128 14.42 -32.44 23.05
C LYS C 128 14.80 -32.67 24.51
N GLU C 129 13.79 -32.75 25.37
CA GLU C 129 13.98 -33.01 26.79
C GLU C 129 12.91 -33.97 27.28
N ALA C 130 13.30 -34.94 28.10
CA ALA C 130 12.37 -35.95 28.58
C ALA C 130 11.39 -35.36 29.58
N MET C 131 10.25 -36.05 29.74
CA MET C 131 9.19 -35.62 30.64
C MET C 131 9.13 -36.43 31.93
N GLY C 132 9.23 -37.75 31.85
CA GLY C 132 9.30 -38.58 33.03
C GLY C 132 8.02 -39.24 33.48
N PHE C 133 7.01 -39.34 32.61
CA PHE C 133 5.77 -40.01 33.00
C PHE C 133 6.01 -41.51 33.17
N THR C 134 5.30 -42.10 34.13
CA THR C 134 5.34 -43.54 34.37
C THR C 134 3.93 -44.05 34.59
N TYR C 135 3.69 -45.29 34.15
CA TYR C 135 2.36 -45.87 34.18
C TYR C 135 2.40 -47.24 34.84
N SER C 136 1.29 -47.61 35.47
CA SER C 136 1.15 -48.88 36.16
C SER C 136 -0.15 -49.55 35.78
N GLY C 137 -0.10 -50.87 35.56
CA GLY C 137 -1.28 -51.63 35.23
C GLY C 137 -1.54 -51.79 33.75
N ILE C 138 -1.79 -50.67 33.07
CA ILE C 138 -2.13 -50.69 31.64
C ILE C 138 -0.90 -51.04 30.82
N ARG C 139 -1.10 -51.36 29.55
CA ARG C 139 -0.02 -51.67 28.64
C ARG C 139 0.56 -50.39 28.03
N THR C 140 1.64 -50.54 27.28
CA THR C 140 2.31 -49.40 26.66
C THR C 140 2.75 -49.61 25.22
N ASN C 141 2.89 -50.85 24.75
CA ASN C 141 3.60 -51.15 23.51
C ASN C 141 2.67 -51.33 22.31
N GLY C 142 1.60 -50.55 22.22
CA GLY C 142 0.74 -50.61 21.05
C GLY C 142 1.47 -50.29 19.77
N ALA C 143 1.31 -51.13 18.74
CA ALA C 143 2.03 -50.96 17.48
C ALA C 143 1.12 -51.30 16.32
N THR C 144 1.47 -50.78 15.15
CA THR C 144 0.71 -50.99 13.93
C THR C 144 1.65 -51.37 12.79
N SER C 145 1.07 -51.92 11.73
CA SER C 145 1.83 -52.38 10.58
C SER C 145 2.03 -51.30 9.52
N SER C 146 1.45 -50.12 9.71
CA SER C 146 1.58 -49.03 8.74
C SER C 146 2.85 -48.22 8.94
N CYS C 147 3.55 -48.39 10.05
CA CYS C 147 4.82 -47.69 10.33
C CYS C 147 5.85 -48.77 10.65
N ARG C 148 6.62 -49.18 9.65
CA ARG C 148 7.54 -50.31 9.78
C ARG C 148 8.98 -49.82 9.79
N ARG C 149 9.72 -50.25 10.81
CA ARG C 149 11.16 -50.07 10.87
C ARG C 149 11.88 -51.38 10.61
N SER C 150 11.62 -52.40 11.42
CA SER C 150 12.05 -53.76 11.16
C SER C 150 10.94 -54.75 11.47
N GLY C 151 9.69 -54.30 11.35
CA GLY C 151 8.53 -55.06 11.77
C GLY C 151 7.33 -54.15 11.90
N SER C 152 6.65 -54.19 13.04
CA SER C 152 5.57 -53.28 13.35
C SER C 152 6.02 -52.34 14.46
N SER C 153 5.83 -51.03 14.26
CA SER C 153 6.27 -50.03 15.21
C SER C 153 5.31 -48.85 15.19
N PHE C 154 5.70 -47.80 15.91
CA PHE C 154 4.87 -46.60 16.05
C PHE C 154 5.73 -45.35 15.92
N TYR C 155 5.17 -44.19 16.26
CA TYR C 155 5.95 -42.96 16.28
C TYR C 155 7.05 -43.07 17.33
N ALA C 156 8.18 -42.42 17.05
CA ALA C 156 9.36 -42.56 17.89
C ALA C 156 9.32 -41.73 19.16
N GLU C 157 8.38 -40.77 19.26
CA GLU C 157 8.36 -39.87 20.41
C GLU C 157 7.02 -39.85 21.12
N MET C 158 6.13 -40.81 20.85
CA MET C 158 4.83 -40.87 21.50
C MET C 158 4.52 -42.32 21.84
N LYS C 159 3.56 -42.51 22.74
CA LYS C 159 3.20 -43.83 23.23
C LYS C 159 1.72 -44.10 23.05
N TRP C 160 1.39 -45.30 22.58
CA TRP C 160 0.01 -45.75 22.44
C TRP C 160 -0.33 -46.60 23.67
N LEU C 161 -1.26 -46.10 24.48
CA LEU C 161 -1.45 -46.68 25.81
C LEU C 161 -2.13 -48.04 25.74
N LEU C 162 -3.36 -48.09 25.22
CA LEU C 162 -4.13 -49.33 25.10
C LEU C 162 -4.43 -49.90 26.47
N SER C 163 -5.13 -51.04 26.55
CA SER C 163 -5.59 -51.59 27.80
C SER C 163 -4.87 -52.90 28.13
N ASN C 164 -5.17 -53.44 29.32
CA ASN C 164 -4.48 -54.65 29.78
C ASN C 164 -4.77 -55.83 28.87
N THR C 165 -6.03 -56.04 28.53
CA THR C 165 -6.43 -57.17 27.69
C THR C 165 -7.74 -56.82 27.02
N ASP C 166 -8.17 -57.72 26.12
CA ASP C 166 -9.39 -57.49 25.36
C ASP C 166 -10.59 -57.37 26.29
N ASN C 167 -11.40 -56.33 26.07
CA ASN C 167 -12.62 -56.09 26.84
C ASN C 167 -12.32 -56.02 28.33
N ALA C 168 -11.52 -55.02 28.71
CA ALA C 168 -11.18 -54.80 30.11
C ALA C 168 -11.54 -53.37 30.51
N ALA C 169 -11.12 -52.97 31.71
CA ALA C 169 -11.42 -51.64 32.22
C ALA C 169 -10.18 -50.76 32.18
N PHE C 170 -10.38 -49.48 31.88
CA PHE C 170 -9.31 -48.50 31.85
C PHE C 170 -9.50 -47.52 33.00
N PRO C 171 -8.67 -47.61 34.04
CA PRO C 171 -8.83 -46.69 35.18
C PRO C 171 -8.65 -45.25 34.77
N GLN C 172 -9.37 -44.35 35.44
CA GLN C 172 -9.22 -42.93 35.17
C GLN C 172 -7.95 -42.41 35.83
N MET C 173 -7.10 -41.75 35.04
CA MET C 173 -5.78 -41.35 35.52
C MET C 173 -5.54 -39.87 35.26
N THR C 174 -4.57 -39.33 35.99
CA THR C 174 -4.17 -37.94 35.88
C THR C 174 -2.64 -37.86 35.89
N LYS C 175 -2.10 -36.95 35.08
CA LYS C 175 -0.67 -36.72 34.98
C LYS C 175 -0.40 -35.23 34.90
N SER C 176 0.80 -34.82 35.32
CA SER C 176 1.15 -33.41 35.36
C SER C 176 2.62 -33.23 35.00
N TYR C 177 2.93 -32.04 34.47
CA TYR C 177 4.30 -31.69 34.11
C TYR C 177 4.51 -30.21 34.33
N LYS C 178 5.70 -29.84 34.78
CA LYS C 178 6.03 -28.46 35.10
C LYS C 178 7.27 -28.01 34.32
N ASN C 179 7.17 -26.85 33.67
CA ASN C 179 8.31 -26.27 32.99
C ASN C 179 9.30 -25.72 33.99
N THR C 180 10.58 -25.79 33.64
CA THR C 180 11.64 -25.33 34.53
C THR C 180 12.59 -24.34 33.88
N ARG C 181 12.88 -24.51 32.59
CA ARG C 181 13.85 -23.66 31.90
C ARG C 181 13.28 -22.25 31.74
N LYS C 182 14.07 -21.38 31.11
CA LYS C 182 13.76 -19.96 31.00
C LYS C 182 13.15 -19.59 29.65
N ASN C 183 12.56 -20.56 28.96
CA ASN C 183 11.97 -20.29 27.65
C ASN C 183 10.69 -21.11 27.51
N PRO C 184 9.75 -20.66 26.68
CA PRO C 184 8.52 -21.43 26.49
C PRO C 184 8.79 -22.78 25.85
N ALA C 185 7.95 -23.75 26.21
CA ALA C 185 8.04 -25.11 25.68
C ALA C 185 6.87 -25.40 24.76
N LEU C 186 6.99 -26.50 24.01
CA LEU C 186 5.98 -26.92 23.05
C LEU C 186 5.51 -28.32 23.40
N ILE C 187 4.20 -28.49 23.58
CA ILE C 187 3.63 -29.77 23.98
C ILE C 187 2.66 -30.24 22.89
N VAL C 188 2.69 -31.54 22.60
CA VAL C 188 1.89 -32.14 21.55
C VAL C 188 1.28 -33.43 22.06
N TRP C 189 -0.02 -33.64 21.78
CA TRP C 189 -0.69 -34.89 22.13
C TRP C 189 -1.65 -35.26 21.00
N GLY C 190 -2.31 -36.40 21.13
CA GLY C 190 -3.14 -36.91 20.06
C GLY C 190 -4.34 -37.67 20.59
N ILE C 191 -5.38 -37.72 19.75
CA ILE C 191 -6.64 -38.41 20.03
C ILE C 191 -6.91 -39.40 18.90
N HIS C 192 -7.45 -40.56 19.26
CA HIS C 192 -7.65 -41.65 18.32
C HIS C 192 -9.13 -41.88 18.08
N HIS C 193 -9.55 -41.87 16.82
CA HIS C 193 -10.92 -42.17 16.42
C HIS C 193 -10.92 -43.54 15.76
N SER C 194 -11.59 -44.50 16.40
CA SER C 194 -11.58 -45.87 15.95
C SER C 194 -12.44 -46.04 14.70
N GLY C 195 -12.26 -47.17 14.03
CA GLY C 195 -12.98 -47.46 12.80
C GLY C 195 -14.35 -48.06 12.94
N SER C 196 -14.76 -48.40 14.16
CA SER C 196 -16.07 -48.98 14.41
C SER C 196 -16.36 -48.88 15.90
N THR C 197 -17.58 -49.23 16.28
CA THR C 197 -17.97 -49.20 17.68
C THR C 197 -17.60 -50.46 18.43
N ALA C 198 -17.13 -51.51 17.74
CA ALA C 198 -16.69 -52.71 18.41
C ALA C 198 -15.21 -52.66 18.76
N GLU C 199 -14.40 -52.03 17.90
CA GLU C 199 -12.97 -51.93 18.17
C GLU C 199 -12.69 -51.04 19.37
N GLN C 200 -13.49 -49.99 19.58
CA GLN C 200 -13.32 -49.15 20.75
C GLN C 200 -13.51 -49.96 22.02
N THR C 201 -14.55 -50.79 22.05
CA THR C 201 -14.77 -51.66 23.21
C THR C 201 -13.65 -52.68 23.36
N LYS C 202 -13.19 -53.24 22.23
CA LYS C 202 -12.13 -54.24 22.30
C LYS C 202 -10.84 -53.67 22.87
N LEU C 203 -10.50 -52.44 22.49
CA LEU C 203 -9.22 -51.86 22.87
C LEU C 203 -9.26 -51.08 24.18
N TYR C 204 -10.40 -50.50 24.56
CA TYR C 204 -10.46 -49.73 25.80
C TYR C 204 -11.65 -50.08 26.69
N GLY C 205 -12.44 -51.09 26.34
CA GLY C 205 -13.57 -51.48 27.17
C GLY C 205 -14.83 -50.69 26.86
N SER C 206 -15.95 -51.24 27.31
CA SER C 206 -17.25 -50.63 27.06
C SER C 206 -17.43 -49.40 27.94
N GLY C 207 -18.42 -48.59 27.60
CA GLY C 207 -18.75 -47.39 28.33
C GLY C 207 -18.44 -46.13 27.56
N ASN C 208 -18.30 -45.04 28.29
CA ASN C 208 -18.01 -43.73 27.73
C ASN C 208 -16.55 -43.37 27.95
N LYS C 209 -16.02 -42.53 27.05
CA LYS C 209 -14.63 -42.09 27.10
C LYS C 209 -14.58 -40.58 27.01
N LEU C 210 -13.63 -39.99 27.72
CA LEU C 210 -13.49 -38.54 27.78
C LEU C 210 -12.10 -38.19 28.26
N VAL C 211 -11.50 -37.16 27.64
CA VAL C 211 -10.21 -36.65 28.08
C VAL C 211 -10.31 -35.15 28.27
N THR C 212 -9.46 -34.61 29.13
CA THR C 212 -9.45 -33.18 29.42
C THR C 212 -8.03 -32.70 29.66
N VAL C 213 -7.75 -31.50 29.16
CA VAL C 213 -6.42 -30.91 29.22
C VAL C 213 -6.55 -29.54 29.88
N GLY C 214 -5.71 -29.28 30.88
CA GLY C 214 -5.78 -28.04 31.61
C GLY C 214 -4.42 -27.45 31.86
N SER C 215 -4.39 -26.12 31.96
CA SER C 215 -3.19 -25.36 32.29
C SER C 215 -3.65 -24.03 32.87
N SER C 216 -2.72 -23.07 32.95
CA SER C 216 -3.09 -21.76 33.47
C SER C 216 -4.01 -21.02 32.51
N ASN C 217 -3.67 -21.00 31.22
CA ASN C 217 -4.41 -20.24 30.21
C ASN C 217 -5.03 -21.14 29.15
N TYR C 218 -5.55 -22.30 29.56
CA TYR C 218 -6.03 -23.28 28.59
C TYR C 218 -6.85 -24.33 29.32
N GLN C 219 -8.05 -24.60 28.83
CA GLN C 219 -8.86 -25.70 29.36
C GLN C 219 -9.77 -26.22 28.27
N GLN C 220 -9.53 -27.47 27.84
CA GLN C 220 -10.29 -28.07 26.76
C GLN C 220 -10.66 -29.50 27.13
N SER C 221 -11.68 -30.02 26.45
CA SER C 221 -12.14 -31.38 26.61
C SER C 221 -12.32 -32.02 25.24
N PHE C 222 -12.10 -33.33 25.18
CA PHE C 222 -12.20 -34.08 23.93
C PHE C 222 -12.89 -35.42 24.18
N VAL C 223 -13.58 -35.90 23.16
CA VAL C 223 -14.31 -37.17 23.22
C VAL C 223 -14.25 -37.84 21.85
N PRO C 224 -13.94 -39.14 21.77
CA PRO C 224 -13.82 -39.79 20.46
C PRO C 224 -15.15 -39.97 19.75
N SER C 225 -15.10 -40.47 18.51
CA SER C 225 -16.30 -40.68 17.70
C SER C 225 -16.05 -41.77 16.67
N PRO C 226 -16.39 -43.02 16.98
CA PRO C 226 -16.14 -44.11 16.03
C PRO C 226 -17.04 -44.03 14.82
N GLY C 227 -16.57 -44.62 13.73
CA GLY C 227 -17.33 -44.65 12.49
C GLY C 227 -16.49 -45.24 11.38
N ALA C 228 -17.17 -45.52 10.26
CA ALA C 228 -16.54 -46.12 9.10
C ALA C 228 -16.20 -45.05 8.07
N ARG C 229 -15.00 -45.13 7.51
CA ARG C 229 -14.51 -44.17 6.54
C ARG C 229 -13.83 -44.92 5.40
N THR C 230 -13.37 -44.15 4.41
CA THR C 230 -12.63 -44.74 3.30
C THR C 230 -11.25 -45.20 3.75
N GLN C 231 -10.74 -46.22 3.07
CA GLN C 231 -9.47 -46.84 3.47
C GLN C 231 -8.30 -46.07 2.90
N VAL C 232 -7.44 -45.58 3.77
CA VAL C 232 -6.18 -44.94 3.39
C VAL C 232 -5.05 -45.73 4.05
N ASN C 233 -4.10 -46.18 3.24
CA ASN C 233 -3.00 -47.04 3.69
C ASN C 233 -3.50 -48.34 4.32
N GLY C 234 -4.71 -48.77 3.97
CA GLY C 234 -5.27 -49.98 4.53
C GLY C 234 -5.91 -49.85 5.88
N GLN C 235 -6.17 -48.62 6.36
CA GLN C 235 -6.75 -48.40 7.67
C GLN C 235 -8.01 -47.55 7.55
N SER C 236 -8.86 -47.65 8.58
CA SER C 236 -10.10 -46.89 8.64
C SER C 236 -10.17 -45.92 9.80
N GLY C 237 -9.34 -46.06 10.82
CA GLY C 237 -9.31 -45.12 11.92
C GLY C 237 -8.52 -43.88 11.59
N ARG C 238 -8.54 -42.92 12.51
CA ARG C 238 -7.84 -41.65 12.32
C ARG C 238 -7.21 -41.20 13.62
N ILE C 239 -6.23 -40.31 13.50
CA ILE C 239 -5.54 -39.73 14.65
C ILE C 239 -5.48 -38.22 14.45
N ASP C 240 -5.83 -37.47 15.48
CA ASP C 240 -5.79 -36.01 15.45
C ASP C 240 -4.73 -35.51 16.43
N PHE C 241 -3.91 -34.57 15.99
CA PHE C 241 -2.82 -34.03 16.78
C PHE C 241 -3.15 -32.61 17.23
N HIS C 242 -2.94 -32.33 18.51
CA HIS C 242 -3.12 -30.99 19.08
C HIS C 242 -1.84 -30.56 19.77
N TRP C 243 -1.64 -29.25 19.86
CA TRP C 243 -0.41 -28.68 20.41
C TRP C 243 -0.72 -27.44 21.23
N LEU C 244 0.23 -27.09 22.10
CA LEU C 244 0.11 -25.87 22.90
C LEU C 244 1.50 -25.40 23.29
N MET C 245 1.57 -24.14 23.71
CA MET C 245 2.81 -23.47 24.10
C MET C 245 2.75 -23.12 25.57
N LEU C 246 3.86 -23.34 26.28
CA LEU C 246 3.90 -23.25 27.73
C LEU C 246 4.88 -22.17 28.18
N ASN C 247 4.42 -21.29 29.06
CA ASN C 247 5.22 -20.24 29.65
C ASN C 247 6.18 -20.82 30.69
N PRO C 248 7.32 -20.17 30.95
CA PRO C 248 8.37 -20.83 31.71
C PRO C 248 8.20 -20.78 33.22
N ASN C 249 6.98 -20.93 33.72
CA ASN C 249 6.79 -21.30 35.12
C ASN C 249 5.55 -22.16 35.34
N ASP C 250 4.82 -22.53 34.30
CA ASP C 250 3.46 -23.04 34.47
C ASP C 250 3.46 -24.55 34.65
N THR C 251 2.26 -25.14 34.58
CA THR C 251 2.05 -26.57 34.77
C THR C 251 0.93 -27.03 33.85
N VAL C 252 1.10 -28.22 33.28
CA VAL C 252 0.11 -28.81 32.39
C VAL C 252 -0.40 -30.10 33.02
N THR C 253 -1.72 -30.29 32.99
CA THR C 253 -2.36 -31.46 33.58
C THR C 253 -3.24 -32.14 32.56
N PHE C 254 -3.09 -33.45 32.44
CA PHE C 254 -3.92 -34.29 31.59
C PHE C 254 -4.74 -35.23 32.47
N SER C 255 -6.05 -35.26 32.25
CA SER C 255 -6.92 -36.21 32.91
C SER C 255 -7.61 -37.05 31.85
N PHE C 256 -7.46 -38.37 31.92
CA PHE C 256 -7.96 -39.18 30.82
C PHE C 256 -8.48 -40.52 31.32
N ASN C 257 -9.34 -41.12 30.48
CA ASN C 257 -9.94 -42.43 30.73
C ASN C 257 -9.78 -43.38 29.56
N GLY C 258 -9.56 -42.90 28.35
CA GLY C 258 -9.34 -43.78 27.21
C GLY C 258 -9.11 -42.96 25.96
N ALA C 259 -8.65 -43.67 24.92
CA ALA C 259 -8.38 -43.07 23.60
C ALA C 259 -7.40 -41.90 23.72
N PHE C 260 -6.20 -42.21 24.22
CA PHE C 260 -5.17 -41.22 24.45
C PHE C 260 -3.86 -41.68 23.85
N ILE C 261 -3.16 -40.75 23.20
CA ILE C 261 -1.81 -40.98 22.69
C ILE C 261 -0.89 -40.05 23.47
N ALA C 262 -0.01 -40.63 24.29
CA ALA C 262 0.68 -39.77 25.24
C ALA C 262 2.02 -39.29 24.69
N PRO C 263 2.41 -38.06 25.02
CA PRO C 263 3.73 -37.56 24.62
C PRO C 263 4.82 -38.15 25.49
N ASP C 264 6.06 -37.99 25.02
CA ASP C 264 7.21 -38.55 25.72
C ASP C 264 8.32 -37.53 25.91
N ARG C 265 8.39 -36.53 25.03
CA ARG C 265 9.45 -35.53 25.09
C ARG C 265 8.90 -34.17 24.69
N ALA C 266 9.57 -33.12 25.14
CA ALA C 266 9.20 -31.73 24.86
C ALA C 266 10.30 -31.04 24.09
N SER C 267 9.92 -30.05 23.29
CA SER C 267 10.83 -29.39 22.36
C SER C 267 11.06 -27.94 22.73
N PHE C 268 12.29 -27.47 22.53
CA PHE C 268 12.66 -26.09 22.76
C PHE C 268 13.37 -25.55 21.52
N LEU C 269 13.10 -24.30 21.18
CA LEU C 269 13.71 -23.69 20.01
C LEU C 269 15.10 -23.15 20.34
N ARG C 270 15.85 -22.79 19.30
CA ARG C 270 17.19 -22.24 19.48
C ARG C 270 17.54 -21.37 18.28
N GLY C 271 17.83 -20.10 18.52
CA GLY C 271 18.31 -19.22 17.48
C GLY C 271 17.21 -18.78 16.51
N LYS C 272 17.65 -18.47 15.29
CA LYS C 272 16.74 -18.03 14.23
C LYS C 272 17.32 -18.42 12.87
N SER C 273 16.44 -18.51 11.88
CA SER C 273 16.82 -18.95 10.55
C SER C 273 15.75 -18.52 9.56
N MET C 274 15.85 -19.01 8.33
CA MET C 274 14.88 -18.73 7.27
C MET C 274 14.59 -20.01 6.51
N GLY C 275 13.38 -20.10 5.97
CA GLY C 275 12.95 -21.28 5.25
C GLY C 275 12.31 -20.95 3.92
N ILE C 276 12.55 -21.82 2.93
CA ILE C 276 12.05 -21.64 1.57
C ILE C 276 11.52 -22.96 1.05
N GLN C 277 10.78 -22.89 -0.06
CA GLN C 277 10.34 -24.06 -0.80
C GLN C 277 10.89 -23.98 -2.22
N SER C 278 11.58 -25.03 -2.66
CA SER C 278 12.27 -24.99 -3.94
C SER C 278 12.21 -26.36 -4.59
N GLY C 279 12.76 -26.45 -5.80
CA GLY C 279 12.77 -27.70 -6.54
C GLY C 279 14.03 -27.92 -7.35
N VAL C 280 15.10 -27.20 -7.02
CA VAL C 280 16.37 -27.33 -7.73
C VAL C 280 17.44 -27.81 -6.76
N GLN C 281 18.66 -28.02 -7.27
CA GLN C 281 19.73 -28.56 -6.46
C GLN C 281 20.41 -27.47 -5.65
N VAL C 282 21.49 -27.83 -4.95
CA VAL C 282 22.17 -26.96 -4.00
C VAL C 282 23.62 -26.78 -4.43
N ASP C 283 24.07 -25.53 -4.47
CA ASP C 283 25.45 -25.21 -4.81
C ASP C 283 26.12 -24.57 -3.60
N ALA C 284 27.31 -25.05 -3.27
CA ALA C 284 28.04 -24.60 -2.08
C ALA C 284 29.12 -23.58 -2.38
N ASP C 285 29.37 -23.27 -3.64
CA ASP C 285 30.34 -22.24 -4.04
C ASP C 285 29.56 -21.16 -4.78
N CYS C 286 29.00 -20.23 -4.00
CA CYS C 286 28.11 -19.20 -4.52
C CYS C 286 27.83 -18.23 -3.38
N GLU C 287 26.97 -17.25 -3.65
CA GLU C 287 26.55 -16.32 -2.61
C GLU C 287 25.33 -15.53 -3.06
N GLY C 288 24.33 -15.43 -2.20
CA GLY C 288 23.12 -14.68 -2.54
C GLY C 288 22.24 -14.49 -1.34
N ASP C 289 21.24 -13.63 -1.51
CA ASP C 289 20.28 -13.36 -0.44
C ASP C 289 18.84 -13.28 -0.92
N CYS C 290 18.56 -13.54 -2.20
CA CYS C 290 17.22 -13.47 -2.75
C CYS C 290 16.90 -14.81 -3.39
N TYR C 291 15.95 -15.54 -2.81
CA TYR C 291 15.60 -16.87 -3.26
C TYR C 291 14.16 -16.91 -3.74
N TYR C 292 13.90 -17.77 -4.72
CA TYR C 292 12.55 -18.11 -5.12
C TYR C 292 12.54 -19.59 -5.52
N SER C 293 11.43 -20.05 -6.07
CA SER C 293 11.26 -21.47 -6.33
C SER C 293 11.99 -21.96 -7.57
N GLY C 294 12.93 -21.17 -8.11
CA GLY C 294 13.64 -21.59 -9.30
C GLY C 294 15.12 -21.29 -9.26
N GLY C 295 15.61 -20.69 -8.19
CA GLY C 295 17.01 -20.39 -8.08
C GLY C 295 17.24 -19.13 -7.25
N THR C 296 18.33 -18.44 -7.57
CA THR C 296 18.76 -17.26 -6.85
C THR C 296 18.79 -16.05 -7.78
N ILE C 297 18.60 -14.87 -7.21
CA ILE C 297 18.65 -13.61 -7.94
C ILE C 297 19.79 -12.78 -7.39
N ILE C 298 20.78 -12.50 -8.24
CA ILE C 298 21.96 -11.72 -7.86
C ILE C 298 22.00 -10.49 -8.75
N SER C 299 21.77 -9.32 -8.16
CA SER C 299 21.78 -8.08 -8.92
C SER C 299 21.82 -6.91 -7.96
N ASN C 300 22.18 -5.74 -8.51
CA ASN C 300 22.13 -4.49 -7.78
C ASN C 300 21.06 -3.53 -8.30
N LEU C 301 20.37 -3.89 -9.38
CA LEU C 301 19.35 -3.02 -9.94
C LEU C 301 18.15 -2.94 -8.98
N PRO C 302 17.41 -1.82 -9.00
CA PRO C 302 16.32 -1.64 -8.04
C PRO C 302 15.02 -2.35 -8.40
N PHE C 303 14.90 -2.95 -9.58
CA PHE C 303 13.65 -3.57 -10.00
C PHE C 303 13.93 -4.93 -10.62
N GLN C 304 12.91 -5.79 -10.60
CA GLN C 304 13.01 -7.13 -11.17
C GLN C 304 11.67 -7.52 -11.79
N ASN C 305 11.72 -8.47 -12.71
CA ASN C 305 10.54 -8.95 -13.42
C ASN C 305 10.59 -10.47 -13.55
N ILE C 306 10.92 -11.16 -12.46
CA ILE C 306 11.05 -12.61 -12.46
C ILE C 306 9.92 -13.28 -11.69
N ASP C 307 9.79 -12.99 -10.39
CA ASP C 307 8.75 -13.59 -9.58
C ASP C 307 8.28 -12.58 -8.55
N SER C 308 7.01 -12.70 -8.15
CA SER C 308 6.41 -11.78 -7.19
C SER C 308 6.38 -12.32 -5.77
N ARG C 309 6.86 -13.53 -5.55
CA ARG C 309 6.84 -14.16 -4.23
C ARG C 309 8.24 -14.57 -3.78
N ALA C 310 9.23 -13.71 -4.05
CA ALA C 310 10.59 -13.96 -3.60
C ALA C 310 10.74 -13.56 -2.14
N VAL C 311 11.70 -14.18 -1.46
CA VAL C 311 11.93 -13.95 -0.04
C VAL C 311 13.41 -13.62 0.18
N GLY C 312 13.66 -12.78 1.18
CA GLY C 312 15.01 -12.34 1.51
C GLY C 312 15.14 -10.83 1.34
N LYS C 313 16.28 -10.40 0.83
CA LYS C 313 16.54 -9.00 0.50
C LYS C 313 16.55 -8.90 -1.02
N CYS C 314 15.41 -8.53 -1.60
CA CYS C 314 15.17 -8.61 -3.03
C CYS C 314 14.78 -7.25 -3.60
N PRO C 315 15.00 -7.02 -4.88
CA PRO C 315 14.41 -5.85 -5.55
C PRO C 315 12.90 -5.99 -5.64
N ARG C 316 12.25 -4.89 -6.00
CA ARG C 316 10.80 -4.86 -6.07
C ARG C 316 10.31 -5.34 -7.43
N TYR C 317 9.10 -5.88 -7.43
CA TYR C 317 8.51 -6.48 -8.62
C TYR C 317 7.70 -5.45 -9.39
N VAL C 318 7.95 -5.36 -10.70
CA VAL C 318 7.18 -4.51 -11.60
C VAL C 318 6.74 -5.34 -12.79
N LYS C 319 5.68 -4.90 -13.44
CA LYS C 319 5.08 -5.64 -14.54
C LYS C 319 5.64 -5.26 -15.91
N GLN C 320 6.53 -4.28 -15.97
CA GLN C 320 7.15 -3.90 -17.23
C GLN C 320 8.37 -4.78 -17.49
N ARG C 321 8.74 -4.87 -18.77
CA ARG C 321 9.84 -5.74 -19.17
C ARG C 321 11.17 -5.03 -19.31
N SER C 322 11.17 -3.74 -19.64
CA SER C 322 12.42 -3.02 -19.84
C SER C 322 12.19 -1.53 -19.60
N LEU C 323 13.18 -0.87 -19.02
CA LEU C 323 13.13 0.57 -18.77
C LEU C 323 14.55 1.11 -18.87
N LEU C 324 14.81 1.93 -19.88
CA LEU C 324 16.16 2.40 -20.18
C LEU C 324 16.40 3.79 -19.59
N LEU C 325 17.62 4.02 -19.12
CA LEU C 325 18.03 5.29 -18.53
C LEU C 325 19.14 5.90 -19.37
N ALA C 326 18.97 7.17 -19.76
CA ALA C 326 19.92 7.82 -20.64
C ALA C 326 21.23 8.11 -19.94
N THR C 327 22.33 8.05 -20.70
CA THR C 327 23.66 8.29 -20.17
C THR C 327 24.47 9.12 -21.17
N GLY C 328 23.82 10.03 -21.89
CA GLY C 328 24.52 10.84 -22.86
C GLY C 328 23.59 11.89 -23.44
N MET C 329 24.16 12.70 -24.32
CA MET C 329 23.42 13.77 -24.96
C MET C 329 22.67 13.26 -26.18
N LYS C 330 21.80 14.12 -26.72
CA LYS C 330 21.03 13.75 -27.90
C LYS C 330 21.94 13.54 -29.10
N ASN C 331 21.63 12.54 -29.91
CA ASN C 331 22.48 12.14 -31.03
C ASN C 331 21.99 12.81 -32.30
N VAL C 332 22.88 13.57 -32.93
CA VAL C 332 22.59 14.22 -34.21
C VAL C 332 23.65 13.79 -35.23
N PRO C 333 23.42 12.73 -35.99
CA PRO C 333 24.45 12.24 -36.91
C PRO C 333 24.63 13.15 -38.10
N GLU C 334 25.77 12.99 -38.77
CA GLU C 334 26.07 13.76 -39.95
C GLU C 334 25.16 13.35 -41.11
N ILE C 335 24.99 14.27 -42.06
CA ILE C 335 24.13 14.12 -43.24
C ILE C 335 22.82 13.41 -42.92
N GLY D 1 24.14 26.23 -10.72
CA GLY D 1 23.02 26.38 -11.62
C GLY D 1 23.38 26.16 -13.08
N LEU D 2 22.37 26.07 -13.93
CA LEU D 2 22.58 25.84 -15.35
C LEU D 2 22.38 27.11 -16.18
N PHE D 3 22.38 28.27 -15.54
CA PHE D 3 22.40 29.56 -16.26
C PHE D 3 23.77 30.21 -16.25
N GLY D 4 24.70 29.73 -15.44
CA GLY D 4 26.07 30.20 -15.47
C GLY D 4 26.30 31.63 -15.02
N ALA D 5 25.60 32.07 -13.98
CA ALA D 5 25.82 33.41 -13.42
C ALA D 5 26.36 33.32 -12.00
N ILE D 6 25.68 32.63 -11.10
CA ILE D 6 26.19 32.40 -9.75
C ILE D 6 27.22 31.29 -9.81
N ALA D 7 28.41 31.55 -9.27
CA ALA D 7 29.56 30.64 -9.38
C ALA D 7 29.94 30.41 -10.84
N GLY D 8 29.64 31.38 -11.70
CA GLY D 8 30.00 31.32 -13.10
C GLY D 8 31.02 32.38 -13.46
N PHE D 9 30.60 33.42 -14.17
CA PHE D 9 31.49 34.53 -14.48
C PHE D 9 31.51 35.58 -13.37
N ILE D 10 30.74 35.39 -12.31
CA ILE D 10 30.85 36.20 -11.10
C ILE D 10 31.61 35.36 -10.07
N GLU D 11 32.79 35.84 -9.69
CA GLU D 11 33.73 35.00 -8.95
C GLU D 11 33.23 34.65 -7.56
N ASN D 12 32.70 35.63 -6.81
CA ASN D 12 32.27 35.38 -5.45
C ASN D 12 31.24 36.42 -5.04
N GLY D 13 30.59 36.17 -3.90
CA GLY D 13 29.61 37.08 -3.37
C GLY D 13 30.20 38.09 -2.41
N TRP D 14 29.33 38.94 -1.87
CA TRP D 14 29.71 40.01 -0.96
C TRP D 14 29.13 39.73 0.41
N GLU D 15 29.98 39.79 1.44
CA GLU D 15 29.53 39.60 2.81
C GLU D 15 29.09 40.90 3.47
N GLY D 16 29.29 42.04 2.82
CA GLY D 16 28.86 43.31 3.34
C GLY D 16 27.45 43.72 2.97
N LEU D 17 26.77 42.93 2.14
CA LEU D 17 25.40 43.23 1.73
C LEU D 17 24.46 42.59 2.75
N ILE D 18 23.71 43.42 3.47
CA ILE D 18 22.88 42.97 4.57
C ILE D 18 21.43 43.42 4.46
N ASP D 19 21.03 44.00 3.32
CA ASP D 19 19.67 44.47 3.14
C ASP D 19 19.13 44.06 1.77
N GLY D 20 19.43 42.84 1.36
CA GLY D 20 18.93 42.33 0.09
C GLY D 20 19.74 41.14 -0.37
N TRP D 21 19.29 40.56 -1.48
CA TRP D 21 19.98 39.44 -2.08
C TRP D 21 20.84 39.84 -3.28
N TYR D 22 20.48 40.93 -3.96
CA TYR D 22 21.23 41.44 -5.09
C TYR D 22 21.38 42.95 -4.95
N GLY D 23 22.44 43.49 -5.54
CA GLY D 23 22.68 44.92 -5.42
C GLY D 23 23.73 45.41 -6.38
N PHE D 24 23.95 46.72 -6.35
CA PHE D 24 24.91 47.39 -7.21
C PHE D 24 26.12 47.83 -6.40
N ARG D 25 27.18 48.22 -7.13
CA ARG D 25 28.38 48.76 -6.52
C ARG D 25 29.09 49.61 -7.56
N HIS D 26 29.23 50.90 -7.28
CA HIS D 26 29.70 51.86 -8.27
C HIS D 26 30.94 52.58 -7.78
N GLN D 27 31.75 53.03 -8.73
CA GLN D 27 32.99 53.75 -8.46
C GLN D 27 33.19 54.82 -9.51
N ASN D 28 33.21 56.08 -9.08
CA ASN D 28 33.48 57.20 -9.99
C ASN D 28 34.54 58.11 -9.39
N ALA D 29 34.69 59.31 -9.97
CA ALA D 29 35.74 60.22 -9.51
C ALA D 29 35.54 60.61 -8.05
N GLN D 30 34.30 60.76 -7.61
CA GLN D 30 34.04 61.19 -6.23
C GLN D 30 34.40 60.09 -5.24
N GLY D 31 33.96 58.86 -5.49
CA GLY D 31 34.23 57.77 -4.57
C GLY D 31 33.40 56.55 -4.92
N GLU D 32 33.37 55.62 -3.97
CA GLU D 32 32.63 54.37 -4.12
C GLU D 32 31.27 54.46 -3.46
N GLY D 33 30.38 53.58 -3.89
CA GLY D 33 29.03 53.53 -3.34
C GLY D 33 28.40 52.18 -3.55
N THR D 34 27.43 51.86 -2.68
CA THR D 34 26.75 50.58 -2.71
C THR D 34 25.26 50.79 -2.46
N ALA D 35 24.44 49.91 -3.01
CA ALA D 35 22.99 49.97 -2.84
C ALA D 35 22.45 48.54 -2.94
N ALA D 36 21.13 48.43 -3.04
CA ALA D 36 20.47 47.13 -3.11
C ALA D 36 19.25 47.23 -4.01
N ASP D 37 18.83 46.08 -4.53
CA ASP D 37 17.69 45.97 -5.41
C ASP D 37 16.52 45.32 -4.69
N TYR D 38 15.30 45.58 -5.18
CA TYR D 38 14.08 45.21 -4.49
C TYR D 38 13.24 44.16 -5.21
N LYS D 39 13.18 44.20 -6.54
CA LYS D 39 12.25 43.34 -7.26
C LYS D 39 12.68 41.87 -7.21
N SER D 40 13.96 41.60 -7.49
CA SER D 40 14.43 40.23 -7.56
C SER D 40 14.34 39.55 -6.20
N THR D 41 14.71 40.27 -5.13
CA THR D 41 14.59 39.73 -3.78
C THR D 41 13.14 39.37 -3.48
N GLN D 42 12.20 40.24 -3.87
CA GLN D 42 10.79 39.97 -3.63
C GLN D 42 10.33 38.73 -4.38
N SER D 43 10.76 38.57 -5.63
CA SER D 43 10.36 37.39 -6.39
C SER D 43 10.87 36.11 -5.76
N ALA D 44 12.15 36.10 -5.38
CA ALA D 44 12.72 34.90 -4.77
C ALA D 44 12.03 34.56 -3.45
N ILE D 45 11.79 35.58 -2.62
CA ILE D 45 11.17 35.36 -1.32
C ILE D 45 9.74 34.85 -1.52
N ASP D 46 9.03 35.40 -2.50
CA ASP D 46 7.66 34.93 -2.76
C ASP D 46 7.64 33.48 -3.17
N CYS D 47 8.57 33.06 -4.04
CA CYS D 47 8.63 31.65 -4.43
C CYS D 47 8.93 30.76 -3.24
N ILE D 48 9.88 31.18 -2.38
CA ILE D 48 10.23 30.36 -1.23
C ILE D 48 9.04 30.21 -0.27
N THR D 49 8.35 31.31 -0.01
CA THR D 49 7.19 31.25 0.90
C THR D 49 6.07 30.41 0.30
N GLY D 50 5.88 30.48 -1.03
CA GLY D 50 4.89 29.62 -1.66
C GLY D 50 5.20 28.15 -1.47
N LYS D 51 6.46 27.78 -1.66
CA LYS D 51 6.86 26.39 -1.44
C LYS D 51 6.63 25.98 0.00
N LEU D 52 7.00 26.84 0.95
CA LEU D 52 6.84 26.50 2.36
C LEU D 52 5.38 26.31 2.74
N ASN D 53 4.50 27.19 2.24
CA ASN D 53 3.08 27.04 2.51
C ASN D 53 2.53 25.76 1.87
N ARG D 54 3.00 25.45 0.67
CA ARG D 54 2.55 24.24 -0.02
C ARG D 54 2.95 22.97 0.73
N LEU D 55 4.13 22.97 1.36
CA LEU D 55 4.63 21.74 1.95
C LEU D 55 4.14 21.52 3.38
N ILE D 56 4.28 22.52 4.25
CA ILE D 56 4.12 22.32 5.69
C ILE D 56 2.63 22.25 6.01
N GLU D 57 2.11 21.02 6.16
CA GLU D 57 0.77 20.74 6.65
C GLU D 57 0.63 19.25 6.83
N LYS D 58 -0.25 18.85 7.75
CA LYS D 58 -0.46 17.44 8.07
C LYS D 58 -1.88 17.01 7.66
N THR D 59 -2.11 15.71 7.74
CA THR D 59 -3.32 15.10 7.20
C THR D 59 -4.52 15.35 8.13
N ASN D 60 -5.69 14.96 7.63
CA ASN D 60 -6.96 15.11 8.35
C ASN D 60 -7.68 13.75 8.27
N GLN D 61 -6.97 12.70 8.65
CA GLN D 61 -7.51 11.35 8.64
C GLN D 61 -7.19 10.67 9.95
N GLN D 62 -8.14 9.90 10.47
CA GLN D 62 -8.04 9.30 11.79
C GLN D 62 -7.86 7.78 11.65
N PHE D 63 -6.93 7.24 12.44
CA PHE D 63 -6.65 5.81 12.46
C PHE D 63 -6.76 5.30 13.90
N GLU D 64 -7.03 4.01 14.04
CA GLU D 64 -7.23 3.40 15.35
C GLU D 64 -6.38 2.14 15.47
N LEU D 65 -6.49 1.49 16.63
CA LEU D 65 -5.71 0.29 16.92
C LEU D 65 -6.35 -0.94 16.27
N ILE D 66 -5.51 -1.89 15.88
CA ILE D 66 -5.99 -3.14 15.32
C ILE D 66 -5.32 -4.33 16.00
N ASP D 67 -4.36 -4.06 16.88
CA ASP D 67 -3.68 -5.11 17.62
C ASP D 67 -3.49 -4.67 19.07
N ASN D 68 -2.90 -5.55 19.87
CA ASN D 68 -2.72 -5.32 21.28
C ASN D 68 -1.26 -5.56 21.66
N GLU D 69 -0.77 -4.81 22.65
CA GLU D 69 0.60 -4.94 23.11
C GLU D 69 0.71 -5.43 24.53
N PHE D 70 -0.41 -5.68 25.22
CA PHE D 70 -0.40 -6.29 26.53
C PHE D 70 -0.61 -7.81 26.45
N THR D 71 -1.60 -8.25 25.69
CA THR D 71 -1.81 -9.66 25.39
C THR D 71 -1.82 -9.84 23.88
N GLU D 72 -1.04 -10.79 23.39
CA GLU D 72 -0.86 -10.95 21.96
C GLU D 72 -2.13 -11.50 21.30
N VAL D 73 -2.12 -11.51 19.97
CA VAL D 73 -3.25 -12.00 19.18
C VAL D 73 -2.83 -13.28 18.46
N GLU D 74 -3.75 -13.86 17.70
CA GLU D 74 -3.44 -15.07 16.95
C GLU D 74 -2.34 -14.81 15.94
N LYS D 75 -1.48 -15.81 15.75
CA LYS D 75 -0.26 -15.60 14.95
C LYS D 75 -0.57 -15.35 13.48
N GLN D 76 -1.51 -16.12 12.90
CA GLN D 76 -1.73 -16.06 11.47
C GLN D 76 -2.26 -14.71 11.00
N ILE D 77 -2.90 -13.95 11.88
CA ILE D 77 -3.36 -12.62 11.51
C ILE D 77 -2.33 -11.54 11.88
N GLY D 78 -1.58 -11.74 12.96
CA GLY D 78 -0.53 -10.80 13.30
C GLY D 78 0.57 -10.76 12.25
N ASN D 79 0.87 -11.91 11.65
CA ASN D 79 1.86 -11.94 10.58
C ASN D 79 1.40 -11.09 9.40
N VAL D 80 0.14 -11.21 9.02
CA VAL D 80 -0.40 -10.43 7.91
C VAL D 80 -0.36 -8.94 8.22
N ILE D 81 -0.73 -8.57 9.45
CA ILE D 81 -0.71 -7.16 9.83
C ILE D 81 0.70 -6.59 9.76
N ASN D 82 1.67 -7.33 10.31
CA ASN D 82 3.06 -6.88 10.28
C ASN D 82 3.57 -6.75 8.84
N TRP D 83 3.22 -7.71 7.99
CA TRP D 83 3.64 -7.67 6.60
C TRP D 83 3.09 -6.43 5.89
N THR D 84 1.81 -6.12 6.11
CA THR D 84 1.22 -4.95 5.46
C THR D 84 1.86 -3.65 5.94
N ARG D 85 2.08 -3.54 7.25
CA ARG D 85 2.70 -2.32 7.77
C ARG D 85 4.10 -2.12 7.21
N ASP D 86 4.90 -3.18 7.18
CA ASP D 86 6.24 -3.09 6.62
C ASP D 86 6.19 -2.73 5.14
N SER D 87 5.20 -3.23 4.40
CA SER D 87 5.08 -2.86 2.99
C SER D 87 4.80 -1.37 2.82
N ILE D 88 3.93 -0.81 3.65
CA ILE D 88 3.57 0.61 3.50
C ILE D 88 4.75 1.52 3.86
N THR D 89 5.53 1.13 4.88
CA THR D 89 6.61 1.99 5.35
C THR D 89 7.62 2.29 4.25
N GLU D 90 7.91 1.31 3.39
CA GLU D 90 8.90 1.51 2.34
C GLU D 90 8.46 2.59 1.34
N VAL D 91 7.20 2.54 0.93
CA VAL D 91 6.68 3.54 0.00
C VAL D 91 6.77 4.92 0.63
N TRP D 92 6.35 5.04 1.89
CA TRP D 92 6.37 6.35 2.51
C TRP D 92 7.80 6.84 2.77
N SER D 93 8.77 5.94 2.88
CA SER D 93 10.16 6.37 3.00
C SER D 93 10.75 6.80 1.67
N TYR D 94 10.33 6.17 0.57
CA TYR D 94 10.85 6.52 -0.75
C TYR D 94 10.35 7.90 -1.21
N ASN D 95 9.07 8.18 -0.95
CA ASN D 95 8.47 9.40 -1.49
C ASN D 95 9.17 10.66 -0.98
N ALA D 96 9.45 10.72 0.33
CA ALA D 96 10.04 11.92 0.91
C ALA D 96 11.44 12.17 0.37
N GLU D 97 12.24 11.12 0.26
CA GLU D 97 13.60 11.26 -0.25
C GLU D 97 13.60 11.72 -1.70
N LEU D 98 12.60 11.33 -2.48
CA LEU D 98 12.50 11.88 -3.84
C LEU D 98 12.14 13.37 -3.80
N LEU D 99 11.11 13.72 -3.02
CA LEU D 99 10.57 15.07 -3.07
C LEU D 99 11.58 16.12 -2.61
N VAL D 100 12.33 15.81 -1.54
CA VAL D 100 13.27 16.80 -1.00
C VAL D 100 14.34 17.15 -2.03
N ALA D 101 14.89 16.12 -2.68
CA ALA D 101 15.91 16.35 -3.71
C ALA D 101 15.33 17.15 -4.87
N MET D 102 14.09 16.85 -5.26
CA MET D 102 13.44 17.63 -6.32
C MET D 102 13.44 19.12 -6.00
N GLU D 103 12.92 19.47 -4.82
CA GLU D 103 12.80 20.90 -4.49
C GLU D 103 14.17 21.55 -4.36
N ASN D 104 15.13 20.83 -3.76
CA ASN D 104 16.47 21.38 -3.61
C ASN D 104 17.09 21.68 -4.97
N GLN D 105 16.85 20.81 -5.95
CA GLN D 105 17.36 21.07 -7.29
C GLN D 105 16.69 22.29 -7.91
N HIS D 106 15.38 22.46 -7.70
CA HIS D 106 14.68 23.55 -8.37
C HIS D 106 15.10 24.93 -7.84
N THR D 107 15.31 25.04 -6.52
CA THR D 107 15.50 26.36 -5.92
C THR D 107 16.74 27.08 -6.46
N ILE D 108 17.86 26.36 -6.58
CA ILE D 108 19.11 26.98 -7.00
C ILE D 108 19.02 27.51 -8.42
N ASP D 109 18.38 26.73 -9.31
CA ASP D 109 18.18 27.20 -10.68
C ASP D 109 17.32 28.46 -10.70
N LEU D 110 16.28 28.51 -9.86
CA LEU D 110 15.48 29.73 -9.79
C LEU D 110 16.33 30.94 -9.43
N ALA D 111 17.16 30.80 -8.40
CA ALA D 111 17.99 31.93 -7.98
C ALA D 111 18.95 32.36 -9.08
N ASP D 112 19.58 31.39 -9.74
CA ASP D 112 20.51 31.70 -10.82
C ASP D 112 19.81 32.45 -11.94
N SER D 113 18.60 32.02 -12.30
CA SER D 113 17.85 32.70 -13.36
C SER D 113 17.54 34.13 -12.98
N GLU D 114 17.18 34.36 -11.71
CA GLU D 114 16.91 35.74 -11.28
C GLU D 114 18.14 36.63 -11.44
N MET D 115 19.30 36.12 -11.01
CA MET D 115 20.52 36.92 -11.16
C MET D 115 20.82 37.22 -12.62
N ASP D 116 20.66 36.22 -13.50
CA ASP D 116 20.93 36.43 -14.91
C ASP D 116 19.99 37.47 -15.51
N LYS D 117 18.71 37.43 -15.15
CA LYS D 117 17.77 38.42 -15.66
C LYS D 117 18.14 39.83 -15.21
N LEU D 118 18.54 39.96 -13.94
CA LEU D 118 18.96 41.28 -13.46
C LEU D 118 20.14 41.81 -14.25
N TYR D 119 21.12 40.93 -14.54
CA TYR D 119 22.26 41.37 -15.34
C TYR D 119 21.82 41.81 -16.74
N GLU D 120 20.97 41.00 -17.38
CA GLU D 120 20.60 41.27 -18.77
C GLU D 120 19.82 42.57 -18.91
N ARG D 121 18.95 42.88 -17.94
CA ARG D 121 18.18 44.11 -18.04
C ARG D 121 19.10 45.34 -18.06
N VAL D 122 20.06 45.39 -17.15
CA VAL D 122 20.99 46.52 -17.10
C VAL D 122 21.84 46.56 -18.36
N LYS D 123 22.24 45.39 -18.86
CA LYS D 123 23.01 45.37 -20.11
C LYS D 123 22.23 45.97 -21.25
N ARG D 124 20.93 45.64 -21.36
CA ARG D 124 20.12 46.18 -22.44
C ARG D 124 19.85 47.67 -22.26
N GLN D 125 19.74 48.14 -21.02
CA GLN D 125 19.46 49.57 -20.79
C GLN D 125 20.58 50.45 -21.33
N LEU D 126 21.84 50.07 -21.10
CA LEU D 126 23.00 50.80 -21.61
C LEU D 126 23.35 50.24 -22.98
N ARG D 127 22.98 50.96 -24.03
CA ARG D 127 23.27 50.54 -25.40
C ARG D 127 24.37 51.43 -25.97
N GLU D 128 25.38 50.80 -26.58
CA GLU D 128 26.44 51.45 -27.36
C GLU D 128 27.14 52.57 -26.58
N ASN D 129 26.95 52.64 -25.27
CA ASN D 129 27.63 53.63 -24.45
C ASN D 129 28.58 53.02 -23.44
N ALA D 130 28.48 51.72 -23.18
CA ALA D 130 29.35 51.03 -22.23
C ALA D 130 29.82 49.72 -22.84
N GLU D 131 30.91 49.20 -22.30
CA GLU D 131 31.51 47.97 -22.78
C GLU D 131 31.61 46.94 -21.66
N GLU D 132 31.39 45.68 -22.00
CA GLU D 132 31.53 44.59 -21.06
C GLU D 132 33.00 44.27 -20.84
N ASP D 133 33.31 43.66 -19.69
CA ASP D 133 34.66 43.24 -19.39
C ASP D 133 34.79 41.77 -19.04
N GLY D 134 33.70 41.07 -18.77
CA GLY D 134 33.72 39.64 -18.56
C GLY D 134 33.70 39.19 -17.12
N THR D 135 33.59 40.11 -16.16
CA THR D 135 33.53 39.74 -14.75
C THR D 135 32.28 40.26 -14.06
N GLY D 136 31.30 40.73 -14.82
CA GLY D 136 30.08 41.27 -14.24
C GLY D 136 30.06 42.77 -14.07
N CYS D 137 31.00 43.49 -14.68
CA CYS D 137 31.07 44.93 -14.57
C CYS D 137 31.01 45.57 -15.95
N PHE D 138 30.52 46.80 -16.01
CA PHE D 138 30.46 47.58 -17.23
C PHE D 138 31.39 48.78 -17.13
N GLU D 139 32.03 49.13 -18.24
CA GLU D 139 32.89 50.30 -18.30
C GLU D 139 32.21 51.37 -19.15
N ILE D 140 32.01 52.55 -18.56
CA ILE D 140 31.34 53.66 -19.22
C ILE D 140 32.36 54.52 -19.94
N PHE D 141 31.98 55.02 -21.10
CA PHE D 141 32.88 55.79 -21.94
C PHE D 141 32.63 57.29 -21.88
N HIS D 142 31.83 57.75 -20.91
CA HIS D 142 31.65 59.19 -20.69
C HIS D 142 31.73 59.50 -19.21
N LYS D 143 31.45 60.74 -18.83
CA LYS D 143 31.55 61.19 -17.46
C LYS D 143 30.18 61.07 -16.79
N CYS D 144 30.11 60.25 -15.73
CA CYS D 144 28.85 59.98 -15.05
C CYS D 144 29.04 60.26 -13.56
N ASP D 145 28.22 61.15 -13.01
CA ASP D 145 28.29 61.53 -11.61
C ASP D 145 27.28 60.73 -10.79
N ASP D 146 27.08 61.13 -9.54
CA ASP D 146 26.20 60.38 -8.64
C ASP D 146 24.76 60.35 -9.14
N ASP D 147 24.27 61.48 -9.67
CA ASP D 147 22.90 61.52 -10.15
C ASP D 147 22.70 60.58 -11.33
N CYS D 148 23.69 60.51 -12.23
CA CYS D 148 23.59 59.61 -13.37
C CYS D 148 23.55 58.15 -12.91
N MET D 149 24.37 57.79 -11.92
CA MET D 149 24.34 56.44 -11.38
C MET D 149 23.00 56.14 -10.73
N ALA D 150 22.46 57.09 -9.97
CA ALA D 150 21.15 56.90 -9.35
C ALA D 150 20.07 56.70 -10.40
N SER D 151 20.15 57.45 -11.50
CA SER D 151 19.22 57.26 -12.61
C SER D 151 19.38 55.87 -13.21
N ILE D 152 20.63 55.41 -13.37
CA ILE D 152 20.84 54.06 -13.90
C ILE D 152 20.19 53.02 -13.01
N ARG D 153 20.24 53.24 -11.69
CA ARG D 153 19.70 52.25 -10.75
C ARG D 153 18.19 52.07 -10.92
N ASN D 154 17.46 53.17 -11.09
CA ASN D 154 15.99 53.13 -11.05
C ASN D 154 15.38 53.48 -12.41
N ASN D 155 16.03 53.09 -13.50
CA ASN D 155 15.56 53.38 -14.86
C ASN D 155 15.46 54.88 -15.09
N THR D 156 14.75 55.27 -16.16
CA THR D 156 14.70 56.67 -16.60
C THR D 156 16.10 57.20 -16.88
N TYR D 157 16.87 56.43 -17.65
CA TYR D 157 18.19 56.82 -18.13
C TYR D 157 18.10 57.00 -19.64
N ASP D 158 18.43 58.20 -20.12
CA ASP D 158 18.31 58.54 -21.52
C ASP D 158 19.69 58.46 -22.18
N HIS D 159 19.83 57.56 -23.16
CA HIS D 159 21.11 57.35 -23.81
C HIS D 159 21.39 58.35 -24.91
N SER D 160 20.41 59.12 -25.35
CA SER D 160 20.63 60.07 -26.43
C SER D 160 21.43 61.29 -25.99
N LYS D 161 21.51 61.54 -24.68
CA LYS D 161 22.23 62.72 -24.20
C LYS D 161 23.74 62.57 -24.35
N TYR D 162 24.26 61.36 -24.17
CA TYR D 162 25.71 61.13 -24.16
C TYR D 162 26.20 60.35 -25.36
N ARG D 163 25.38 60.20 -26.40
CA ARG D 163 25.71 59.28 -27.48
C ARG D 163 26.95 59.75 -28.25
N GLU D 164 26.99 61.03 -28.63
CA GLU D 164 28.07 61.51 -29.48
C GLU D 164 29.43 61.46 -28.77
N GLU D 165 29.48 61.88 -27.51
CA GLU D 165 30.75 61.87 -26.78
C GLU D 165 31.23 60.46 -26.55
N ALA D 166 30.33 59.55 -26.17
CA ALA D 166 30.72 58.15 -25.96
C ALA D 166 31.19 57.51 -27.25
N MET D 167 30.50 57.76 -28.36
CA MET D 167 30.91 57.21 -29.64
C MET D 167 32.28 57.74 -30.06
N GLN D 168 32.51 59.04 -29.89
CA GLN D 168 33.79 59.63 -30.26
C GLN D 168 34.91 59.09 -29.38
N ASN D 169 34.65 58.88 -28.09
CA ASN D 169 35.66 58.30 -27.23
C ASN D 169 35.96 56.86 -27.61
N ARG D 170 34.92 56.08 -27.95
CA ARG D 170 35.13 54.66 -28.22
C ARG D 170 35.82 54.44 -29.56
N ILE D 171 35.42 55.18 -30.60
CA ILE D 171 35.91 54.90 -31.94
C ILE D 171 37.41 55.18 -32.03
N GLN D 172 37.85 56.34 -31.56
CA GLN D 172 39.27 56.56 -31.28
C GLN D 172 39.61 56.14 -29.86
N GLY E 1 7.69 32.54 -16.29
CA GLY E 1 8.82 31.72 -16.67
C GLY E 1 10.14 32.25 -16.14
N LEU E 2 11.19 31.45 -16.26
CA LEU E 2 12.51 31.84 -15.78
C LEU E 2 13.44 32.24 -16.92
N PHE E 3 12.90 32.45 -18.13
CA PHE E 3 13.67 33.00 -19.24
C PHE E 3 13.42 34.49 -19.45
N GLY E 4 12.40 35.05 -18.80
CA GLY E 4 12.19 36.49 -18.83
C GLY E 4 11.80 37.07 -20.16
N ALA E 5 10.95 36.38 -20.93
CA ALA E 5 10.44 36.90 -22.18
C ALA E 5 8.94 37.16 -22.12
N ILE E 6 8.14 36.16 -21.77
CA ILE E 6 6.71 36.36 -21.56
C ILE E 6 6.51 36.97 -20.18
N ALA E 7 5.78 38.08 -20.13
CA ALA E 7 5.62 38.88 -18.91
C ALA E 7 6.96 39.40 -18.41
N GLY E 8 7.92 39.55 -19.32
CA GLY E 8 9.22 40.09 -18.99
C GLY E 8 9.44 41.44 -19.65
N PHE E 9 10.28 41.49 -20.67
CA PHE E 9 10.49 42.73 -21.42
C PHE E 9 9.47 42.90 -22.54
N ILE E 10 8.57 41.95 -22.73
CA ILE E 10 7.41 42.11 -23.60
C ILE E 10 6.21 42.39 -22.72
N GLU E 11 5.64 43.59 -22.86
CA GLU E 11 4.68 44.07 -21.88
C GLU E 11 3.39 43.27 -21.87
N ASN E 12 2.84 42.96 -23.04
CA ASN E 12 1.57 42.25 -23.11
C ASN E 12 1.44 41.57 -24.45
N GLY E 13 0.43 40.68 -24.55
CA GLY E 13 0.16 39.97 -25.77
C GLY E 13 -0.83 40.70 -26.67
N TRP E 14 -1.11 40.07 -27.81
CA TRP E 14 -2.01 40.63 -28.82
C TRP E 14 -3.26 39.77 -28.92
N GLU E 15 -4.42 40.42 -28.84
CA GLU E 15 -5.69 39.72 -28.96
C GLU E 15 -6.17 39.61 -30.40
N GLY E 16 -5.49 40.26 -31.34
CA GLY E 16 -5.84 40.18 -32.74
C GLY E 16 -5.19 39.05 -33.50
N LEU E 17 -4.28 38.31 -32.86
CA LEU E 17 -3.59 37.19 -33.48
C LEU E 17 -4.45 35.94 -33.30
N ILE E 18 -4.98 35.40 -34.39
CA ILE E 18 -5.94 34.30 -34.34
C ILE E 18 -5.50 33.11 -35.17
N ASP E 19 -4.30 33.11 -35.74
CA ASP E 19 -3.83 32.02 -36.57
C ASP E 19 -2.42 31.61 -36.17
N GLY E 20 -2.15 31.55 -34.88
CA GLY E 20 -0.85 31.13 -34.41
C GLY E 20 -0.63 31.58 -32.97
N TRP E 21 0.50 31.14 -32.42
CA TRP E 21 0.90 31.52 -31.08
C TRP E 21 1.92 32.65 -31.06
N TYR E 22 2.76 32.74 -32.09
CA TYR E 22 3.76 33.80 -32.20
C TYR E 22 3.69 34.39 -33.60
N GLY E 23 4.08 35.66 -33.71
CA GLY E 23 3.98 36.33 -35.00
C GLY E 23 4.78 37.61 -35.03
N PHE E 24 4.81 38.21 -36.21
CA PHE E 24 5.52 39.46 -36.47
C PHE E 24 4.54 40.61 -36.62
N ARG E 25 5.08 41.83 -36.59
CA ARG E 25 4.29 43.03 -36.83
C ARG E 25 5.24 44.12 -37.30
N HIS E 26 5.01 44.65 -38.49
CA HIS E 26 5.96 45.53 -39.14
C HIS E 26 5.29 46.85 -39.52
N GLN E 27 6.10 47.91 -39.57
CA GLN E 27 5.63 49.24 -39.91
C GLN E 27 6.70 49.95 -40.74
N ASN E 28 6.35 50.31 -41.96
CA ASN E 28 7.26 51.06 -42.84
C ASN E 28 6.54 52.24 -43.46
N ALA E 29 7.15 52.86 -44.47
CA ALA E 29 6.57 54.05 -45.08
C ALA E 29 5.19 53.76 -45.68
N GLN E 30 5.00 52.57 -46.25
CA GLN E 30 3.74 52.24 -46.89
C GLN E 30 2.62 52.07 -45.86
N GLY E 31 2.88 51.31 -44.81
CA GLY E 31 1.86 51.07 -43.80
C GLY E 31 2.27 49.98 -42.84
N GLU E 32 1.28 49.45 -42.14
CA GLU E 32 1.48 48.41 -41.15
C GLU E 32 1.12 47.04 -41.73
N GLY E 33 1.65 46.00 -41.10
CA GLY E 33 1.39 44.64 -41.54
C GLY E 33 1.60 43.66 -40.42
N THR E 34 0.92 42.51 -40.51
CA THR E 34 0.99 41.47 -39.51
C THR E 34 1.06 40.11 -40.19
N ALA E 35 1.66 39.14 -39.50
CA ALA E 35 1.79 37.78 -39.99
C ALA E 35 1.89 36.84 -38.81
N ALA E 36 2.25 35.59 -39.07
CA ALA E 36 2.36 34.58 -38.02
C ALA E 36 3.49 33.61 -38.36
N ASP E 37 3.99 32.94 -37.33
CA ASP E 37 5.08 31.98 -37.47
C ASP E 37 4.56 30.56 -37.30
N TYR E 38 5.29 29.60 -37.85
CA TYR E 38 4.83 28.23 -37.96
C TYR E 38 5.62 27.23 -37.11
N LYS E 39 6.95 27.38 -37.03
CA LYS E 39 7.77 26.34 -36.40
C LYS E 39 7.54 26.27 -34.89
N SER E 40 7.58 27.41 -34.21
CA SER E 40 7.45 27.43 -32.77
C SER E 40 6.08 26.93 -32.32
N THR E 41 5.02 27.34 -33.03
CA THR E 41 3.69 26.85 -32.73
C THR E 41 3.62 25.34 -32.85
N GLN E 42 4.24 24.79 -33.91
CA GLN E 42 4.24 23.35 -34.10
C GLN E 42 4.97 22.64 -32.97
N SER E 43 6.11 23.19 -32.54
CA SER E 43 6.86 22.56 -31.45
C SER E 43 6.05 22.53 -30.16
N ALA E 44 5.44 23.67 -29.82
CA ALA E 44 4.65 23.72 -28.59
C ALA E 44 3.46 22.77 -28.65
N ILE E 45 2.76 22.75 -29.78
CA ILE E 45 1.59 21.87 -29.91
C ILE E 45 2.02 20.42 -29.84
N ASP E 46 3.15 20.07 -30.45
CA ASP E 46 3.63 18.70 -30.39
C ASP E 46 3.94 18.28 -28.95
N CYS E 47 4.58 19.16 -28.18
CA CYS E 47 4.85 18.82 -26.78
C CYS E 47 3.56 18.63 -25.99
N ILE E 48 2.57 19.51 -26.22
CA ILE E 48 1.31 19.39 -25.49
C ILE E 48 0.61 18.08 -25.81
N THR E 49 0.56 17.73 -27.11
CA THR E 49 -0.10 16.49 -27.51
C THR E 49 0.64 15.28 -26.97
N GLY E 50 1.97 15.33 -26.92
CA GLY E 50 2.72 14.24 -26.34
C GLY E 50 2.37 14.02 -24.88
N LYS E 51 2.30 15.11 -24.11
CA LYS E 51 1.91 15.00 -22.71
C LYS E 51 0.51 14.42 -22.57
N LEU E 52 -0.44 14.91 -23.39
CA LEU E 52 -1.81 14.42 -23.30
C LEU E 52 -1.89 12.93 -23.63
N ASN E 53 -1.18 12.49 -24.66
CA ASN E 53 -1.20 11.07 -25.01
C ASN E 53 -0.57 10.23 -23.90
N ARG E 54 0.51 10.73 -23.29
CA ARG E 54 1.15 9.99 -22.20
C ARG E 54 0.24 9.86 -20.99
N LEU E 55 -0.57 10.88 -20.70
CA LEU E 55 -1.33 10.88 -19.44
C LEU E 55 -2.66 10.14 -19.54
N ILE E 56 -3.44 10.39 -20.58
CA ILE E 56 -4.85 9.96 -20.62
C ILE E 56 -4.89 8.48 -21.02
N GLU E 57 -5.01 7.61 -20.02
CA GLU E 57 -5.26 6.18 -20.21
C GLU E 57 -5.53 5.56 -18.85
N LYS E 58 -6.31 4.48 -18.84
CA LYS E 58 -6.67 3.78 -17.61
C LYS E 58 -6.02 2.40 -17.57
N THR E 59 -6.19 1.71 -16.45
CA THR E 59 -5.47 0.48 -16.17
C THR E 59 -6.08 -0.71 -16.92
N ASN E 60 -5.51 -1.88 -16.68
CA ASN E 60 -5.90 -3.11 -17.36
C ASN E 60 -6.13 -4.22 -16.32
N GLN E 61 -5.93 -3.94 -15.05
CA GLN E 61 -6.03 -4.93 -13.99
C GLN E 61 -7.44 -4.96 -13.42
N GLN E 62 -7.92 -6.17 -13.12
CA GLN E 62 -9.29 -6.40 -12.69
C GLN E 62 -9.33 -6.71 -11.19
N PHE E 63 -10.31 -6.12 -10.50
CA PHE E 63 -10.49 -6.34 -9.07
C PHE E 63 -11.92 -6.83 -8.82
N GLU E 64 -12.09 -7.54 -7.70
CA GLU E 64 -13.38 -8.14 -7.36
C GLU E 64 -13.76 -7.75 -5.93
N LEU E 65 -14.88 -8.28 -5.47
CA LEU E 65 -15.40 -7.97 -4.15
C LEU E 65 -14.75 -8.85 -3.09
N ILE E 66 -14.59 -8.27 -1.89
CA ILE E 66 -14.08 -9.01 -0.74
C ILE E 66 -14.96 -8.86 0.49
N ASP E 67 -16.04 -8.08 0.42
CA ASP E 67 -16.95 -7.93 1.54
C ASP E 67 -18.38 -7.81 1.00
N ASN E 68 -19.33 -7.69 1.91
CA ASN E 68 -20.75 -7.67 1.58
C ASN E 68 -21.40 -6.44 2.19
N GLU E 69 -22.37 -5.88 1.48
CA GLU E 69 -23.08 -4.70 1.95
C GLU E 69 -24.55 -4.98 2.29
N PHE E 70 -25.00 -6.22 2.13
CA PHE E 70 -26.34 -6.62 2.57
C PHE E 70 -26.31 -7.28 3.94
N THR E 71 -25.42 -8.24 4.14
CA THR E 71 -25.18 -8.84 5.45
C THR E 71 -23.71 -8.66 5.80
N GLU E 72 -23.46 -8.14 6.99
CA GLU E 72 -22.10 -7.79 7.38
C GLU E 72 -21.26 -9.05 7.62
N VAL E 73 -19.95 -8.84 7.78
CA VAL E 73 -19.01 -9.92 8.01
C VAL E 73 -18.46 -9.81 9.42
N GLU E 74 -17.59 -10.74 9.81
CA GLU E 74 -17.00 -10.71 11.14
C GLU E 74 -16.19 -9.43 11.34
N LYS E 75 -16.24 -8.89 12.56
CA LYS E 75 -15.68 -7.57 12.82
C LYS E 75 -14.16 -7.55 12.67
N GLN E 76 -13.49 -8.58 13.18
CA GLN E 76 -12.02 -8.54 13.24
C GLN E 76 -11.38 -8.53 11.86
N ILE E 77 -12.05 -9.04 10.84
CA ILE E 77 -11.50 -8.99 9.50
C ILE E 77 -11.97 -7.74 8.73
N GLY E 78 -13.19 -7.28 9.00
CA GLY E 78 -13.66 -6.05 8.39
C GLY E 78 -12.83 -4.85 8.82
N ASN E 79 -12.40 -4.83 10.08
CA ASN E 79 -11.55 -3.74 10.54
C ASN E 79 -10.23 -3.71 9.76
N VAL E 80 -9.62 -4.87 9.53
CA VAL E 80 -8.38 -4.94 8.78
C VAL E 80 -8.59 -4.47 7.34
N ILE E 81 -9.69 -4.90 6.73
CA ILE E 81 -9.96 -4.51 5.34
C ILE E 81 -10.13 -3.00 5.24
N ASN E 82 -10.90 -2.41 6.16
CA ASN E 82 -11.11 -0.96 6.15
C ASN E 82 -9.80 -0.22 6.36
N TRP E 83 -8.96 -0.71 7.28
CA TRP E 83 -7.67 -0.07 7.54
C TRP E 83 -6.79 -0.08 6.29
N THR E 84 -6.73 -1.22 5.60
CA THR E 84 -5.91 -1.29 4.40
C THR E 84 -6.41 -0.36 3.30
N ARG E 85 -7.72 -0.32 3.09
CA ARG E 85 -8.27 0.53 2.04
C ARG E 85 -7.98 2.01 2.34
N ASP E 86 -8.18 2.42 3.60
CA ASP E 86 -7.88 3.80 3.97
C ASP E 86 -6.40 4.12 3.82
N SER E 87 -5.53 3.15 4.08
CA SER E 87 -4.11 3.38 3.89
C SER E 87 -3.77 3.61 2.42
N ILE E 88 -4.39 2.85 1.51
CA ILE E 88 -4.07 2.99 0.08
C ILE E 88 -4.58 4.31 -0.47
N THR E 89 -5.76 4.75 -0.01
CA THR E 89 -6.38 5.96 -0.56
C THR E 89 -5.47 7.17 -0.40
N GLU E 90 -4.74 7.27 0.70
CA GLU E 90 -3.88 8.43 0.93
C GLU E 90 -2.76 8.51 -0.09
N VAL E 91 -2.10 7.39 -0.37
CA VAL E 91 -1.04 7.38 -1.38
C VAL E 91 -1.59 7.80 -2.72
N TRP E 92 -2.74 7.24 -3.10
CA TRP E 92 -3.27 7.59 -4.41
C TRP E 92 -3.76 9.03 -4.48
N SER E 93 -4.12 9.63 -3.33
CA SER E 93 -4.48 11.05 -3.33
C SER E 93 -3.26 11.95 -3.40
N TYR E 94 -2.14 11.53 -2.82
CA TYR E 94 -0.92 12.33 -2.82
C TYR E 94 -0.26 12.37 -4.21
N ASN E 95 -0.26 11.23 -4.91
CA ASN E 95 0.46 11.14 -6.17
C ASN E 95 -0.07 12.13 -7.20
N ALA E 96 -1.40 12.20 -7.35
CA ALA E 96 -1.99 13.08 -8.36
C ALA E 96 -1.70 14.53 -8.08
N GLU E 97 -1.80 14.94 -6.81
CA GLU E 97 -1.52 16.32 -6.45
C GLU E 97 -0.09 16.69 -6.78
N LEU E 98 0.84 15.76 -6.61
CA LEU E 98 2.23 16.06 -7.01
C LEU E 98 2.34 16.19 -8.54
N LEU E 99 1.78 15.23 -9.27
CA LEU E 99 2.01 15.15 -10.71
C LEU E 99 1.44 16.36 -11.45
N VAL E 100 0.22 16.78 -11.08
CA VAL E 100 -0.41 17.87 -11.81
C VAL E 100 0.40 19.16 -11.68
N ALA E 101 0.86 19.47 -10.46
CA ALA E 101 1.68 20.65 -10.25
C ALA E 101 2.98 20.58 -11.02
N MET E 102 3.60 19.39 -11.05
CA MET E 102 4.82 19.21 -11.84
C MET E 102 4.61 19.61 -13.30
N GLU E 103 3.59 19.03 -13.94
CA GLU E 103 3.38 19.31 -15.36
C GLU E 103 3.03 20.77 -15.60
N ASN E 104 2.20 21.35 -14.72
CA ASN E 104 1.84 22.75 -14.87
C ASN E 104 3.07 23.64 -14.78
N GLN E 105 4.01 23.31 -13.90
CA GLN E 105 5.25 24.08 -13.83
C GLN E 105 6.07 23.95 -15.11
N HIS E 106 6.13 22.74 -15.68
CA HIS E 106 6.99 22.53 -16.85
C HIS E 106 6.48 23.28 -18.08
N THR E 107 5.15 23.30 -18.29
CA THR E 107 4.62 23.80 -19.57
C THR E 107 4.95 25.27 -19.80
N ILE E 108 4.79 26.10 -18.78
CA ILE E 108 5.00 27.54 -18.94
C ILE E 108 6.44 27.85 -19.27
N ASP E 109 7.38 27.14 -18.63
CA ASP E 109 8.79 27.33 -18.94
C ASP E 109 9.09 26.93 -20.37
N LEU E 110 8.48 25.84 -20.85
CA LEU E 110 8.67 25.47 -22.25
C LEU E 110 8.24 26.59 -23.19
N ALA E 111 7.05 27.16 -22.95
CA ALA E 111 6.55 28.22 -23.82
C ALA E 111 7.46 29.45 -23.79
N ASP E 112 7.93 29.82 -22.59
CA ASP E 112 8.83 30.97 -22.48
C ASP E 112 10.12 30.74 -23.25
N SER E 113 10.68 29.53 -23.15
CA SER E 113 11.91 29.24 -23.88
C SER E 113 11.69 29.34 -25.38
N GLU E 114 10.55 28.85 -25.87
CA GLU E 114 10.28 28.97 -27.30
C GLU E 114 10.24 30.43 -27.75
N MET E 115 9.57 31.29 -26.98
CA MET E 115 9.52 32.70 -27.35
C MET E 115 10.92 33.32 -27.37
N ASP E 116 11.73 32.99 -26.36
CA ASP E 116 13.08 33.54 -26.29
C ASP E 116 13.92 33.10 -27.48
N LYS E 117 13.81 31.84 -27.87
CA LYS E 117 14.57 31.35 -29.02
C LYS E 117 14.15 32.07 -30.30
N LEU E 118 12.84 32.28 -30.48
CA LEU E 118 12.38 32.99 -31.66
C LEU E 118 12.95 34.41 -31.71
N TYR E 119 12.99 35.08 -30.56
CA TYR E 119 13.58 36.43 -30.52
C TYR E 119 15.06 36.39 -30.87
N GLU E 120 15.80 35.45 -30.29
CA GLU E 120 17.25 35.41 -30.48
C GLU E 120 17.63 35.12 -31.92
N ARG E 121 16.88 34.26 -32.60
CA ARG E 121 17.22 33.94 -33.98
C ARG E 121 17.13 35.18 -34.87
N VAL E 122 16.06 35.95 -34.72
CA VAL E 122 15.90 37.18 -35.51
C VAL E 122 16.97 38.18 -35.14
N LYS E 123 17.32 38.27 -33.86
CA LYS E 123 18.40 39.18 -33.47
C LYS E 123 19.71 38.82 -34.14
N ARG E 124 20.03 37.52 -34.21
CA ARG E 124 21.28 37.10 -34.84
C ARG E 124 21.25 37.30 -36.35
N GLN E 125 20.08 37.15 -36.97
CA GLN E 125 20.00 37.29 -38.43
C GLN E 125 20.38 38.70 -38.87
N LEU E 126 19.89 39.71 -38.16
CA LEU E 126 20.20 41.11 -38.45
C LEU E 126 21.44 41.49 -37.66
N ARG E 127 22.58 41.56 -38.31
CA ARG E 127 23.83 41.90 -37.65
C ARG E 127 24.27 43.29 -38.09
N GLU E 128 24.61 44.13 -37.10
CA GLU E 128 25.15 45.48 -37.29
C GLU E 128 24.38 46.31 -38.31
N ASN E 129 23.11 45.99 -38.53
CA ASN E 129 22.24 46.79 -39.37
C ASN E 129 21.03 47.33 -38.64
N ALA E 130 20.70 46.78 -37.47
CA ALA E 130 19.56 47.22 -36.67
C ALA E 130 20.00 47.33 -35.22
N GLU E 131 19.24 48.11 -34.47
CA GLU E 131 19.53 48.35 -33.06
C GLU E 131 18.34 47.94 -32.19
N GLU E 132 18.65 47.35 -31.04
CA GLU E 132 17.63 46.98 -30.08
C GLU E 132 17.10 48.22 -29.36
N ASP E 133 15.88 48.13 -28.85
CA ASP E 133 15.29 49.22 -28.10
C ASP E 133 14.76 48.83 -26.73
N GLY E 134 14.68 47.52 -26.42
CA GLY E 134 14.38 47.08 -25.08
C GLY E 134 12.95 46.63 -24.84
N THR E 135 12.04 46.81 -25.79
CA THR E 135 10.66 46.38 -25.63
C THR E 135 10.27 45.30 -26.64
N GLY E 136 11.24 44.66 -27.27
CA GLY E 136 10.95 43.57 -28.19
C GLY E 136 10.93 43.93 -29.65
N CYS E 137 11.37 45.12 -30.03
CA CYS E 137 11.46 45.52 -31.42
C CYS E 137 12.86 45.96 -31.80
N PHE E 138 13.13 45.95 -33.10
CA PHE E 138 14.39 46.37 -33.66
C PHE E 138 14.15 47.59 -34.54
N GLU E 139 15.14 48.49 -34.58
CA GLU E 139 15.08 49.67 -35.44
C GLU E 139 16.10 49.51 -36.55
N ILE E 140 15.63 49.55 -37.79
CA ILE E 140 16.48 49.38 -38.98
C ILE E 140 17.04 50.73 -39.37
N PHE E 141 18.29 50.73 -39.84
CA PHE E 141 18.99 51.96 -40.20
C PHE E 141 19.07 52.18 -41.71
N HIS E 142 18.31 51.43 -42.49
CA HIS E 142 18.24 51.68 -43.93
C HIS E 142 16.78 51.62 -44.39
N LYS E 143 16.56 51.70 -45.70
CA LYS E 143 15.22 51.70 -46.27
C LYS E 143 14.84 50.27 -46.63
N CYS E 144 13.77 49.78 -46.00
CA CYS E 144 13.31 48.41 -46.20
C CYS E 144 11.83 48.43 -46.57
N ASP E 145 11.51 47.86 -47.73
CA ASP E 145 10.14 47.81 -48.22
C ASP E 145 9.50 46.47 -47.87
N ASP E 146 8.33 46.20 -48.45
CA ASP E 146 7.58 44.99 -48.12
C ASP E 146 8.35 43.73 -48.46
N ASP E 147 9.02 43.72 -49.63
CA ASP E 147 9.77 42.54 -50.03
C ASP E 147 10.91 42.25 -49.05
N CYS E 148 11.57 43.29 -48.54
CA CYS E 148 12.64 43.08 -47.58
C CYS E 148 12.11 42.49 -46.27
N MET E 149 10.95 42.96 -45.80
CA MET E 149 10.34 42.36 -44.62
C MET E 149 9.96 40.91 -44.87
N ALA E 150 9.42 40.62 -46.05
CA ALA E 150 9.08 39.23 -46.37
C ALA E 150 10.32 38.35 -46.38
N SER E 151 11.42 38.87 -46.92
CA SER E 151 12.68 38.11 -46.92
C SER E 151 13.18 37.89 -45.51
N ILE E 152 13.05 38.90 -44.65
CA ILE E 152 13.42 38.72 -43.24
C ILE E 152 12.60 37.62 -42.60
N ARG E 153 11.30 37.59 -42.88
CA ARG E 153 10.40 36.64 -42.21
C ARG E 153 10.68 35.18 -42.57
N ASN E 154 11.44 34.90 -43.62
CA ASN E 154 11.67 33.52 -44.03
C ASN E 154 13.14 33.26 -44.34
N ASN E 155 14.04 33.89 -43.58
CA ASN E 155 15.47 33.59 -43.63
C ASN E 155 16.09 33.74 -45.00
N THR E 156 15.82 34.84 -45.69
CA THR E 156 16.48 35.08 -46.98
C THR E 156 16.88 36.55 -47.02
N TYR E 157 17.57 37.00 -45.97
CA TYR E 157 18.04 38.37 -45.85
C TYR E 157 19.55 38.40 -45.96
N ASP E 158 20.07 39.16 -46.92
CA ASP E 158 21.49 39.28 -47.14
C ASP E 158 21.95 40.63 -46.59
N HIS E 159 22.79 40.59 -45.55
CA HIS E 159 23.21 41.82 -44.89
C HIS E 159 24.29 42.57 -45.64
N SER E 160 24.95 41.94 -46.62
CA SER E 160 26.02 42.59 -47.34
C SER E 160 25.52 43.67 -48.30
N LYS E 161 24.24 43.64 -48.66
CA LYS E 161 23.73 44.61 -49.62
C LYS E 161 23.60 46.00 -49.01
N TYR E 162 23.18 46.07 -47.73
CA TYR E 162 22.87 47.33 -47.09
C TYR E 162 23.92 47.75 -46.05
N ARG E 163 25.08 47.09 -46.03
CA ARG E 163 26.02 47.30 -44.93
C ARG E 163 26.55 48.72 -44.90
N GLU E 164 27.00 49.24 -46.06
CA GLU E 164 27.67 50.53 -46.07
C GLU E 164 26.71 51.66 -45.70
N GLU E 165 25.50 51.65 -46.25
CA GLU E 165 24.54 52.71 -45.95
C GLU E 165 24.13 52.68 -44.49
N ALA E 166 23.87 51.49 -43.95
CA ALA E 166 23.48 51.37 -42.55
C ALA E 166 24.61 51.83 -41.64
N MET E 167 25.85 51.43 -41.94
CA MET E 167 26.98 51.85 -41.12
C MET E 167 27.16 53.36 -41.16
N GLN E 168 27.03 53.96 -42.35
CA GLN E 168 27.19 55.41 -42.45
C GLN E 168 26.09 56.12 -41.68
N ASN E 169 24.85 55.61 -41.76
CA ASN E 169 23.75 56.22 -41.02
C ASN E 169 23.95 56.11 -39.53
N ARG E 170 24.44 54.97 -39.05
CA ARG E 170 24.57 54.75 -37.61
C ARG E 170 25.75 55.54 -37.03
N ILE E 171 26.89 55.54 -37.72
CA ILE E 171 28.11 56.11 -37.14
C ILE E 171 27.96 57.62 -36.94
N GLN E 172 27.51 58.32 -37.97
CA GLN E 172 26.98 59.68 -37.81
C GLN E 172 25.49 59.64 -37.48
N GLY F 1 16.62 20.01 -26.73
CA GLY F 1 16.87 20.87 -25.58
C GLY F 1 16.12 22.19 -25.66
N LEU F 2 15.95 22.84 -24.51
CA LEU F 2 15.24 24.11 -24.43
C LEU F 2 16.17 25.31 -24.32
N PHE F 3 17.47 25.12 -24.53
CA PHE F 3 18.42 26.22 -24.66
C PHE F 3 18.77 26.54 -26.10
N GLY F 4 18.40 25.68 -27.05
CA GLY F 4 18.56 25.97 -28.46
C GLY F 4 19.98 26.05 -28.97
N ALA F 5 20.86 25.16 -28.48
CA ALA F 5 22.23 25.08 -28.98
C ALA F 5 22.49 23.75 -29.68
N ILE F 6 22.25 22.63 -29.00
CA ILE F 6 22.34 21.33 -29.64
C ILE F 6 21.07 21.09 -30.46
N ALA F 7 21.23 20.74 -31.73
CA ALA F 7 20.14 20.65 -32.68
C ALA F 7 19.42 21.98 -32.84
N GLY F 8 20.13 23.07 -32.59
CA GLY F 8 19.59 24.41 -32.76
C GLY F 8 20.28 25.15 -33.89
N PHE F 9 21.11 26.12 -33.55
CA PHE F 9 21.89 26.83 -34.56
C PHE F 9 23.19 26.12 -34.90
N ILE F 10 23.49 24.99 -34.25
CA ILE F 10 24.58 24.11 -34.64
C ILE F 10 23.95 22.94 -35.40
N GLU F 11 24.32 22.81 -36.68
CA GLU F 11 23.58 21.92 -37.57
C GLU F 11 23.75 20.45 -37.19
N ASN F 12 24.97 20.02 -36.89
CA ASN F 12 25.21 18.61 -36.59
C ASN F 12 26.51 18.48 -35.81
N GLY F 13 26.75 17.26 -35.31
CA GLY F 13 27.94 16.96 -34.55
C GLY F 13 29.07 16.43 -35.42
N TRP F 14 30.19 16.15 -34.77
CA TRP F 14 31.39 15.67 -35.44
C TRP F 14 31.66 14.24 -34.98
N GLU F 15 31.86 13.34 -35.95
CA GLU F 15 32.19 11.96 -35.63
C GLU F 15 33.68 11.71 -35.49
N GLY F 16 34.52 12.70 -35.81
CA GLY F 16 35.94 12.59 -35.64
C GLY F 16 36.48 12.97 -34.27
N LEU F 17 35.62 13.48 -33.39
CA LEU F 17 36.03 13.85 -32.04
C LEU F 17 35.92 12.63 -31.15
N ILE F 18 37.06 12.13 -30.66
CA ILE F 18 37.13 10.89 -29.92
C ILE F 18 37.75 11.04 -28.55
N ASP F 19 38.11 12.25 -28.14
CA ASP F 19 38.75 12.48 -26.84
C ASP F 19 38.06 13.60 -26.09
N GLY F 20 36.74 13.63 -26.14
CA GLY F 20 35.99 14.63 -25.40
C GLY F 20 34.58 14.74 -25.93
N TRP F 21 33.80 15.59 -25.25
CA TRP F 21 32.43 15.86 -25.65
C TRP F 21 32.28 17.18 -26.40
N TYR F 22 33.14 18.16 -26.12
CA TYR F 22 33.13 19.44 -26.80
C TYR F 22 34.54 19.80 -27.20
N GLY F 23 34.67 20.57 -28.29
CA GLY F 23 35.99 20.92 -28.78
C GLY F 23 35.95 22.08 -29.75
N PHE F 24 37.14 22.48 -30.18
CA PHE F 24 37.34 23.56 -31.12
C PHE F 24 37.75 23.02 -32.49
N ARG F 25 37.72 23.91 -33.47
CA ARG F 25 38.18 23.60 -34.82
C ARG F 25 38.54 24.90 -35.51
N HIS F 26 39.82 25.05 -35.87
CA HIS F 26 40.34 26.32 -36.34
C HIS F 26 40.93 26.18 -37.74
N GLN F 27 40.88 27.28 -38.49
CA GLN F 27 41.40 27.34 -39.84
C GLN F 27 42.07 28.68 -40.05
N ASN F 28 43.32 28.67 -40.52
CA ASN F 28 44.03 29.90 -40.84
C ASN F 28 44.89 29.72 -42.08
N ALA F 29 45.84 30.62 -42.29
CA ALA F 29 46.69 30.55 -43.49
C ALA F 29 47.50 29.27 -43.53
N GLN F 30 48.00 28.82 -42.38
CA GLN F 30 48.84 27.63 -42.35
C GLN F 30 48.05 26.38 -42.66
N GLY F 31 46.89 26.21 -42.02
CA GLY F 31 46.09 25.02 -42.24
C GLY F 31 44.98 24.90 -41.22
N GLU F 32 44.46 23.69 -41.09
CA GLU F 32 43.38 23.39 -40.16
C GLU F 32 43.91 22.69 -38.92
N GLY F 33 43.13 22.77 -37.84
CA GLY F 33 43.50 22.15 -36.58
C GLY F 33 42.29 21.87 -35.74
N THR F 34 42.43 20.89 -34.83
CA THR F 34 41.35 20.46 -33.97
C THR F 34 41.91 20.16 -32.58
N ALA F 35 41.09 20.39 -31.55
CA ALA F 35 41.46 20.13 -30.17
C ALA F 35 40.21 19.73 -29.40
N ALA F 36 40.31 19.73 -28.07
CA ALA F 36 39.18 19.34 -27.22
C ALA F 36 39.23 20.13 -25.93
N ASP F 37 38.08 20.22 -25.28
CA ASP F 37 37.93 20.94 -24.03
C ASP F 37 37.76 19.95 -22.88
N TYR F 38 38.07 20.43 -21.67
CA TYR F 38 38.16 19.57 -20.49
C TYR F 38 37.13 19.87 -19.42
N LYS F 39 36.81 21.14 -19.17
CA LYS F 39 35.97 21.48 -18.02
C LYS F 39 34.53 21.01 -18.20
N SER F 40 33.94 21.31 -19.37
CA SER F 40 32.54 20.96 -19.59
C SER F 40 32.32 19.45 -19.61
N THR F 41 33.25 18.72 -20.23
CA THR F 41 33.18 17.26 -20.22
C THR F 41 33.21 16.73 -18.79
N GLN F 42 34.09 17.29 -17.95
CA GLN F 42 34.18 16.86 -16.57
C GLN F 42 32.88 17.14 -15.82
N SER F 43 32.27 18.32 -16.04
CA SER F 43 31.03 18.63 -15.37
C SER F 43 29.92 17.65 -15.74
N ALA F 44 29.77 17.39 -17.04
CA ALA F 44 28.73 16.47 -17.48
C ALA F 44 28.96 15.06 -16.93
N ILE F 45 30.20 14.59 -16.99
CA ILE F 45 30.50 13.25 -16.49
C ILE F 45 30.24 13.15 -14.99
N ASP F 46 30.59 14.21 -14.25
CA ASP F 46 30.35 14.21 -12.81
C ASP F 46 28.85 14.13 -12.50
N CYS F 47 28.04 14.89 -13.24
CA CYS F 47 26.59 14.81 -13.01
C CYS F 47 26.06 13.42 -13.31
N ILE F 48 26.51 12.81 -14.41
CA ILE F 48 26.03 11.48 -14.77
C ILE F 48 26.41 10.46 -13.70
N THR F 49 27.66 10.51 -13.22
CA THR F 49 28.09 9.56 -12.20
C THR F 49 27.34 9.78 -10.89
N GLY F 50 27.05 11.04 -10.54
CA GLY F 50 26.25 11.29 -9.35
C GLY F 50 24.87 10.67 -9.44
N LYS F 51 24.21 10.83 -10.60
CA LYS F 51 22.91 10.20 -10.79
C LYS F 51 23.00 8.69 -10.68
N LEU F 52 24.01 8.09 -11.30
CA LEU F 52 24.15 6.64 -11.27
C LEU F 52 24.37 6.13 -9.85
N ASN F 53 25.23 6.81 -9.08
CA ASN F 53 25.47 6.42 -7.70
C ASN F 53 24.21 6.54 -6.87
N ARG F 54 23.43 7.61 -7.10
CA ARG F 54 22.18 7.80 -6.38
C ARG F 54 21.19 6.68 -6.68
N LEU F 55 21.11 6.25 -7.93
CA LEU F 55 20.04 5.33 -8.32
C LEU F 55 20.35 3.87 -8.03
N ILE F 56 21.55 3.40 -8.37
CA ILE F 56 21.84 1.96 -8.35
C ILE F 56 22.17 1.49 -6.93
N GLU F 57 21.15 1.02 -6.22
CA GLU F 57 21.30 0.39 -4.91
C GLU F 57 19.97 -0.24 -4.53
N LYS F 58 20.05 -1.37 -3.83
CA LYS F 58 18.87 -2.12 -3.42
C LYS F 58 18.67 -2.00 -1.91
N THR F 59 17.49 -2.41 -1.46
CA THR F 59 17.09 -2.25 -0.06
C THR F 59 17.74 -3.32 0.82
N ASN F 60 17.53 -3.16 2.13
CA ASN F 60 18.06 -4.09 3.12
C ASN F 60 16.97 -4.62 4.06
N GLN F 61 15.71 -4.47 3.69
CA GLN F 61 14.60 -4.97 4.48
C GLN F 61 14.27 -6.40 4.08
N GLN F 62 13.96 -7.23 5.07
CA GLN F 62 13.76 -8.66 4.88
C GLN F 62 12.28 -9.02 4.96
N PHE F 63 11.83 -9.89 4.06
CA PHE F 63 10.46 -10.35 4.02
C PHE F 63 10.44 -11.87 4.03
N GLU F 64 9.31 -12.44 4.45
CA GLU F 64 9.16 -13.88 4.60
C GLU F 64 7.87 -14.34 3.94
N LEU F 65 7.59 -15.63 4.06
CA LEU F 65 6.42 -16.25 3.45
C LEU F 65 5.20 -16.09 4.33
N ILE F 66 4.03 -15.98 3.70
CA ILE F 66 2.76 -15.88 4.43
C ILE F 66 1.75 -16.87 3.88
N ASP F 67 2.09 -17.55 2.80
CA ASP F 67 1.20 -18.54 2.20
C ASP F 67 2.01 -19.76 1.77
N ASN F 68 1.33 -20.73 1.19
CA ASN F 68 1.92 -22.00 0.80
C ASN F 68 1.53 -22.33 -0.64
N GLU F 69 2.44 -23.01 -1.34
CA GLU F 69 2.21 -23.38 -2.73
C GLU F 69 2.15 -24.89 -2.94
N PHE F 70 2.28 -25.69 -1.88
CA PHE F 70 2.09 -27.13 -1.96
C PHE F 70 0.71 -27.55 -1.50
N THR F 71 0.28 -27.07 -0.33
CA THR F 71 -1.09 -27.23 0.15
C THR F 71 -1.69 -25.86 0.37
N GLU F 72 -2.88 -25.64 -0.19
CA GLU F 72 -3.50 -24.32 -0.16
C GLU F 72 -3.96 -23.96 1.25
N VAL F 73 -4.36 -22.71 1.41
CA VAL F 73 -4.83 -22.19 2.69
C VAL F 73 -6.32 -21.87 2.59
N GLU F 74 -6.91 -21.40 3.68
CA GLU F 74 -8.32 -21.06 3.68
C GLU F 74 -8.60 -19.93 2.69
N LYS F 75 -9.77 -20.00 2.05
CA LYS F 75 -10.06 -19.10 0.92
C LYS F 75 -10.19 -17.65 1.36
N GLN F 76 -10.90 -17.41 2.47
CA GLN F 76 -11.22 -16.04 2.85
C GLN F 76 -9.99 -15.21 3.21
N ILE F 77 -8.90 -15.84 3.62
CA ILE F 77 -7.68 -15.11 3.89
C ILE F 77 -6.77 -15.05 2.67
N GLY F 78 -6.79 -16.08 1.83
CA GLY F 78 -6.01 -16.04 0.59
C GLY F 78 -6.50 -14.95 -0.34
N ASN F 79 -7.81 -14.73 -0.39
CA ASN F 79 -8.34 -13.66 -1.22
C ASN F 79 -7.83 -12.31 -0.76
N VAL F 80 -7.80 -12.07 0.55
CA VAL F 80 -7.30 -10.80 1.08
C VAL F 80 -5.82 -10.63 0.76
N ILE F 81 -5.03 -11.70 0.91
CA ILE F 81 -3.61 -11.61 0.63
C ILE F 81 -3.37 -11.26 -0.84
N ASN F 82 -4.10 -11.94 -1.74
CA ASN F 82 -3.94 -11.68 -3.17
C ASN F 82 -4.34 -10.25 -3.50
N TRP F 83 -5.43 -9.77 -2.90
CA TRP F 83 -5.89 -8.40 -3.14
C TRP F 83 -4.83 -7.38 -2.72
N THR F 84 -4.24 -7.57 -1.54
CA THR F 84 -3.23 -6.63 -1.06
C THR F 84 -1.99 -6.64 -1.97
N ARG F 85 -1.53 -7.82 -2.36
CA ARG F 85 -0.35 -7.89 -3.22
C ARG F 85 -0.59 -7.21 -4.56
N ASP F 86 -1.75 -7.46 -5.17
CA ASP F 86 -2.08 -6.81 -6.43
C ASP F 86 -2.19 -5.29 -6.26
N SER F 87 -2.68 -4.82 -5.11
CA SER F 87 -2.74 -3.39 -4.88
C SER F 87 -1.34 -2.77 -4.83
N ILE F 88 -0.40 -3.44 -4.16
CA ILE F 88 0.94 -2.87 -4.02
C ILE F 88 1.68 -2.84 -5.37
N THR F 89 1.47 -3.87 -6.19
CA THR F 89 2.21 -3.97 -7.45
C THR F 89 1.96 -2.77 -8.35
N GLU F 90 0.73 -2.23 -8.35
CA GLU F 90 0.42 -1.10 -9.22
C GLU F 90 1.22 0.15 -8.84
N VAL F 91 1.30 0.45 -7.54
CA VAL F 91 2.07 1.59 -7.09
C VAL F 91 3.53 1.44 -7.50
N TRP F 92 4.09 0.24 -7.26
CA TRP F 92 5.49 0.08 -7.59
C TRP F 92 5.75 0.08 -9.10
N SER F 93 4.74 -0.25 -9.91
CA SER F 93 4.89 -0.14 -11.36
C SER F 93 4.79 1.30 -11.84
N TYR F 94 3.96 2.12 -11.18
CA TYR F 94 3.79 3.51 -11.61
C TYR F 94 5.01 4.36 -11.27
N ASN F 95 5.62 4.11 -10.11
CA ASN F 95 6.71 4.97 -9.65
C ASN F 95 7.90 4.94 -10.61
N ALA F 96 8.29 3.75 -11.06
CA ALA F 96 9.46 3.63 -11.93
C ALA F 96 9.24 4.32 -13.27
N GLU F 97 8.04 4.15 -13.85
CA GLU F 97 7.73 4.79 -15.11
C GLU F 97 7.80 6.30 -14.99
N LEU F 98 7.37 6.86 -13.86
CA LEU F 98 7.53 8.29 -13.68
C LEU F 98 9.00 8.69 -13.59
N LEU F 99 9.76 8.00 -12.74
CA LEU F 99 11.11 8.43 -12.41
C LEU F 99 12.04 8.39 -13.63
N VAL F 100 11.94 7.33 -14.43
CA VAL F 100 12.87 7.19 -15.56
C VAL F 100 12.68 8.34 -16.54
N ALA F 101 11.44 8.64 -16.88
CA ALA F 101 11.16 9.75 -17.80
C ALA F 101 11.65 11.07 -17.22
N MET F 102 11.47 11.27 -15.91
CA MET F 102 11.96 12.49 -15.29
C MET F 102 13.46 12.68 -15.51
N GLU F 103 14.25 11.65 -15.18
CA GLU F 103 15.69 11.78 -15.32
C GLU F 103 16.11 11.95 -16.78
N ASN F 104 15.45 11.22 -17.68
CA ASN F 104 15.76 11.36 -19.11
C ASN F 104 15.52 12.78 -19.58
N GLN F 105 14.44 13.41 -19.11
CA GLN F 105 14.19 14.80 -19.48
C GLN F 105 15.26 15.72 -18.94
N HIS F 106 15.73 15.49 -17.71
CA HIS F 106 16.69 16.41 -17.11
C HIS F 106 18.05 16.38 -17.83
N THR F 107 18.51 15.18 -18.20
CA THR F 107 19.90 15.05 -18.67
C THR F 107 20.17 15.88 -19.94
N ILE F 108 19.25 15.83 -20.90
CA ILE F 108 19.47 16.49 -22.18
C ILE F 108 19.55 18.00 -22.00
N ASP F 109 18.68 18.56 -21.14
CA ASP F 109 18.74 19.99 -20.86
C ASP F 109 20.07 20.36 -20.20
N LEU F 110 20.57 19.51 -19.32
CA LEU F 110 21.87 19.78 -18.71
C LEU F 110 22.97 19.88 -19.79
N ALA F 111 22.99 18.91 -20.72
CA ALA F 111 24.01 18.94 -21.76
C ALA F 111 23.90 20.18 -22.65
N ASP F 112 22.67 20.54 -23.02
CA ASP F 112 22.46 21.73 -23.84
C ASP F 112 22.95 22.98 -23.12
N SER F 113 22.67 23.09 -21.83
CA SER F 113 23.13 24.24 -21.06
C SER F 113 24.64 24.33 -21.05
N GLU F 114 25.32 23.18 -20.90
CA GLU F 114 26.79 23.20 -20.93
C GLU F 114 27.32 23.72 -22.26
N MET F 115 26.74 23.26 -23.36
CA MET F 115 27.20 23.74 -24.67
C MET F 115 27.00 25.25 -24.81
N ASP F 116 25.83 25.74 -24.39
CA ASP F 116 25.55 27.17 -24.50
C ASP F 116 26.52 27.99 -23.65
N LYS F 117 26.82 27.52 -22.44
CA LYS F 117 27.76 28.23 -21.58
C LYS F 117 29.14 28.32 -22.21
N LEU F 118 29.61 27.22 -22.80
CA LEU F 118 30.92 27.27 -23.46
C LEU F 118 30.91 28.29 -24.60
N TYR F 119 29.84 28.28 -25.41
CA TYR F 119 29.76 29.23 -26.53
C TYR F 119 29.83 30.67 -26.03
N GLU F 120 29.05 30.99 -24.99
CA GLU F 120 29.03 32.35 -24.48
C GLU F 120 30.38 32.76 -23.90
N ARG F 121 31.03 31.85 -23.17
CA ARG F 121 32.34 32.18 -22.60
C ARG F 121 33.35 32.49 -23.69
N VAL F 122 33.35 31.69 -24.76
CA VAL F 122 34.28 31.97 -25.86
C VAL F 122 33.94 33.31 -26.50
N LYS F 123 32.64 33.61 -26.66
CA LYS F 123 32.24 34.84 -27.30
C LYS F 123 32.65 36.08 -26.50
N ARG F 124 32.63 36.01 -25.17
CA ARG F 124 32.80 37.21 -24.35
C ARG F 124 34.23 37.71 -24.25
N GLN F 125 35.22 36.99 -24.79
CA GLN F 125 36.60 37.44 -24.71
C GLN F 125 37.15 38.00 -26.01
N LEU F 126 36.39 37.96 -27.11
CA LEU F 126 36.82 38.52 -28.38
C LEU F 126 36.13 39.85 -28.68
N ARG F 127 35.91 40.68 -27.67
CA ARG F 127 35.10 41.89 -27.82
C ARG F 127 35.67 42.82 -28.89
N GLU F 128 34.79 43.30 -29.76
CA GLU F 128 35.09 44.30 -30.78
C GLU F 128 36.20 43.87 -31.73
N ASN F 129 36.54 42.58 -31.76
CA ASN F 129 37.56 42.07 -32.66
C ASN F 129 37.07 40.99 -33.60
N ALA F 130 35.94 40.36 -33.30
CA ALA F 130 35.41 39.27 -34.13
C ALA F 130 33.91 39.46 -34.30
N GLU F 131 33.39 38.86 -35.36
CA GLU F 131 31.97 38.99 -35.71
C GLU F 131 31.32 37.61 -35.80
N GLU F 132 30.10 37.52 -35.29
CA GLU F 132 29.32 36.29 -35.36
C GLU F 132 28.80 36.07 -36.77
N ASP F 133 28.49 34.81 -37.09
CA ASP F 133 27.93 34.47 -38.39
C ASP F 133 26.63 33.67 -38.33
N GLY F 134 26.26 33.13 -37.17
CA GLY F 134 24.98 32.47 -37.02
C GLY F 134 24.97 30.97 -37.14
N THR F 135 26.10 30.35 -37.49
CA THR F 135 26.19 28.90 -37.57
C THR F 135 27.10 28.34 -36.49
N GLY F 136 27.40 29.14 -35.47
CA GLY F 136 28.19 28.67 -34.35
C GLY F 136 29.64 29.06 -34.35
N CYS F 137 30.10 29.90 -35.28
CA CYS F 137 31.47 30.36 -35.22
C CYS F 137 31.68 31.77 -35.72
N PHE F 138 32.90 32.26 -35.44
CA PHE F 138 33.27 33.66 -35.44
C PHE F 138 34.27 33.93 -36.57
N GLU F 139 34.27 35.17 -37.06
CA GLU F 139 35.26 35.63 -38.03
C GLU F 139 36.13 36.70 -37.39
N ILE F 140 37.45 36.50 -37.44
CA ILE F 140 38.43 37.42 -36.87
C ILE F 140 38.85 38.42 -37.93
N PHE F 141 39.04 39.67 -37.52
CA PHE F 141 39.35 40.76 -38.43
C PHE F 141 40.82 41.15 -38.42
N HIS F 142 41.69 40.32 -37.83
CA HIS F 142 43.12 40.56 -37.89
C HIS F 142 43.85 39.26 -38.22
N LYS F 143 45.17 39.29 -38.19
CA LYS F 143 45.98 38.13 -38.53
C LYS F 143 46.31 37.36 -37.25
N CYS F 144 45.87 36.10 -37.18
CA CYS F 144 46.05 35.27 -35.99
C CYS F 144 46.70 33.96 -36.39
N ASP F 145 47.85 33.65 -35.79
CA ASP F 145 48.59 32.44 -36.09
C ASP F 145 48.27 31.37 -35.06
N ASP F 146 49.05 30.29 -35.05
CA ASP F 146 48.77 29.15 -34.18
C ASP F 146 48.86 29.53 -32.71
N ASP F 147 49.84 30.34 -32.34
CA ASP F 147 49.99 30.74 -30.95
C ASP F 147 48.80 31.56 -30.47
N CYS F 148 48.25 32.41 -31.34
CA CYS F 148 47.09 33.20 -30.96
C CYS F 148 45.87 32.31 -30.74
N MET F 149 45.67 31.31 -31.61
CA MET F 149 44.62 30.32 -31.38
C MET F 149 44.83 29.59 -30.06
N ALA F 150 46.06 29.19 -29.76
CA ALA F 150 46.34 28.50 -28.52
C ALA F 150 46.02 29.36 -27.31
N SER F 151 46.36 30.65 -27.37
CA SER F 151 46.03 31.56 -26.28
C SER F 151 44.51 31.74 -26.15
N ILE F 152 43.80 31.75 -27.28
CA ILE F 152 42.34 31.80 -27.21
C ILE F 152 41.79 30.55 -26.50
N ARG F 153 42.35 29.38 -26.79
CA ARG F 153 41.84 28.14 -26.21
C ARG F 153 42.02 28.08 -24.70
N ASN F 154 43.15 28.58 -24.17
CA ASN F 154 43.44 28.46 -22.74
C ASN F 154 43.32 29.79 -22.01
N ASN F 155 42.48 30.70 -22.50
CA ASN F 155 42.07 31.90 -21.77
C ASN F 155 43.27 32.81 -21.45
N THR F 156 44.06 33.10 -22.49
CA THR F 156 45.17 34.04 -22.33
C THR F 156 45.24 34.92 -23.58
N TYR F 157 44.12 35.54 -23.94
CA TYR F 157 44.03 36.40 -25.12
C TYR F 157 43.85 37.85 -24.69
N ASP F 158 44.75 38.71 -25.14
CA ASP F 158 44.70 40.13 -24.82
C ASP F 158 44.11 40.88 -26.00
N HIS F 159 42.97 41.54 -25.79
CA HIS F 159 42.28 42.22 -26.88
C HIS F 159 42.85 43.59 -27.19
N SER F 160 43.70 44.14 -26.31
CA SER F 160 44.24 45.47 -26.54
C SER F 160 45.35 45.49 -27.58
N LYS F 161 45.97 44.35 -27.87
CA LYS F 161 47.09 44.33 -28.81
C LYS F 161 46.62 44.54 -30.24
N TYR F 162 45.49 43.94 -30.62
CA TYR F 162 45.02 43.95 -32.00
C TYR F 162 43.84 44.89 -32.22
N ARG F 163 43.52 45.75 -31.25
CA ARG F 163 42.26 46.50 -31.31
C ARG F 163 42.24 47.48 -32.48
N GLU F 164 43.33 48.24 -32.66
CA GLU F 164 43.31 49.29 -33.68
C GLU F 164 43.19 48.72 -35.09
N GLU F 165 43.95 47.67 -35.40
CA GLU F 165 43.91 47.07 -36.73
C GLU F 165 42.55 46.45 -37.01
N ALA F 166 41.99 45.72 -36.02
CA ALA F 166 40.68 45.11 -36.20
C ALA F 166 39.61 46.17 -36.39
N MET F 167 39.65 47.24 -35.60
CA MET F 167 38.67 48.30 -35.73
C MET F 167 38.77 48.98 -37.09
N GLN F 168 39.99 49.23 -37.56
CA GLN F 168 40.16 49.86 -38.87
C GLN F 168 39.65 48.95 -39.98
N ASN F 169 39.90 47.65 -39.86
CA ASN F 169 39.39 46.71 -40.86
C ASN F 169 37.87 46.65 -40.84
N ARG F 170 37.26 46.67 -39.65
CA ARG F 170 35.82 46.51 -39.54
C ARG F 170 35.07 47.76 -39.99
N ILE F 171 35.56 48.94 -39.62
CA ILE F 171 34.83 50.17 -39.91
C ILE F 171 34.77 50.41 -41.42
N GLN F 172 35.91 50.31 -42.10
CA GLN F 172 35.94 50.30 -43.56
C GLN F 172 35.91 48.87 -44.09
C1 NAG G . 4.83 -7.98 14.75
C2 NAG G . 5.14 -9.26 15.53
C3 NAG G . 5.21 -8.95 17.03
C4 NAG G . 6.15 -7.79 17.32
C5 NAG G . 5.79 -6.60 16.43
C6 NAG G . 6.77 -5.45 16.55
C7 NAG G . 4.43 -11.59 15.36
C8 NAG G . 3.28 -12.52 15.06
N2 NAG G . 4.16 -10.30 15.27
O3 NAG G . 5.65 -10.11 17.73
O4 NAG G . 6.02 -7.42 18.68
O5 NAG G . 5.79 -6.98 15.06
O6 NAG G . 6.21 -4.24 16.10
O7 NAG G . 5.54 -12.01 15.66
C1 NAG G . 7.29 -7.40 19.38
C2 NAG G . 7.11 -6.59 20.65
C3 NAG G . 8.42 -6.56 21.45
C4 NAG G . 8.93 -7.97 21.69
C5 NAG G . 9.02 -8.73 20.36
C6 NAG G . 9.39 -10.19 20.55
C7 NAG G . 5.45 -4.78 20.72
C8 NAG G . 4.56 -5.75 21.44
N2 NAG G . 6.65 -5.25 20.37
O3 NAG G . 8.20 -5.90 22.69
O4 NAG G . 10.23 -7.90 22.27
O5 NAG G . 7.75 -8.72 19.70
O6 NAG G . 8.71 -10.76 21.66
O7 NAG G . 5.09 -3.64 20.47
C1 BMA G . 10.22 -8.45 23.61
C2 BMA G . 11.45 -7.89 24.36
C3 BMA G . 11.43 -8.33 25.82
C4 BMA G . 10.06 -8.07 26.47
C5 BMA G . 8.95 -8.70 25.62
C6 BMA G . 7.56 -8.45 26.18
O2 BMA G . 11.43 -6.47 24.38
O3 BMA G . 12.45 -7.71 26.57
O4 BMA G . 10.04 -8.62 27.77
O5 BMA G . 9.01 -8.14 24.30
O6 BMA G . 7.46 -7.07 26.49
C1 NAG H . -15.90 -0.40 7.16
C2 NAG H . -16.83 -0.61 8.36
C3 NAG H . -18.28 -0.72 7.91
C4 NAG H . -18.66 0.46 7.02
C5 NAG H . -17.65 0.64 5.90
C6 NAG H . -17.88 1.89 5.07
C7 NAG H . -16.71 -1.97 10.40
C8 NAG H . -16.24 -3.27 11.00
N2 NAG H . -16.44 -1.81 9.10
O3 NAG H . -19.13 -0.77 9.04
O4 NAG H . -19.95 0.23 6.47
O5 NAG H . -16.32 0.75 6.44
O6 NAG H . -17.21 1.81 3.82
O7 NAG H . -17.29 -1.13 11.05
C1 NAG H . -20.87 1.31 6.73
C2 NAG H . -22.03 1.19 5.75
C3 NAG H . -23.04 2.30 6.01
C4 NAG H . -23.49 2.30 7.45
C5 NAG H . -22.28 2.34 8.38
C6 NAG H . -22.63 2.20 9.85
C7 NAG H . -21.70 0.24 3.51
C8 NAG H . -22.40 -0.99 4.04
N2 NAG H . -21.56 1.25 4.37
O3 NAG H . -24.18 2.11 5.15
O4 NAG H . -24.30 3.44 7.71
O5 NAG H . -21.38 1.27 8.07
O6 NAG H . -23.64 1.21 10.04
O7 NAG H . -21.29 0.30 2.36
C1 BMA H . -25.64 3.04 8.07
C2 BMA H . -26.58 4.26 7.82
C3 BMA H . -28.03 3.86 8.07
C4 BMA H . -28.40 2.58 7.32
C5 BMA H . -27.40 1.46 7.67
C6 BMA H . -27.68 0.17 6.93
O2 BMA H . -26.50 4.70 6.48
O3 BMA H . -28.93 4.91 7.70
O4 BMA H . -29.71 2.16 7.69
O5 BMA H . -26.09 1.91 7.31
O6 BMA H . -27.87 0.48 5.56
C1 NAG I . -3.96 -16.13 -5.29
C2 NAG I . -4.97 -17.25 -5.50
C3 NAG I . -4.24 -18.57 -5.79
C4 NAG I . -3.25 -18.41 -6.92
C5 NAG I . -2.33 -17.22 -6.66
C6 NAG I . -1.41 -16.91 -7.81
C7 NAG I . -7.07 -17.89 -4.40
C8 NAG I . -7.82 -17.96 -3.10
N2 NAG I . -5.83 -17.40 -4.34
O3 NAG I . -5.20 -19.58 -6.12
O4 NAG I . -2.46 -19.60 -7.02
O5 NAG I . -3.10 -16.04 -6.42
O6 NAG I . -0.28 -16.15 -7.38
O7 NAG I . -7.57 -18.26 -5.46
C1 NAG I . -2.46 -20.15 -8.35
C2 NAG I . -1.28 -21.11 -8.45
C3 NAG I . -1.23 -21.75 -9.84
C4 NAG I . -2.57 -22.39 -10.19
C5 NAG I . -3.70 -21.40 -9.99
C6 NAG I . -5.07 -22.01 -10.17
C7 NAG I . 0.75 -20.75 -7.10
C8 NAG I . 0.23 -21.84 -6.21
N2 NAG I . -0.02 -20.45 -8.16
O3 NAG I . -0.20 -22.73 -9.87
O4 NAG I . -2.55 -22.81 -11.54
O5 NAG I . -3.67 -20.85 -8.66
O6 NAG I . -5.15 -23.28 -9.54
O7 NAG I . 1.79 -20.16 -6.87
C1 BMA I . -2.69 -24.25 -11.65
C2 BMA I . -2.53 -24.63 -13.14
C3 BMA I . -2.56 -26.15 -13.30
C4 BMA I . -1.58 -26.82 -12.33
C5 BMA I . -1.87 -26.37 -10.89
C6 BMA I . -0.92 -26.97 -9.88
O2 BMA I . -1.28 -24.19 -13.64
O3 BMA I . -2.26 -26.53 -14.63
O4 BMA I . -1.73 -28.24 -12.40
O5 BMA I . -1.73 -24.93 -10.84
O6 BMA I . 0.30 -27.27 -10.53
C1 NAG J . 17.48 31.34 7.99
C2 NAG J . 17.84 32.78 8.35
C3 NAG J . 17.43 33.09 9.79
C4 NAG J . 15.97 32.71 10.05
C5 NAG J . 15.71 31.28 9.59
C6 NAG J . 14.25 30.90 9.68
C7 NAG J . 19.86 34.19 8.30
C8 NAG J . 21.34 34.21 8.13
N2 NAG J . 19.27 33.00 8.19
O3 NAG J . 17.60 34.47 10.07
O4 NAG J . 15.68 32.80 11.43
O5 NAG J . 16.09 31.14 8.21
O6 NAG J . 13.44 32.04 9.97
O7 NAG J . 19.22 35.21 8.55
C1 NAG K . -41.27 -4.37 15.57
C2 NAG K . -41.51 -3.28 14.52
C3 NAG K . -42.99 -2.87 14.49
C4 NAG K . -43.89 -4.10 14.34
C5 NAG K . -43.57 -5.12 15.41
C6 NAG K . -44.34 -6.41 15.25
C7 NAG K . -40.70 -1.38 15.88
C8 NAG K . -39.75 -0.22 15.93
N2 NAG K . -40.66 -2.12 14.75
O3 NAG K . -43.20 -1.96 13.42
O4 NAG K . -45.25 -3.71 14.46
O5 NAG K . -42.19 -5.47 15.36
O6 NAG K . -43.84 -7.18 14.16
O7 NAG K . -41.48 -1.62 16.79
C1 NAG L . -9.29 24.56 -25.05
C2 NAG L . -9.55 25.32 -26.34
C3 NAG L . -10.81 24.78 -27.03
C4 NAG L . -10.76 23.27 -27.16
C5 NAG L . -10.39 22.60 -25.84
C6 NAG L . -10.11 21.13 -26.00
C7 NAG L . -9.75 27.66 -27.06
C8 NAG L . -9.90 29.08 -26.62
N2 NAG L . -9.69 26.75 -26.09
O3 NAG L . -10.90 25.36 -28.32
O4 NAG L . -12.03 22.79 -27.58
O5 NAG L . -9.19 23.18 -25.32
O6 NAG L . -9.72 20.84 -27.33
O7 NAG L . -9.67 27.35 -28.25
C1 NAG M . -7.67 -42.91 -9.51
C2 NAG M . -6.66 -42.60 -10.61
C3 NAG M . -6.41 -43.83 -11.48
C4 NAG M . -6.03 -45.01 -10.62
C5 NAG M . -7.06 -45.24 -9.53
C6 NAG M . -6.68 -46.33 -8.57
C7 NAG M . -8.16 -41.41 -12.17
C8 NAG M . -8.39 -40.14 -12.93
N2 NAG M . -7.06 -41.45 -11.42
O3 NAG M . -5.38 -43.54 -12.42
O4 NAG M . -5.94 -46.18 -11.43
O5 NAG M . -7.22 -44.04 -8.75
O6 NAG M . -5.74 -45.88 -7.60
O7 NAG M . -8.95 -42.35 -12.25
C18 A1CC3 N . -3.87 18.19 -0.99
C20 A1CC3 N . -4.92 16.29 -0.25
C17 A1CC3 N . -2.68 17.81 -0.39
C16 A1CC3 N . -2.62 16.62 0.31
C15 A1CC3 N . -1.46 16.18 0.95
C14 A1CC3 N . 1.71 18.99 -1.32
N23 A1CC3 N . -1.40 15.08 1.69
C13 A1CC3 N . 2.25 18.87 -2.73
C12 A1CC3 N . 2.76 17.47 -3.04
C11 A1CC3 N . 1.66 16.44 -2.82
C10 A1CC3 N . 1.08 16.55 -1.40
C01 A1CC3 N . 2.17 12.87 4.25
C02 A1CC3 N . 1.62 13.97 3.36
C03 A1CC3 N . 2.45 15.02 2.95
C04 A1CC3 N . 1.92 16.03 2.15
C05 A1CC3 N . 2.86 17.15 1.72
C07 A1CC3 N . -0.19 16.76 0.99
C09 A1CC3 N . 0.62 17.95 -1.07
C22 A1CC3 N . -3.76 15.84 0.38
C24 A1CC3 N . -0.13 14.94 2.18
N06 A1CC3 N . 0.61 15.95 1.78
N08 A1CC3 N . 0.22 17.99 0.33
N19 A1CC3 N . -4.94 17.42 -0.91
N25 A1CC3 N . 0.36 13.95 2.97
CL1 A1CC3 N . -6.39 15.30 -0.18
C1 NAG O . 28.34 3.56 -23.15
C2 NAG O . 29.74 3.72 -23.77
C3 NAG O . 30.55 2.42 -23.58
C4 NAG O . 30.51 1.94 -22.14
C5 NAG O . 29.08 1.89 -21.61
C6 NAG O . 29.01 1.58 -20.14
C7 NAG O . 30.70 4.36 -25.94
C8 NAG O . 30.42 4.65 -27.37
N2 NAG O . 29.64 4.05 -25.18
O3 NAG O . 31.90 2.62 -23.98
O4 NAG O . 31.08 0.65 -22.04
O5 NAG O . 28.47 3.17 -21.79
O6 NAG O . 30.29 1.69 -19.54
O7 NAG O . 31.84 4.40 -25.48
C1 NAG P . 9.25 -19.68 42.28
C2 NAG P . 8.98 -18.87 41.01
C3 NAG P . 7.66 -18.13 41.12
C4 NAG P . 6.53 -19.10 41.49
C5 NAG P . 6.91 -19.89 42.74
C6 NAG P . 5.89 -20.97 43.07
C7 NAG P . 11.19 -18.31 40.10
C8 NAG P . 12.20 -17.22 39.90
N2 NAG P . 10.06 -17.94 40.73
O3 NAG P . 7.36 -17.49 39.90
O4 NAG P . 5.33 -18.37 41.74
O5 NAG P . 8.16 -20.56 42.53
O6 NAG P . 5.01 -21.21 41.99
O7 NAG P . 11.37 -19.45 39.71
C18 A1CC3 Q . 3.12 2.42 -18.21
C20 A1CC3 Q . 2.36 0.71 -16.87
C17 A1CC3 Q . 2.28 3.32 -17.59
C16 A1CC3 Q . 1.46 2.89 -16.56
C15 A1CC3 Q . 0.58 3.74 -15.90
C14 A1CC3 Q . 2.21 8.01 -17.43
N23 A1CC3 Q . -0.20 3.35 -14.91
C13 A1CC3 Q . 3.43 8.82 -16.99
C12 A1CC3 Q . 3.55 8.92 -15.48
C11 A1CC3 Q . 3.59 7.53 -14.86
C10 A1CC3 Q . 2.39 6.69 -15.27
C01 A1CC3 Q . -3.54 5.58 -12.06
C02 A1CC3 Q . -2.51 5.55 -13.18
C03 A1CC3 Q . -2.22 6.70 -13.90
C04 A1CC3 Q . -1.27 6.66 -14.92
C05 A1CC3 Q . -0.99 7.95 -15.68
C07 A1CC3 Q . 0.31 5.10 -16.10
C09 A1CC3 Q . 2.21 6.62 -16.79
C22 A1CC3 Q . 1.49 1.55 -16.20
C24 A1CC3 Q . -0.96 4.40 -14.47
N06 A1CC3 Q . -0.65 5.46 -15.17
N08 A1CC3 Q . 0.94 5.98 -17.08
N19 A1CC3 Q . 3.14 1.15 -17.84
N25 A1CC3 Q . -1.88 4.44 -13.48
CL1 A1CC3 Q . 2.43 -1.02 -16.43
C1 NAG R . 14.95 57.79 -9.97
C2 NAG R . 13.63 58.52 -9.73
C3 NAG R . 13.79 60.00 -10.06
C4 NAG R . 14.97 60.60 -9.31
C5 NAG R . 16.23 59.77 -9.56
C6 NAG R . 17.41 60.23 -8.74
C7 NAG R . 11.34 57.67 -9.99
C8 NAG R . 10.35 57.06 -10.94
N2 NAG R . 12.56 57.94 -10.51
O3 NAG R . 12.59 60.69 -9.72
O4 NAG R . 15.20 61.94 -9.75
O5 NAG R . 15.99 58.40 -9.20
O6 NAG R . 18.08 61.32 -9.35
O7 NAG R . 11.07 57.91 -8.83
C18 A1CC3 S . 18.02 5.73 0.87
C20 A1CC3 S . 16.15 5.10 2.04
C17 A1CC3 S . 17.53 5.17 -0.29
C16 A1CC3 S . 16.29 4.55 -0.28
C15 A1CC3 S . 15.75 3.97 -1.41
C14 A1CC3 S . 17.13 7.36 -4.49
N23 A1CC3 S . 14.87 2.98 -1.41
C13 A1CC3 S . 16.49 8.71 -4.80
C12 A1CC3 S . 14.99 8.59 -5.02
C11 A1CC3 S . 14.32 7.98 -3.79
C10 A1CC3 S . 14.93 6.62 -3.46
C01 A1CC3 S . 12.58 0.44 -4.96
C02 A1CC3 S . 13.54 1.51 -4.45
C03 A1CC3 S . 14.25 2.30 -5.37
C04 A1CC3 S . 15.12 3.27 -4.88
C05 A1CC3 S . 15.88 4.11 -5.90
C07 A1CC3 S . 16.02 4.26 -2.76
C09 A1CC3 S . 16.45 6.67 -3.32
C22 A1CC3 S . 15.58 4.51 0.92
C24 A1CC3 S . 14.57 2.65 -2.70
N06 A1CC3 S . 15.25 3.40 -3.52
N08 A1CC3 S . 16.93 5.28 -3.25
N19 A1CC3 S . 17.33 5.68 1.99
N25 A1CC3 S . 13.71 1.69 -3.16
CL1 A1CC3 S . 15.25 5.07 3.58
C1 NAG T . 11.02 33.95 -48.89
C2 NAG T . 11.00 32.93 -50.02
C3 NAG T . 11.32 33.60 -51.35
C4 NAG T . 10.39 34.79 -51.58
C5 NAG T . 10.43 35.73 -50.38
C6 NAG T . 9.43 36.86 -50.49
C7 NAG T . 11.60 30.55 -49.89
C8 NAG T . 12.69 29.56 -49.58
N2 NAG T . 11.93 31.84 -49.76
O3 NAG T . 11.18 32.66 -52.41
O4 NAG T . 10.79 35.50 -52.75
O5 NAG T . 10.11 35.01 -49.19
O6 NAG T . 9.93 37.91 -51.31
O7 NAG T . 10.48 30.20 -50.25
C1 NAG U . 48.36 29.07 -22.90
C2 NAG U . 49.42 28.90 -21.83
C3 NAG U . 50.67 29.70 -22.19
C4 NAG U . 51.15 29.34 -23.59
C5 NAG U . 50.02 29.49 -24.59
C6 NAG U . 50.39 29.02 -25.98
C7 NAG U . 48.76 28.43 -19.52
C8 NAG U . 48.24 29.01 -18.24
N2 NAG U . 48.92 29.29 -20.53
O3 NAG U . 51.70 29.44 -21.24
O4 NAG U . 52.23 30.19 -23.98
O5 NAG U . 48.89 28.70 -24.19
O6 NAG U . 50.75 30.11 -26.82
O7 NAG U . 49.03 27.24 -19.63
#